data_5S8V
# 
_entry.id   5S8V 
# 
_audit_conform.dict_name       mmcif_pdbx.dic 
_audit_conform.dict_version    5.387 
_audit_conform.dict_location   http://mmcif.pdb.org/dictionaries/ascii/mmcif_pdbx.dic 
# 
loop_
_database_2.database_id 
_database_2.database_code 
_database_2.pdbx_database_accession 
_database_2.pdbx_DOI 
PDB   5S8V         pdb_00005s8v 10.2210/pdb5s8v/pdb 
WWPDB D_1001404204 ?            ?                   
# 
loop_
_pdbx_audit_revision_history.ordinal 
_pdbx_audit_revision_history.data_content_type 
_pdbx_audit_revision_history.major_revision 
_pdbx_audit_revision_history.minor_revision 
_pdbx_audit_revision_history.revision_date 
1 'Structure model' 1 0 2021-02-17 
2 'Structure model' 1 1 2024-03-06 
# 
_pdbx_audit_revision_details.ordinal             1 
_pdbx_audit_revision_details.revision_ordinal    1 
_pdbx_audit_revision_details.data_content_type   'Structure model' 
_pdbx_audit_revision_details.provider            repository 
_pdbx_audit_revision_details.type                'Initial release' 
_pdbx_audit_revision_details.description         ? 
_pdbx_audit_revision_details.details             ? 
# 
loop_
_pdbx_audit_revision_group.ordinal 
_pdbx_audit_revision_group.revision_ordinal 
_pdbx_audit_revision_group.data_content_type 
_pdbx_audit_revision_group.group 
1 2 'Structure model' 'Data collection'     
2 2 'Structure model' 'Database references' 
# 
loop_
_pdbx_audit_revision_category.ordinal 
_pdbx_audit_revision_category.revision_ordinal 
_pdbx_audit_revision_category.data_content_type 
_pdbx_audit_revision_category.category 
1 2 'Structure model' chem_comp_atom 
2 2 'Structure model' chem_comp_bond 
3 2 'Structure model' database_2     
# 
loop_
_pdbx_audit_revision_item.ordinal 
_pdbx_audit_revision_item.revision_ordinal 
_pdbx_audit_revision_item.data_content_type 
_pdbx_audit_revision_item.item 
1 2 'Structure model' '_database_2.pdbx_DOI'                
2 2 'Structure model' '_database_2.pdbx_database_accession' 
# 
_pdbx_database_status.entry_id                        5S8V 
_pdbx_database_status.status_code                     REL 
_pdbx_database_status.status_code_sf                  REL 
_pdbx_database_status.status_code_mr                  ? 
_pdbx_database_status.status_code_cs                  ? 
_pdbx_database_status.recvd_initial_deposition_date   2021-01-22 
_pdbx_database_status.status_code_nmr_data            ? 
_pdbx_database_status.deposit_site                    RCSB 
_pdbx_database_status.process_site                    RCSB 
_pdbx_database_status.SG_entry                        ? 
_pdbx_database_status.pdb_format_compatible           Y 
_pdbx_database_status.methods_development_category    ? 
# 
loop_
_audit_author.name 
_audit_author.pdbx_ordinal 
_audit_author.identifier_ORCID 
'Grosjean, H.'     1  ? 
'Aimon, A.'        2  ? 
'Hassel-Hart , S.' 3  ? 
'Krojer, T.'       4  ? 
'Talon, R.'        5  ? 
'Douangamath, A.'  6  ? 
'Koekemoer, L.'    7  ? 
'Biggin, P.C.'     8  ? 
'Spencer, J.'      9  ? 
'von Delft, F.'    10 ? 
# 
_citation.id                        primary 
_citation.title                     
;Crystal Structures of the second bromodomain of Pleckstrin homology domain interacting protein (PHIP) in space group C2 soaked with crude reaction mixtures
;
_citation.journal_abbrev            'To Be Published' 
_citation.journal_volume            ? 
_citation.page_first                ? 
_citation.page_last                 ? 
_citation.year                      ? 
_citation.journal_id_ASTM           ? 
_citation.country                   ? 
_citation.journal_id_ISSN           ? 
_citation.journal_id_CSD            0353 
_citation.book_publisher            ? 
_citation.pdbx_database_id_PubMed   ? 
_citation.pdbx_database_id_DOI      ? 
# 
loop_
_citation_author.citation_id 
_citation_author.name 
_citation_author.identifier_ORCID 
_citation_author.ordinal 
primary 'Grosjean, H.'    ? 1  
primary 'Aimon, A.'       ? 2  
primary 'Hart , S.'       ? 3  
primary 'Krojer, T.'      ? 4  
primary 'Talon, R.'       ? 5  
primary 'Douangamath, A.' ? 6  
primary 'Koekemoer, L.'   ? 7  
primary 'Biggin, P.C.'    ? 8  
primary 'Spencer, J.'     ? 9  
primary 'von Delft, F.'   ? 10 
# 
loop_
_entity.id 
_entity.type 
_entity.src_method 
_entity.pdbx_description 
_entity.formula_weight 
_entity.pdbx_number_of_molecules 
_entity.pdbx_ec 
_entity.pdbx_mutation 
_entity.pdbx_fragment 
_entity.details 
1 polymer     man 'PH-interacting protein'                                       17627.859 1   ? ? ? ? 
2 non-polymer syn '4-(furan-2-carbonyl)-N-(propan-2-yl)piperazine-1-carboxamide' 265.308   1   ? ? ? ? 
3 water       nat water                                                          18.015    193 ? ? ? ? 
# 
_entity_name_com.entity_id   1 
_entity_name_com.name        
'PHIP,DDB1- and CUL4-associated factor 14,IRS-1 PH domain-binding protein,WD repeat-containing protein 11' 
# 
_entity_poly.entity_id                      1 
_entity_poly.type                           'polypeptide(L)' 
_entity_poly.nstd_linkage                   no 
_entity_poly.nstd_monomer                   no 
_entity_poly.pdbx_seq_one_letter_code       
;MHHHHHHSSGVDLGTENLYFQSMSYDIQAWKKQCEELLNLIFQCEDSEPFRQPVDLLEYPDYRDIIDTPMDFATVRETLE
AGNYESPMELCKDVRLIFSNSKAYTPSKRSRIYSMSLRLSAFFEEHISSVLSDYKSALRFHKRNTITKR
;
_entity_poly.pdbx_seq_one_letter_code_can   
;MHHHHHHSSGVDLGTENLYFQSMSYDIQAWKKQCEELLNLIFQCEDSEPFRQPVDLLEYPDYRDIIDTPMDFATVRETLE
AGNYESPMELCKDVRLIFSNSKAYTPSKRSRIYSMSLRLSAFFEEHISSVLSDYKSALRFHKRNTITKR
;
_entity_poly.pdbx_strand_id                 A 
_entity_poly.pdbx_target_identifier         ? 
# 
loop_
_pdbx_entity_nonpoly.entity_id 
_pdbx_entity_nonpoly.name 
_pdbx_entity_nonpoly.comp_id 
2 '4-(furan-2-carbonyl)-N-(propan-2-yl)piperazine-1-carboxamide' Y1A 
3 water                                                          HOH 
# 
loop_
_entity_poly_seq.entity_id 
_entity_poly_seq.num 
_entity_poly_seq.mon_id 
_entity_poly_seq.hetero 
1 1   MET n 
1 2   HIS n 
1 3   HIS n 
1 4   HIS n 
1 5   HIS n 
1 6   HIS n 
1 7   HIS n 
1 8   SER n 
1 9   SER n 
1 10  GLY n 
1 11  VAL n 
1 12  ASP n 
1 13  LEU n 
1 14  GLY n 
1 15  THR n 
1 16  GLU n 
1 17  ASN n 
1 18  LEU n 
1 19  TYR n 
1 20  PHE n 
1 21  GLN n 
1 22  SER n 
1 23  MET n 
1 24  SER n 
1 25  TYR n 
1 26  ASP n 
1 27  ILE n 
1 28  GLN n 
1 29  ALA n 
1 30  TRP n 
1 31  LYS n 
1 32  LYS n 
1 33  GLN n 
1 34  CYS n 
1 35  GLU n 
1 36  GLU n 
1 37  LEU n 
1 38  LEU n 
1 39  ASN n 
1 40  LEU n 
1 41  ILE n 
1 42  PHE n 
1 43  GLN n 
1 44  CYS n 
1 45  GLU n 
1 46  ASP n 
1 47  SER n 
1 48  GLU n 
1 49  PRO n 
1 50  PHE n 
1 51  ARG n 
1 52  GLN n 
1 53  PRO n 
1 54  VAL n 
1 55  ASP n 
1 56  LEU n 
1 57  LEU n 
1 58  GLU n 
1 59  TYR n 
1 60  PRO n 
1 61  ASP n 
1 62  TYR n 
1 63  ARG n 
1 64  ASP n 
1 65  ILE n 
1 66  ILE n 
1 67  ASP n 
1 68  THR n 
1 69  PRO n 
1 70  MET n 
1 71  ASP n 
1 72  PHE n 
1 73  ALA n 
1 74  THR n 
1 75  VAL n 
1 76  ARG n 
1 77  GLU n 
1 78  THR n 
1 79  LEU n 
1 80  GLU n 
1 81  ALA n 
1 82  GLY n 
1 83  ASN n 
1 84  TYR n 
1 85  GLU n 
1 86  SER n 
1 87  PRO n 
1 88  MET n 
1 89  GLU n 
1 90  LEU n 
1 91  CYS n 
1 92  LYS n 
1 93  ASP n 
1 94  VAL n 
1 95  ARG n 
1 96  LEU n 
1 97  ILE n 
1 98  PHE n 
1 99  SER n 
1 100 ASN n 
1 101 SER n 
1 102 LYS n 
1 103 ALA n 
1 104 TYR n 
1 105 THR n 
1 106 PRO n 
1 107 SER n 
1 108 LYS n 
1 109 ARG n 
1 110 SER n 
1 111 ARG n 
1 112 ILE n 
1 113 TYR n 
1 114 SER n 
1 115 MET n 
1 116 SER n 
1 117 LEU n 
1 118 ARG n 
1 119 LEU n 
1 120 SER n 
1 121 ALA n 
1 122 PHE n 
1 123 PHE n 
1 124 GLU n 
1 125 GLU n 
1 126 HIS n 
1 127 ILE n 
1 128 SER n 
1 129 SER n 
1 130 VAL n 
1 131 LEU n 
1 132 SER n 
1 133 ASP n 
1 134 TYR n 
1 135 LYS n 
1 136 SER n 
1 137 ALA n 
1 138 LEU n 
1 139 ARG n 
1 140 PHE n 
1 141 HIS n 
1 142 LYS n 
1 143 ARG n 
1 144 ASN n 
1 145 THR n 
1 146 ILE n 
1 147 THR n 
1 148 LYS n 
1 149 ARG n 
# 
_entity_src_gen.entity_id                          1 
_entity_src_gen.pdbx_src_id                        1 
_entity_src_gen.pdbx_alt_source_flag               sample 
_entity_src_gen.pdbx_seq_type                      'Biological sequence' 
_entity_src_gen.pdbx_beg_seq_num                   1 
_entity_src_gen.pdbx_end_seq_num                   149 
_entity_src_gen.gene_src_common_name               Human 
_entity_src_gen.gene_src_genus                     ? 
_entity_src_gen.pdbx_gene_src_gene                 'PHIP, DCAF14, WDR11' 
_entity_src_gen.gene_src_species                   ? 
_entity_src_gen.gene_src_strain                    ? 
_entity_src_gen.gene_src_tissue                    ? 
_entity_src_gen.gene_src_tissue_fraction           ? 
_entity_src_gen.gene_src_details                   ? 
_entity_src_gen.pdbx_gene_src_fragment             ? 
_entity_src_gen.pdbx_gene_src_scientific_name      'Homo sapiens' 
_entity_src_gen.pdbx_gene_src_ncbi_taxonomy_id     9606 
_entity_src_gen.pdbx_gene_src_variant              ? 
_entity_src_gen.pdbx_gene_src_cell_line            ? 
_entity_src_gen.pdbx_gene_src_atcc                 ? 
_entity_src_gen.pdbx_gene_src_organ                ? 
_entity_src_gen.pdbx_gene_src_organelle            ? 
_entity_src_gen.pdbx_gene_src_cell                 ? 
_entity_src_gen.pdbx_gene_src_cellular_location    ? 
_entity_src_gen.host_org_common_name               ? 
_entity_src_gen.pdbx_host_org_scientific_name      'Escherichia coli' 
_entity_src_gen.pdbx_host_org_ncbi_taxonomy_id     562 
_entity_src_gen.host_org_genus                     ? 
_entity_src_gen.pdbx_host_org_gene                 ? 
_entity_src_gen.pdbx_host_org_organ                ? 
_entity_src_gen.host_org_species                   ? 
_entity_src_gen.pdbx_host_org_tissue               ? 
_entity_src_gen.pdbx_host_org_tissue_fraction      ? 
_entity_src_gen.pdbx_host_org_strain               ? 
_entity_src_gen.pdbx_host_org_variant              ? 
_entity_src_gen.pdbx_host_org_cell_line            ? 
_entity_src_gen.pdbx_host_org_atcc                 ? 
_entity_src_gen.pdbx_host_org_culture_collection   ? 
_entity_src_gen.pdbx_host_org_cell                 ? 
_entity_src_gen.pdbx_host_org_organelle            ? 
_entity_src_gen.pdbx_host_org_cellular_location    ? 
_entity_src_gen.pdbx_host_org_vector_type          ? 
_entity_src_gen.pdbx_host_org_vector               ? 
_entity_src_gen.host_org_details                   ? 
_entity_src_gen.expression_system_id               ? 
_entity_src_gen.plasmid_name                       ? 
_entity_src_gen.plasmid_details                    ? 
_entity_src_gen.pdbx_description                   ? 
# 
loop_
_chem_comp.id 
_chem_comp.type 
_chem_comp.mon_nstd_flag 
_chem_comp.name 
_chem_comp.pdbx_synonyms 
_chem_comp.formula 
_chem_comp.formula_weight 
ALA 'L-peptide linking' y ALANINE                                                        ? 'C3 H7 N O2'     89.093  
ARG 'L-peptide linking' y ARGININE                                                       ? 'C6 H15 N4 O2 1' 175.209 
ASN 'L-peptide linking' y ASPARAGINE                                                     ? 'C4 H8 N2 O3'    132.118 
ASP 'L-peptide linking' y 'ASPARTIC ACID'                                                ? 'C4 H7 N O4'     133.103 
CYS 'L-peptide linking' y CYSTEINE                                                       ? 'C3 H7 N O2 S'   121.158 
GLN 'L-peptide linking' y GLUTAMINE                                                      ? 'C5 H10 N2 O3'   146.144 
GLU 'L-peptide linking' y 'GLUTAMIC ACID'                                                ? 'C5 H9 N O4'     147.129 
GLY 'peptide linking'   y GLYCINE                                                        ? 'C2 H5 N O2'     75.067  
HIS 'L-peptide linking' y HISTIDINE                                                      ? 'C6 H10 N3 O2 1' 156.162 
HOH non-polymer         . WATER                                                          ? 'H2 O'           18.015  
ILE 'L-peptide linking' y ISOLEUCINE                                                     ? 'C6 H13 N O2'    131.173 
LEU 'L-peptide linking' y LEUCINE                                                        ? 'C6 H13 N O2'    131.173 
LYS 'L-peptide linking' y LYSINE                                                         ? 'C6 H15 N2 O2 1' 147.195 
MET 'L-peptide linking' y METHIONINE                                                     ? 'C5 H11 N O2 S'  149.211 
PHE 'L-peptide linking' y PHENYLALANINE                                                  ? 'C9 H11 N O2'    165.189 
PRO 'L-peptide linking' y PROLINE                                                        ? 'C5 H9 N O2'     115.130 
SER 'L-peptide linking' y SERINE                                                         ? 'C3 H7 N O3'     105.093 
THR 'L-peptide linking' y THREONINE                                                      ? 'C4 H9 N O3'     119.119 
TRP 'L-peptide linking' y TRYPTOPHAN                                                     ? 'C11 H12 N2 O2'  204.225 
TYR 'L-peptide linking' y TYROSINE                                                       ? 'C9 H11 N O3'    181.189 
VAL 'L-peptide linking' y VALINE                                                         ? 'C5 H11 N O2'    117.146 
Y1A non-polymer         . '4-(furan-2-carbonyl)-N-(propan-2-yl)piperazine-1-carboxamide' ? 'C13 H19 N3 O3'  265.308 
# 
loop_
_pdbx_poly_seq_scheme.asym_id 
_pdbx_poly_seq_scheme.entity_id 
_pdbx_poly_seq_scheme.seq_id 
_pdbx_poly_seq_scheme.mon_id 
_pdbx_poly_seq_scheme.ndb_seq_num 
_pdbx_poly_seq_scheme.pdb_seq_num 
_pdbx_poly_seq_scheme.auth_seq_num 
_pdbx_poly_seq_scheme.pdb_mon_id 
_pdbx_poly_seq_scheme.auth_mon_id 
_pdbx_poly_seq_scheme.pdb_strand_id 
_pdbx_poly_seq_scheme.pdb_ins_code 
_pdbx_poly_seq_scheme.hetero 
A 1 1   MET 1   1292 ?    ?   ?   A . n 
A 1 2   HIS 2   1293 ?    ?   ?   A . n 
A 1 3   HIS 3   1294 ?    ?   ?   A . n 
A 1 4   HIS 4   1295 ?    ?   ?   A . n 
A 1 5   HIS 5   1296 ?    ?   ?   A . n 
A 1 6   HIS 6   1297 ?    ?   ?   A . n 
A 1 7   HIS 7   1298 ?    ?   ?   A . n 
A 1 8   SER 8   1299 ?    ?   ?   A . n 
A 1 9   SER 9   1300 ?    ?   ?   A . n 
A 1 10  GLY 10  1301 ?    ?   ?   A . n 
A 1 11  VAL 11  1302 ?    ?   ?   A . n 
A 1 12  ASP 12  1303 ?    ?   ?   A . n 
A 1 13  LEU 13  1304 ?    ?   ?   A . n 
A 1 14  GLY 14  1305 ?    ?   ?   A . n 
A 1 15  THR 15  1306 ?    ?   ?   A . n 
A 1 16  GLU 16  1307 ?    ?   ?   A . n 
A 1 17  ASN 17  1308 ?    ?   ?   A . n 
A 1 18  LEU 18  1309 ?    ?   ?   A . n 
A 1 19  TYR 19  1310 ?    ?   ?   A . n 
A 1 20  PHE 20  1311 ?    ?   ?   A . n 
A 1 21  GLN 21  1312 ?    ?   ?   A . n 
A 1 22  SER 22  1313 ?    ?   ?   A . n 
A 1 23  MET 23  1314 ?    ?   ?   A . n 
A 1 24  SER 24  1315 ?    ?   ?   A . n 
A 1 25  TYR 25  1316 1316 TYR TYR A . n 
A 1 26  ASP 26  1317 1317 ASP ASP A . n 
A 1 27  ILE 27  1318 1318 ILE ILE A . n 
A 1 28  GLN 28  1319 1319 GLN GLN A . n 
A 1 29  ALA 29  1320 1320 ALA ALA A . n 
A 1 30  TRP 30  1321 1321 TRP TRP A . n 
A 1 31  LYS 31  1322 1322 LYS LYS A . n 
A 1 32  LYS 32  1323 1323 LYS LYS A . n 
A 1 33  GLN 33  1324 1324 GLN GLN A . n 
A 1 34  CYS 34  1325 1325 CYS CYS A . n 
A 1 35  GLU 35  1326 1326 GLU GLU A . n 
A 1 36  GLU 36  1327 1327 GLU GLU A . n 
A 1 37  LEU 37  1328 1328 LEU LEU A . n 
A 1 38  LEU 38  1329 1329 LEU LEU A . n 
A 1 39  ASN 39  1330 1330 ASN ASN A . n 
A 1 40  LEU 40  1331 1331 LEU LEU A . n 
A 1 41  ILE 41  1332 1332 ILE ILE A . n 
A 1 42  PHE 42  1333 1333 PHE PHE A . n 
A 1 43  GLN 43  1334 1334 GLN GLN A . n 
A 1 44  CYS 44  1335 1335 CYS CYS A . n 
A 1 45  GLU 45  1336 1336 GLU GLU A . n 
A 1 46  ASP 46  1337 1337 ASP ASP A . n 
A 1 47  SER 47  1338 1338 SER SER A . n 
A 1 48  GLU 48  1339 1339 GLU GLU A . n 
A 1 49  PRO 49  1340 1340 PRO PRO A . n 
A 1 50  PHE 50  1341 1341 PHE PHE A . n 
A 1 51  ARG 51  1342 1342 ARG ARG A . n 
A 1 52  GLN 52  1343 1343 GLN GLN A . n 
A 1 53  PRO 53  1344 1344 PRO PRO A . n 
A 1 54  VAL 54  1345 1345 VAL VAL A . n 
A 1 55  ASP 55  1346 1346 ASP ASP A . n 
A 1 56  LEU 56  1347 1347 LEU LEU A . n 
A 1 57  LEU 57  1348 1348 LEU LEU A . n 
A 1 58  GLU 58  1349 1349 GLU GLU A . n 
A 1 59  TYR 59  1350 1350 TYR TYR A . n 
A 1 60  PRO 60  1351 1351 PRO PRO A . n 
A 1 61  ASP 61  1352 1352 ASP ASP A . n 
A 1 62  TYR 62  1353 1353 TYR TYR A . n 
A 1 63  ARG 63  1354 1354 ARG ARG A . n 
A 1 64  ASP 64  1355 1355 ASP ASP A . n 
A 1 65  ILE 65  1356 1356 ILE ILE A . n 
A 1 66  ILE 66  1357 1357 ILE ILE A . n 
A 1 67  ASP 67  1358 1358 ASP ASP A . n 
A 1 68  THR 68  1359 1359 THR THR A . n 
A 1 69  PRO 69  1360 1360 PRO PRO A . n 
A 1 70  MET 70  1361 1361 MET MET A . n 
A 1 71  ASP 71  1362 1362 ASP ASP A . n 
A 1 72  PHE 72  1363 1363 PHE PHE A . n 
A 1 73  ALA 73  1364 1364 ALA ALA A . n 
A 1 74  THR 74  1365 1365 THR THR A . n 
A 1 75  VAL 75  1366 1366 VAL VAL A . n 
A 1 76  ARG 76  1367 1367 ARG ARG A . n 
A 1 77  GLU 77  1368 1368 GLU GLU A . n 
A 1 78  THR 78  1369 1369 THR THR A . n 
A 1 79  LEU 79  1370 1370 LEU LEU A . n 
A 1 80  GLU 80  1371 1371 GLU GLU A . n 
A 1 81  ALA 81  1372 1372 ALA ALA A . n 
A 1 82  GLY 82  1373 1373 GLY GLY A . n 
A 1 83  ASN 83  1374 1374 ASN ASN A . n 
A 1 84  TYR 84  1375 1375 TYR TYR A . n 
A 1 85  GLU 85  1376 1376 GLU GLU A . n 
A 1 86  SER 86  1377 1377 SER SER A . n 
A 1 87  PRO 87  1378 1378 PRO PRO A . n 
A 1 88  MET 88  1379 1379 MET MET A . n 
A 1 89  GLU 89  1380 1380 GLU GLU A . n 
A 1 90  LEU 90  1381 1381 LEU LEU A . n 
A 1 91  CYS 91  1382 1382 CYS CYS A . n 
A 1 92  LYS 92  1383 1383 LYS LYS A . n 
A 1 93  ASP 93  1384 1384 ASP ASP A . n 
A 1 94  VAL 94  1385 1385 VAL VAL A . n 
A 1 95  ARG 95  1386 1386 ARG ARG A . n 
A 1 96  LEU 96  1387 1387 LEU LEU A . n 
A 1 97  ILE 97  1388 1388 ILE ILE A . n 
A 1 98  PHE 98  1389 1389 PHE PHE A . n 
A 1 99  SER 99  1390 1390 SER SER A . n 
A 1 100 ASN 100 1391 1391 ASN ASN A . n 
A 1 101 SER 101 1392 1392 SER SER A . n 
A 1 102 LYS 102 1393 1393 LYS LYS A . n 
A 1 103 ALA 103 1394 1394 ALA ALA A . n 
A 1 104 TYR 104 1395 1395 TYR TYR A . n 
A 1 105 THR 105 1396 1396 THR THR A . n 
A 1 106 PRO 106 1397 1397 PRO PRO A . n 
A 1 107 SER 107 1398 1398 SER SER A . n 
A 1 108 LYS 108 1399 1399 LYS LYS A . n 
A 1 109 ARG 109 1400 1400 ARG ARG A . n 
A 1 110 SER 110 1401 1401 SER SER A . n 
A 1 111 ARG 111 1402 1402 ARG ARG A . n 
A 1 112 ILE 112 1403 1403 ILE ILE A . n 
A 1 113 TYR 113 1404 1404 TYR TYR A . n 
A 1 114 SER 114 1405 1405 SER SER A . n 
A 1 115 MET 115 1406 1406 MET MET A . n 
A 1 116 SER 116 1407 1407 SER SER A . n 
A 1 117 LEU 117 1408 1408 LEU LEU A . n 
A 1 118 ARG 118 1409 1409 ARG ARG A . n 
A 1 119 LEU 119 1410 1410 LEU LEU A . n 
A 1 120 SER 120 1411 1411 SER SER A . n 
A 1 121 ALA 121 1412 1412 ALA ALA A . n 
A 1 122 PHE 122 1413 1413 PHE PHE A . n 
A 1 123 PHE 123 1414 1414 PHE PHE A . n 
A 1 124 GLU 124 1415 1415 GLU GLU A . n 
A 1 125 GLU 125 1416 1416 GLU GLU A . n 
A 1 126 HIS 126 1417 1417 HIS HIS A . n 
A 1 127 ILE 127 1418 1418 ILE ILE A . n 
A 1 128 SER 128 1419 1419 SER SER A . n 
A 1 129 SER 129 1420 1420 SER SER A . n 
A 1 130 VAL 130 1421 1421 VAL VAL A . n 
A 1 131 LEU 131 1422 1422 LEU LEU A . n 
A 1 132 SER 132 1423 1423 SER SER A . n 
A 1 133 ASP 133 1424 1424 ASP ASP A . n 
A 1 134 TYR 134 1425 1425 TYR TYR A . n 
A 1 135 LYS 135 1426 1426 LYS LYS A . n 
A 1 136 SER 136 1427 1427 SER SER A . n 
A 1 137 ALA 137 1428 1428 ALA ALA A . n 
A 1 138 LEU 138 1429 1429 LEU LEU A . n 
A 1 139 ARG 139 1430 1430 ARG ARG A . n 
A 1 140 PHE 140 1431 1431 PHE PHE A . n 
A 1 141 HIS 141 1432 1432 HIS HIS A . n 
A 1 142 LYS 142 1433 1433 LYS LYS A . n 
A 1 143 ARG 143 1434 1434 ARG ARG A . n 
A 1 144 ASN 144 1435 ?    ?   ?   A . n 
A 1 145 THR 145 1436 ?    ?   ?   A . n 
A 1 146 ILE 146 1437 ?    ?   ?   A . n 
A 1 147 THR 147 1438 ?    ?   ?   A . n 
A 1 148 LYS 148 1439 ?    ?   ?   A . n 
A 1 149 ARG 149 1440 ?    ?   ?   A . n 
# 
loop_
_pdbx_nonpoly_scheme.asym_id 
_pdbx_nonpoly_scheme.entity_id 
_pdbx_nonpoly_scheme.mon_id 
_pdbx_nonpoly_scheme.ndb_seq_num 
_pdbx_nonpoly_scheme.pdb_seq_num 
_pdbx_nonpoly_scheme.auth_seq_num 
_pdbx_nonpoly_scheme.pdb_mon_id 
_pdbx_nonpoly_scheme.auth_mon_id 
_pdbx_nonpoly_scheme.pdb_strand_id 
_pdbx_nonpoly_scheme.pdb_ins_code 
B 2 Y1A 1   1501 1501 Y1A LIG A . 
C 3 HOH 1   1601 204  HOH HOH A . 
C 3 HOH 2   1602 128  HOH HOH A . 
C 3 HOH 3   1603 167  HOH HOH A . 
C 3 HOH 4   1604 195  HOH HOH A . 
C 3 HOH 5   1605 197  HOH HOH A . 
C 3 HOH 6   1606 142  HOH HOH A . 
C 3 HOH 7   1607 55   HOH HOH A . 
C 3 HOH 8   1608 183  HOH HOH A . 
C 3 HOH 9   1609 98   HOH HOH A . 
C 3 HOH 10  1610 100  HOH HOH A . 
C 3 HOH 11  1611 151  HOH HOH A . 
C 3 HOH 12  1612 7    HOH HOH A . 
C 3 HOH 13  1613 121  HOH HOH A . 
C 3 HOH 14  1614 174  HOH HOH A . 
C 3 HOH 15  1615 135  HOH HOH A . 
C 3 HOH 16  1616 89   HOH HOH A . 
C 3 HOH 17  1617 184  HOH HOH A . 
C 3 HOH 18  1618 85   HOH HOH A . 
C 3 HOH 19  1619 124  HOH HOH A . 
C 3 HOH 20  1620 65   HOH HOH A . 
C 3 HOH 21  1621 140  HOH HOH A . 
C 3 HOH 22  1622 187  HOH HOH A . 
C 3 HOH 23  1623 94   HOH HOH A . 
C 3 HOH 24  1624 17   HOH HOH A . 
C 3 HOH 25  1625 10   HOH HOH A . 
C 3 HOH 26  1626 74   HOH HOH A . 
C 3 HOH 27  1627 123  HOH HOH A . 
C 3 HOH 28  1628 70   HOH HOH A . 
C 3 HOH 29  1629 162  HOH HOH A . 
C 3 HOH 30  1630 101  HOH HOH A . 
C 3 HOH 31  1631 33   HOH HOH A . 
C 3 HOH 32  1632 41   HOH HOH A . 
C 3 HOH 33  1633 159  HOH HOH A . 
C 3 HOH 34  1634 25   HOH HOH A . 
C 3 HOH 35  1635 143  HOH HOH A . 
C 3 HOH 36  1636 171  HOH HOH A . 
C 3 HOH 37  1637 12   HOH HOH A . 
C 3 HOH 38  1638 75   HOH HOH A . 
C 3 HOH 39  1639 50   HOH HOH A . 
C 3 HOH 40  1640 83   HOH HOH A . 
C 3 HOH 41  1641 16   HOH HOH A . 
C 3 HOH 42  1642 20   HOH HOH A . 
C 3 HOH 43  1643 36   HOH HOH A . 
C 3 HOH 44  1644 92   HOH HOH A . 
C 3 HOH 45  1645 130  HOH HOH A . 
C 3 HOH 46  1646 141  HOH HOH A . 
C 3 HOH 47  1647 139  HOH HOH A . 
C 3 HOH 48  1648 3    HOH HOH A . 
C 3 HOH 49  1649 160  HOH HOH A . 
C 3 HOH 50  1650 39   HOH HOH A . 
C 3 HOH 51  1651 9    HOH HOH A . 
C 3 HOH 52  1652 31   HOH HOH A . 
C 3 HOH 53  1653 172  HOH HOH A . 
C 3 HOH 54  1654 152  HOH HOH A . 
C 3 HOH 55  1655 4    HOH HOH A . 
C 3 HOH 56  1656 182  HOH HOH A . 
C 3 HOH 57  1657 28   HOH HOH A . 
C 3 HOH 58  1658 1    HOH HOH A . 
C 3 HOH 59  1659 108  HOH HOH A . 
C 3 HOH 60  1660 163  HOH HOH A . 
C 3 HOH 61  1661 59   HOH HOH A . 
C 3 HOH 62  1662 77   HOH HOH A . 
C 3 HOH 63  1663 191  HOH HOH A . 
C 3 HOH 64  1664 84   HOH HOH A . 
C 3 HOH 65  1665 45   HOH HOH A . 
C 3 HOH 66  1666 158  HOH HOH A . 
C 3 HOH 67  1667 35   HOH HOH A . 
C 3 HOH 68  1668 14   HOH HOH A . 
C 3 HOH 69  1669 64   HOH HOH A . 
C 3 HOH 70  1670 54   HOH HOH A . 
C 3 HOH 71  1671 82   HOH HOH A . 
C 3 HOH 72  1672 52   HOH HOH A . 
C 3 HOH 73  1673 157  HOH HOH A . 
C 3 HOH 74  1674 76   HOH HOH A . 
C 3 HOH 75  1675 6    HOH HOH A . 
C 3 HOH 76  1676 63   HOH HOH A . 
C 3 HOH 77  1677 62   HOH HOH A . 
C 3 HOH 78  1678 154  HOH HOH A . 
C 3 HOH 79  1679 5    HOH HOH A . 
C 3 HOH 80  1680 23   HOH HOH A . 
C 3 HOH 81  1681 180  HOH HOH A . 
C 3 HOH 82  1682 29   HOH HOH A . 
C 3 HOH 83  1683 119  HOH HOH A . 
C 3 HOH 84  1684 60   HOH HOH A . 
C 3 HOH 85  1685 80   HOH HOH A . 
C 3 HOH 86  1686 105  HOH HOH A . 
C 3 HOH 87  1687 113  HOH HOH A . 
C 3 HOH 88  1688 48   HOH HOH A . 
C 3 HOH 89  1689 161  HOH HOH A . 
C 3 HOH 90  1690 176  HOH HOH A . 
C 3 HOH 91  1691 11   HOH HOH A . 
C 3 HOH 92  1692 19   HOH HOH A . 
C 3 HOH 93  1693 69   HOH HOH A . 
C 3 HOH 94  1694 27   HOH HOH A . 
C 3 HOH 95  1695 56   HOH HOH A . 
C 3 HOH 96  1696 86   HOH HOH A . 
C 3 HOH 97  1697 122  HOH HOH A . 
C 3 HOH 98  1698 71   HOH HOH A . 
C 3 HOH 99  1699 37   HOH HOH A . 
C 3 HOH 100 1700 144  HOH HOH A . 
C 3 HOH 101 1701 91   HOH HOH A . 
C 3 HOH 102 1702 178  HOH HOH A . 
C 3 HOH 103 1703 150  HOH HOH A . 
C 3 HOH 104 1704 106  HOH HOH A . 
C 3 HOH 105 1705 15   HOH HOH A . 
C 3 HOH 106 1706 42   HOH HOH A . 
C 3 HOH 107 1707 138  HOH HOH A . 
C 3 HOH 108 1708 116  HOH HOH A . 
C 3 HOH 109 1709 129  HOH HOH A . 
C 3 HOH 110 1710 40   HOH HOH A . 
C 3 HOH 111 1711 67   HOH HOH A . 
C 3 HOH 112 1712 44   HOH HOH A . 
C 3 HOH 113 1713 38   HOH HOH A . 
C 3 HOH 114 1714 118  HOH HOH A . 
C 3 HOH 115 1715 134  HOH HOH A . 
C 3 HOH 116 1716 120  HOH HOH A . 
C 3 HOH 117 1717 137  HOH HOH A . 
C 3 HOH 118 1718 81   HOH HOH A . 
C 3 HOH 119 1719 88   HOH HOH A . 
C 3 HOH 120 1720 96   HOH HOH A . 
C 3 HOH 121 1721 145  HOH HOH A . 
C 3 HOH 122 1722 2    HOH HOH A . 
C 3 HOH 123 1723 22   HOH HOH A . 
C 3 HOH 124 1724 131  HOH HOH A . 
C 3 HOH 125 1725 57   HOH HOH A . 
C 3 HOH 126 1726 49   HOH HOH A . 
C 3 HOH 127 1727 72   HOH HOH A . 
C 3 HOH 128 1728 53   HOH HOH A . 
C 3 HOH 129 1729 125  HOH HOH A . 
C 3 HOH 130 1730 34   HOH HOH A . 
C 3 HOH 131 1731 117  HOH HOH A . 
C 3 HOH 132 1732 90   HOH HOH A . 
C 3 HOH 133 1733 109  HOH HOH A . 
C 3 HOH 134 1734 95   HOH HOH A . 
C 3 HOH 135 1735 177  HOH HOH A . 
C 3 HOH 136 1736 126  HOH HOH A . 
C 3 HOH 137 1737 165  HOH HOH A . 
C 3 HOH 138 1738 13   HOH HOH A . 
C 3 HOH 139 1739 181  HOH HOH A . 
C 3 HOH 140 1740 127  HOH HOH A . 
C 3 HOH 141 1741 179  HOH HOH A . 
C 3 HOH 142 1742 186  HOH HOH A . 
C 3 HOH 143 1743 146  HOH HOH A . 
C 3 HOH 144 1744 93   HOH HOH A . 
C 3 HOH 145 1745 136  HOH HOH A . 
C 3 HOH 146 1746 153  HOH HOH A . 
C 3 HOH 147 1747 26   HOH HOH A . 
C 3 HOH 148 1748 132  HOH HOH A . 
C 3 HOH 149 1749 133  HOH HOH A . 
C 3 HOH 150 1750 173  HOH HOH A . 
C 3 HOH 151 1751 166  HOH HOH A . 
C 3 HOH 152 1752 175  HOH HOH A . 
C 3 HOH 153 1753 164  HOH HOH A . 
C 3 HOH 154 1754 149  HOH HOH A . 
C 3 HOH 155 1755 194  HOH HOH A . 
C 3 HOH 156 1756 185  HOH HOH A . 
C 3 HOH 157 1757 202  HOH HOH A . 
C 3 HOH 158 1758 8    HOH HOH A . 
C 3 HOH 159 1759 114  HOH HOH A . 
C 3 HOH 160 1760 30   HOH HOH A . 
C 3 HOH 161 1761 156  HOH HOH A . 
C 3 HOH 162 1762 115  HOH HOH A . 
C 3 HOH 163 1763 107  HOH HOH A . 
C 3 HOH 164 1764 61   HOH HOH A . 
C 3 HOH 165 1765 104  HOH HOH A . 
C 3 HOH 166 1766 199  HOH HOH A . 
C 3 HOH 167 1767 198  HOH HOH A . 
C 3 HOH 168 1768 51   HOH HOH A . 
C 3 HOH 169 1769 190  HOH HOH A . 
C 3 HOH 170 1770 112  HOH HOH A . 
C 3 HOH 171 1771 170  HOH HOH A . 
C 3 HOH 172 1772 193  HOH HOH A . 
C 3 HOH 173 1773 110  HOH HOH A . 
C 3 HOH 174 1774 78   HOH HOH A . 
C 3 HOH 175 1775 188  HOH HOH A . 
C 3 HOH 176 1776 168  HOH HOH A . 
C 3 HOH 177 1777 68   HOH HOH A . 
C 3 HOH 178 1778 103  HOH HOH A . 
C 3 HOH 179 1779 102  HOH HOH A . 
C 3 HOH 180 1780 46   HOH HOH A . 
C 3 HOH 181 1781 148  HOH HOH A . 
C 3 HOH 182 1782 73   HOH HOH A . 
C 3 HOH 183 1783 99   HOH HOH A . 
C 3 HOH 184 1784 201  HOH HOH A . 
C 3 HOH 185 1785 196  HOH HOH A . 
C 3 HOH 186 1786 200  HOH HOH A . 
C 3 HOH 187 1787 111  HOH HOH A . 
C 3 HOH 188 1788 189  HOH HOH A . 
C 3 HOH 189 1789 97   HOH HOH A . 
C 3 HOH 190 1790 192  HOH HOH A . 
C 3 HOH 191 1791 87   HOH HOH A . 
C 3 HOH 192 1792 203  HOH HOH A . 
C 3 HOH 193 1793 79   HOH HOH A . 
# 
loop_
_pdbx_unobs_or_zero_occ_atoms.id 
_pdbx_unobs_or_zero_occ_atoms.PDB_model_num 
_pdbx_unobs_or_zero_occ_atoms.polymer_flag 
_pdbx_unobs_or_zero_occ_atoms.occupancy_flag 
_pdbx_unobs_or_zero_occ_atoms.auth_asym_id 
_pdbx_unobs_or_zero_occ_atoms.auth_comp_id 
_pdbx_unobs_or_zero_occ_atoms.auth_seq_id 
_pdbx_unobs_or_zero_occ_atoms.PDB_ins_code 
_pdbx_unobs_or_zero_occ_atoms.auth_atom_id 
_pdbx_unobs_or_zero_occ_atoms.label_alt_id 
_pdbx_unobs_or_zero_occ_atoms.label_asym_id 
_pdbx_unobs_or_zero_occ_atoms.label_comp_id 
_pdbx_unobs_or_zero_occ_atoms.label_seq_id 
_pdbx_unobs_or_zero_occ_atoms.label_atom_id 
1 1 Y 1 A LYS 1323 ? CE ? A LYS 32 CE 
2 1 Y 1 A LYS 1323 ? NZ ? A LYS 32 NZ 
# 
loop_
_software.pdbx_ordinal 
_software.name 
_software.version 
_software.date 
_software.type 
_software.contact_author 
_software.contact_author_email 
_software.classification 
_software.location 
_software.language 
_software.citation_id 
1 REFMAC      5.8.0267 ?               program 'Garib N. Murshudov' garib@ysbl.york.ac.uk    refinement        
http://www.ccp4.ac.uk/dist/html/refmac5.html        Fortran_77 ? 
2 Aimless     .        ?               program 'Phil Evans'         ?                        'data scaling'    
http://www.mrc-lmb.cam.ac.uk/harry/pre/aimless.html ?          ? 
3 PDB_EXTRACT 3.23     'SEP. 23, 2016' package PDB                  deposit@deposit.rcsb.org 'data extraction' 
http://sw-tools.pdb.org/apps/PDB_EXTRACT/           C++        ? 
4 XDS         .        ?               program ?                    ?                        'data reduction'  ? ?          ? 
5 REFMAC      .        ?               program ?                    ?                        phasing           ? ?          ? 
# 
_cell.entry_id           5S8V 
_cell.length_a           81.715 
_cell.length_b           27.316 
_cell.length_c           56.070 
_cell.angle_alpha        90.000 
_cell.angle_beta         100.110 
_cell.angle_gamma        90.000 
_cell.Z_PDB              4 
_cell.pdbx_unique_axis   ? 
# 
_symmetry.entry_id                         5S8V 
_symmetry.space_group_name_H-M             'C 1 2 1' 
_symmetry.pdbx_full_space_group_name_H-M   ? 
_symmetry.cell_setting                     ? 
_symmetry.Int_Tables_number                5 
# 
_exptl.crystals_number   1 
_exptl.entry_id          5S8V 
_exptl.method            'X-RAY DIFFRACTION' 
# 
_exptl_crystal.id                    1 
_exptl_crystal.density_meas          ? 
_exptl_crystal.density_Matthews      1.75 
_exptl_crystal.density_percent_sol   29.61 
_exptl_crystal.description           ? 
_exptl_crystal.preparation           ? 
# 
_exptl_crystal_grow.crystal_id      1 
_exptl_crystal_grow.method          'VAPOR DIFFUSION, SITTING DROP' 
_exptl_crystal_grow.pH              5.6 
_exptl_crystal_grow.temp            277 
_exptl_crystal_grow.pdbx_details    '20% PEG 8000, 0.04M POTASSIUM PHOSPHATE' 
_exptl_crystal_grow.temp_details    ? 
_exptl_crystal_grow.pdbx_pH_range   ? 
# 
_diffrn.id                               1 
_diffrn.ambient_temp                     100 
_diffrn.crystal_id                       1 
_diffrn.ambient_temp_details             ? 
_diffrn.pdbx_serial_crystal_experiment   ? 
# 
_diffrn_detector.detector               PIXEL 
_diffrn_detector.type                   'DECTRIS PILATUS 6M' 
_diffrn_detector.pdbx_collection_date   2019-04-11 
_diffrn_detector.diffrn_id              1 
_diffrn_detector.details                ? 
# 
_diffrn_radiation.diffrn_id                        1 
_diffrn_radiation.wavelength_id                    1 
_diffrn_radiation.pdbx_diffrn_protocol             'SINGLE WAVELENGTH' 
_diffrn_radiation.pdbx_monochromatic_or_laue_m_l   ? 
_diffrn_radiation.monochromator                    ? 
_diffrn_radiation.pdbx_scattering_type             x-ray 
# 
_diffrn_radiation_wavelength.id           1 
_diffrn_radiation_wavelength.wavelength   0.9159 
_diffrn_radiation_wavelength.wt           1.0 
# 
_diffrn_source.diffrn_id                   1 
_diffrn_source.source                      SYNCHROTRON 
_diffrn_source.type                        'DIAMOND BEAMLINE I04-1' 
_diffrn_source.pdbx_wavelength_list        0.9159 
_diffrn_source.pdbx_synchrotron_site       Diamond 
_diffrn_source.pdbx_synchrotron_beamline   I04-1 
_diffrn_source.pdbx_wavelength             ? 
# 
_reflns.entry_id                     5S8V 
_reflns.pdbx_diffrn_id               1 
_reflns.pdbx_ordinal                 1 
_reflns.observed_criterion_sigma_I   ? 
_reflns.observed_criterion_sigma_F   ? 
_reflns.d_resolution_low             40.26 
_reflns.d_resolution_high            1.18 
_reflns.number_obs                   28785 
_reflns.number_all                   ? 
_reflns.percent_possible_obs         88.700 
_reflns.pdbx_Rmerge_I_obs            ? 
_reflns.pdbx_Rsym_value              ? 
_reflns.pdbx_netI_over_sigmaI        15.000 
_reflns.B_iso_Wilson_estimate        ? 
_reflns.pdbx_redundancy              2.700 
_reflns.pdbx_Rrim_I_all              0.036 
_reflns.pdbx_Rpim_I_all              0.020 
_reflns.pdbx_CC_half                 0.999 
_reflns.pdbx_netI_over_av_sigmaI     ? 
_reflns.pdbx_number_measured_all     76478 
_reflns.pdbx_scaling_rejects         ? 
_reflns.pdbx_chi_squared             ? 
_reflns.Rmerge_F_all                 ? 
_reflns.Rmerge_F_obs                 ? 
_reflns.observed_criterion_F_max     ? 
_reflns.observed_criterion_F_min     ? 
_reflns.observed_criterion_I_max     ? 
_reflns.observed_criterion_I_min     ? 
_reflns.pdbx_d_res_high_opt          ? 
_reflns.pdbx_d_res_low_opt           ? 
_reflns.details                      ? 
_reflns.pdbx_CC_star                 ? 
# 
loop_
_reflns_shell.pdbx_diffrn_id 
_reflns_shell.pdbx_ordinal 
_reflns_shell.d_res_high 
_reflns_shell.d_res_low 
_reflns_shell.number_measured_obs 
_reflns_shell.number_measured_all 
_reflns_shell.number_unique_obs 
_reflns_shell.pdbx_rejects 
_reflns_shell.Rmerge_I_obs 
_reflns_shell.meanI_over_sigI_obs 
_reflns_shell.pdbx_Rsym_value 
_reflns_shell.pdbx_chi_squared 
_reflns_shell.pdbx_redundancy 
_reflns_shell.percent_possible_obs 
_reflns_shell.pdbx_netI_over_sigmaI_obs 
_reflns_shell.number_possible 
_reflns_shell.number_unique_all 
_reflns_shell.Rmerge_F_all 
_reflns_shell.Rmerge_F_obs 
_reflns_shell.Rmerge_I_all 
_reflns_shell.meanI_over_sigI_all 
_reflns_shell.percent_possible_all 
_reflns_shell.pdbx_Rrim_I_all 
_reflns_shell.pdbx_Rpim_I_all 
_reflns_shell.pdbx_CC_half 
_reflns_shell.pdbx_CC_star 
1 1 1.18  1.307  ? 1671 ? ? ? ? ? ? 1.200 ? 1.500  ? 1439 ? ? ? ? 45.900 0.405 0.279 0.875 ? 
1 2 3.631 30.092 ? 4421 ? ? ? ? ? ? 3.100 ? 40.700 ? 1438 ? ? ? ? 97.300 0.027 0.015 0.999 ? 
# 
_refine.entry_id                                 5S8V 
_refine.pdbx_refine_id                           'X-RAY DIFFRACTION' 
_refine.ls_d_res_high                            1.1800 
_refine.ls_d_res_low                             40.2600 
_refine.pdbx_ls_sigma_F                          0.000 
_refine.pdbx_data_cutoff_high_absF               ? 
_refine.pdbx_data_cutoff_low_absF                ? 
_refine.ls_percent_reflns_obs                    70.8800 
_refine.ls_number_reflns_obs                     27372 
_refine.ls_number_reflns_all                     ? 
_refine.pdbx_ls_cross_valid_method               THROUGHOUT 
_refine.ls_matrix_type                           ? 
_refine.pdbx_R_Free_selection_details            RANDOM 
_refine.details                                  
'HYDROGENS HAVE BEEN ADDED IN THE RIDING POSITIONS U VALUES      : REFINED INDIVIDUALLY' 
_refine.ls_R_factor_all                          ? 
_refine.ls_R_factor_obs                          0.1778 
_refine.ls_R_factor_R_work                       0.1764 
_refine.ls_wR_factor_R_work                      ? 
_refine.ls_R_factor_R_free                       0.2057 
_refine.ls_wR_factor_R_free                      ? 
_refine.ls_percent_reflns_R_free                 5.0000 
_refine.ls_number_reflns_R_free                  1429 
_refine.ls_number_reflns_R_work                  ? 
_refine.ls_R_factor_R_free_error                 ? 
_refine.B_iso_mean                               16.4960 
_refine.solvent_model_param_bsol                 ? 
_refine.solvent_model_param_ksol                 ? 
_refine.pdbx_isotropic_thermal_model             ? 
_refine.aniso_B[1][1]                            -0.0100 
_refine.aniso_B[2][2]                            0.0700 
_refine.aniso_B[3][3]                            -0.0900 
_refine.aniso_B[1][2]                            -0.0000 
_refine.aniso_B[1][3]                            0.1200 
_refine.aniso_B[2][3]                            0.0000 
_refine.correlation_coeff_Fo_to_Fc               0.9690 
_refine.correlation_coeff_Fo_to_Fc_free          0.9540 
_refine.overall_SU_R_Cruickshank_DPI             ? 
_refine.pdbx_overall_SU_R_free_Cruickshank_DPI   ? 
_refine.pdbx_overall_SU_R_Blow_DPI               ? 
_refine.pdbx_overall_SU_R_free_Blow_DPI          ? 
_refine.overall_SU_R_free                        ? 
_refine.pdbx_overall_ESU_R                       0.0690 
_refine.pdbx_overall_ESU_R_Free                  0.0700 
_refine.overall_SU_ML                            0.0460 
_refine.overall_SU_B                             1.0800 
_refine.solvent_model_details                    MASK 
_refine.pdbx_solvent_vdw_probe_radii             1.2000 
_refine.pdbx_solvent_ion_probe_radii             0.8000 
_refine.pdbx_solvent_shrinkage_radii             0.8000 
_refine.ls_number_parameters                     ? 
_refine.ls_number_restraints                     ? 
_refine.pdbx_starting_model                      5RJI 
_refine.pdbx_method_to_determine_struct          'FOURIER SYNTHESIS' 
_refine.pdbx_stereochemistry_target_values       'MAXIMUM LIKELIHOOD' 
_refine.pdbx_stereochem_target_val_spec_case     ? 
_refine.overall_FOM_work_R_set                   ? 
_refine.B_iso_max                                74.220 
_refine.B_iso_min                                7.290 
_refine.pdbx_overall_phase_error                 ? 
_refine.occupancy_max                            ? 
_refine.occupancy_min                            ? 
_refine.pdbx_diffrn_id                           1 
_refine.pdbx_TLS_residual_ADP_flag               ? 
_refine.pdbx_ls_sigma_I                          ? 
_refine.pdbx_data_cutoff_high_rms_absF           ? 
_refine.ls_R_factor_R_free_error_details         ? 
# 
_refine_hist.cycle_id                         final 
_refine_hist.pdbx_refine_id                   'X-RAY DIFFRACTION' 
_refine_hist.d_res_high                       1.1800 
_refine_hist.d_res_low                        40.2600 
_refine_hist.pdbx_number_atoms_ligand         19 
_refine_hist.number_atoms_solvent             193 
_refine_hist.number_atoms_total               1202 
_refine_hist.pdbx_number_residues_total       119 
_refine_hist.pdbx_B_iso_mean_ligand           15.86 
_refine_hist.pdbx_B_iso_mean_solvent          27.83 
_refine_hist.pdbx_number_atoms_protein        990 
_refine_hist.pdbx_number_atoms_nucleic_acid   0 
# 
loop_
_refine_ls_restr.pdbx_refine_id 
_refine_ls_restr.type 
_refine_ls_restr.number 
_refine_ls_restr.dev_ideal 
_refine_ls_restr.dev_ideal_target 
_refine_ls_restr.weight 
_refine_ls_restr.pdbx_restraint_function 
'X-RAY DIFFRACTION' r_bond_refined_d       2065 0.010  0.015  ? ? 
'X-RAY DIFFRACTION' r_bond_other_d         1440 0.001  0.017  ? ? 
'X-RAY DIFFRACTION' r_angle_refined_deg    2187 1.671  1.679  ? ? 
'X-RAY DIFFRACTION' r_angle_other_deg      3372 1.501  1.617  ? ? 
'X-RAY DIFFRACTION' r_dihedral_angle_1_deg 214  5.266  5.000  ? ? 
'X-RAY DIFFRACTION' r_dihedral_angle_2_deg 80   25.772 21.125 ? ? 
'X-RAY DIFFRACTION' r_dihedral_angle_3_deg 279  13.084 15.000 ? ? 
'X-RAY DIFFRACTION' r_dihedral_angle_4_deg 12   13.198 15.000 ? ? 
'X-RAY DIFFRACTION' r_chiral_restr         200  0.088  0.200  ? ? 
'X-RAY DIFFRACTION' r_gen_planes_refined   1970 0.008  0.020  ? ? 
'X-RAY DIFFRACTION' r_gen_planes_other     371  0.002  0.020  ? ? 
'X-RAY DIFFRACTION' r_mcbond_it            993  1.052  1.563  ? ? 
'X-RAY DIFFRACTION' r_mcbond_other         979  1.060  1.550  ? ? 
'X-RAY DIFFRACTION' r_mcangle_it           1004 1.879  2.170  ? ? 
# 
_refine_ls_shell.d_res_high                       1.180 
_refine_ls_shell.d_res_low                        1.2100 
_refine_ls_shell.pdbx_total_number_of_bins_used   20 
_refine_ls_shell.percent_reflns_obs               5.0600 
_refine_ls_shell.number_reflns_R_work             143 
_refine_ls_shell.R_factor_all                     ? 
_refine_ls_shell.R_factor_R_work                  0.3880 
_refine_ls_shell.R_factor_R_free                  0.6030 
_refine_ls_shell.percent_reflns_R_free            ? 
_refine_ls_shell.number_reflns_R_free             7 
_refine_ls_shell.R_factor_R_free_error            ? 
_refine_ls_shell.number_reflns_all                150 
_refine_ls_shell.number_reflns_obs                ? 
_refine_ls_shell.pdbx_refine_id                   'X-RAY DIFFRACTION' 
_refine_ls_shell.R_factor_obs                     ? 
# 
_struct.entry_id                  5S8V 
_struct.title                     
'PanDDA analysis group deposition -- Crystal Structure of PHIP in complex with Z198194396 synthetic derivative' 
_struct.pdbx_model_details        ? 
_struct.pdbx_CASP_flag            ? 
_struct.pdbx_model_type_details   ? 
# 
_struct_keywords.entry_id        5S8V 
_struct_keywords.text            
;SGC - Diamond I04-1 fragment screening, PanDDA, XChemExplorer, Robotic chemistry, Crystal soaking, Reaction crudes, SIGNALING PROTEIN
;
_struct_keywords.pdbx_keywords   'SIGNALING PROTEIN' 
# 
loop_
_struct_asym.id 
_struct_asym.pdbx_blank_PDB_chainid_flag 
_struct_asym.pdbx_modified 
_struct_asym.entity_id 
_struct_asym.details 
A N N 1 ? 
B N N 2 ? 
C N N 3 ? 
# 
_struct_ref.id                         1 
_struct_ref.db_name                    UNP 
_struct_ref.db_code                    PHIP_HUMAN 
_struct_ref.pdbx_db_accession          Q8WWQ0 
_struct_ref.pdbx_db_isoform            ? 
_struct_ref.entity_id                  1 
_struct_ref.pdbx_seq_one_letter_code   
;SYDIQAWKKQCEELLNLIFQCEDSEPFRQPVDLLEYPDYRDIIDTPMDFATVRETLEAGNYESPMELCKDVRLIFSNSKA
YTPSKRSRIYSMSLRLSAFFEEHISSVLSDYKSALRFHKRNTITKR
;
_struct_ref.pdbx_align_begin           1315 
# 
_struct_ref_seq.align_id                      1 
_struct_ref_seq.ref_id                        1 
_struct_ref_seq.pdbx_PDB_id_code              5S8V 
_struct_ref_seq.pdbx_strand_id                A 
_struct_ref_seq.seq_align_beg                 24 
_struct_ref_seq.pdbx_seq_align_beg_ins_code   ? 
_struct_ref_seq.seq_align_end                 149 
_struct_ref_seq.pdbx_seq_align_end_ins_code   ? 
_struct_ref_seq.pdbx_db_accession             Q8WWQ0 
_struct_ref_seq.db_align_beg                  1315 
_struct_ref_seq.pdbx_db_align_beg_ins_code    ? 
_struct_ref_seq.db_align_end                  1440 
_struct_ref_seq.pdbx_db_align_end_ins_code    ? 
_struct_ref_seq.pdbx_auth_seq_align_beg       1315 
_struct_ref_seq.pdbx_auth_seq_align_end       1440 
# 
loop_
_struct_ref_seq_dif.align_id 
_struct_ref_seq_dif.pdbx_pdb_id_code 
_struct_ref_seq_dif.mon_id 
_struct_ref_seq_dif.pdbx_pdb_strand_id 
_struct_ref_seq_dif.seq_num 
_struct_ref_seq_dif.pdbx_pdb_ins_code 
_struct_ref_seq_dif.pdbx_seq_db_name 
_struct_ref_seq_dif.pdbx_seq_db_accession_code 
_struct_ref_seq_dif.db_mon_id 
_struct_ref_seq_dif.pdbx_seq_db_seq_num 
_struct_ref_seq_dif.details 
_struct_ref_seq_dif.pdbx_auth_seq_num 
_struct_ref_seq_dif.pdbx_ordinal 
1 5S8V MET A 1  ? UNP Q8WWQ0 ? ? 'initiating methionine' 1292 1  
1 5S8V HIS A 2  ? UNP Q8WWQ0 ? ? 'expression tag'        1293 2  
1 5S8V HIS A 3  ? UNP Q8WWQ0 ? ? 'expression tag'        1294 3  
1 5S8V HIS A 4  ? UNP Q8WWQ0 ? ? 'expression tag'        1295 4  
1 5S8V HIS A 5  ? UNP Q8WWQ0 ? ? 'expression tag'        1296 5  
1 5S8V HIS A 6  ? UNP Q8WWQ0 ? ? 'expression tag'        1297 6  
1 5S8V HIS A 7  ? UNP Q8WWQ0 ? ? 'expression tag'        1298 7  
1 5S8V SER A 8  ? UNP Q8WWQ0 ? ? 'expression tag'        1299 8  
1 5S8V SER A 9  ? UNP Q8WWQ0 ? ? 'expression tag'        1300 9  
1 5S8V GLY A 10 ? UNP Q8WWQ0 ? ? 'expression tag'        1301 10 
1 5S8V VAL A 11 ? UNP Q8WWQ0 ? ? 'expression tag'        1302 11 
1 5S8V ASP A 12 ? UNP Q8WWQ0 ? ? 'expression tag'        1303 12 
1 5S8V LEU A 13 ? UNP Q8WWQ0 ? ? 'expression tag'        1304 13 
1 5S8V GLY A 14 ? UNP Q8WWQ0 ? ? 'expression tag'        1305 14 
1 5S8V THR A 15 ? UNP Q8WWQ0 ? ? 'expression tag'        1306 15 
1 5S8V GLU A 16 ? UNP Q8WWQ0 ? ? 'expression tag'        1307 16 
1 5S8V ASN A 17 ? UNP Q8WWQ0 ? ? 'expression tag'        1308 17 
1 5S8V LEU A 18 ? UNP Q8WWQ0 ? ? 'expression tag'        1309 18 
1 5S8V TYR A 19 ? UNP Q8WWQ0 ? ? 'expression tag'        1310 19 
1 5S8V PHE A 20 ? UNP Q8WWQ0 ? ? 'expression tag'        1311 20 
1 5S8V GLN A 21 ? UNP Q8WWQ0 ? ? 'expression tag'        1312 21 
1 5S8V SER A 22 ? UNP Q8WWQ0 ? ? 'expression tag'        1313 22 
1 5S8V MET A 23 ? UNP Q8WWQ0 ? ? 'expression tag'        1314 23 
# 
_pdbx_struct_assembly.id                   1 
_pdbx_struct_assembly.details              author_and_software_defined_assembly 
_pdbx_struct_assembly.method_details       PISA 
_pdbx_struct_assembly.oligomeric_details   monomeric 
_pdbx_struct_assembly.oligomeric_count     1 
# 
_pdbx_struct_assembly_gen.assembly_id       1 
_pdbx_struct_assembly_gen.oper_expression   1 
_pdbx_struct_assembly_gen.asym_id_list      A,B,C 
# 
_pdbx_struct_oper_list.id                   1 
_pdbx_struct_oper_list.type                 'identity operation' 
_pdbx_struct_oper_list.name                 1_555 
_pdbx_struct_oper_list.symmetry_operation   x,y,z 
_pdbx_struct_oper_list.matrix[1][1]         1.0000000000 
_pdbx_struct_oper_list.matrix[1][2]         0.0000000000 
_pdbx_struct_oper_list.matrix[1][3]         0.0000000000 
_pdbx_struct_oper_list.vector[1]            0.0000000000 
_pdbx_struct_oper_list.matrix[2][1]         0.0000000000 
_pdbx_struct_oper_list.matrix[2][2]         1.0000000000 
_pdbx_struct_oper_list.matrix[2][3]         0.0000000000 
_pdbx_struct_oper_list.vector[2]            0.0000000000 
_pdbx_struct_oper_list.matrix[3][1]         0.0000000000 
_pdbx_struct_oper_list.matrix[3][2]         0.0000000000 
_pdbx_struct_oper_list.matrix[3][3]         1.0000000000 
_pdbx_struct_oper_list.vector[3]            0.0000000000 
# 
loop_
_struct_conf.conf_type_id 
_struct_conf.id 
_struct_conf.pdbx_PDB_helix_id 
_struct_conf.beg_label_comp_id 
_struct_conf.beg_label_asym_id 
_struct_conf.beg_label_seq_id 
_struct_conf.pdbx_beg_PDB_ins_code 
_struct_conf.end_label_comp_id 
_struct_conf.end_label_asym_id 
_struct_conf.end_label_seq_id 
_struct_conf.pdbx_end_PDB_ins_code 
_struct_conf.beg_auth_comp_id 
_struct_conf.beg_auth_asym_id 
_struct_conf.beg_auth_seq_id 
_struct_conf.end_auth_comp_id 
_struct_conf.end_auth_asym_id 
_struct_conf.end_auth_seq_id 
_struct_conf.pdbx_PDB_helix_class 
_struct_conf.details 
_struct_conf.pdbx_PDB_helix_length 
HELX_P HELX_P1 AA1 ALA A 29  ? CYS A 44  ? ALA A 1320 CYS A 1335 1 ? 16 
HELX_P HELX_P2 AA2 GLU A 45  ? ARG A 51  ? GLU A 1336 ARG A 1342 5 ? 7  
HELX_P HELX_P3 AA3 ASP A 61  ? ILE A 66  ? ASP A 1352 ILE A 1357 1 ? 6  
HELX_P HELX_P4 AA4 ASP A 71  ? ALA A 81  ? ASP A 1362 ALA A 1372 1 ? 11 
HELX_P HELX_P5 AA5 SER A 86  ? THR A 105 ? SER A 1377 THR A 1396 1 ? 20 
HELX_P HELX_P6 AA6 SER A 110 ? LYS A 142 ? SER A 1401 LYS A 1433 1 ? 33 
# 
_struct_conf_type.id          HELX_P 
_struct_conf_type.criteria    ? 
_struct_conf_type.reference   ? 
# 
_struct_site.id                   AC1 
_struct_site.pdbx_evidence_code   Software 
_struct_site.pdbx_auth_asym_id    A 
_struct_site.pdbx_auth_comp_id    Y1A 
_struct_site.pdbx_auth_seq_id     1501 
_struct_site.pdbx_auth_ins_code   ? 
_struct_site.pdbx_num_residues    11 
_struct_site.details              'binding site for residue Y1A A 1501' 
# 
loop_
_struct_site_gen.id 
_struct_site_gen.site_id 
_struct_site_gen.pdbx_num_res 
_struct_site_gen.label_comp_id 
_struct_site_gen.label_asym_id 
_struct_site_gen.label_seq_id 
_struct_site_gen.pdbx_auth_ins_code 
_struct_site_gen.auth_comp_id 
_struct_site_gen.auth_asym_id 
_struct_site_gen.auth_seq_id 
_struct_site_gen.label_atom_id 
_struct_site_gen.label_alt_id 
_struct_site_gen.symmetry 
_struct_site_gen.details 
1  AC1 11 PRO A 49  ? PRO A 1340 . ? 1_555 ? 
2  AC1 11 GLN A 52  ? GLN A 1343 . ? 1_555 ? 
3  AC1 11 VAL A 54  ? VAL A 1345 . ? 1_555 ? 
4  AC1 11 GLU A 58  ? GLU A 1349 . ? 1_555 ? 
5  AC1 11 TYR A 59  ? TYR A 1350 . ? 1_555 ? 
6  AC1 11 SER A 101 ? SER A 1392 . ? 1_555 ? 
7  AC1 11 THR A 105 ? THR A 1396 . ? 1_555 ? 
8  AC1 11 SER A 110 ? SER A 1401 . ? 1_555 ? 
9  AC1 11 ILE A 112 ? ILE A 1403 . ? 1_555 ? 
10 AC1 11 HOH C .   ? HOH A 1601 . ? 1_555 ? 
11 AC1 11 HOH C .   ? HOH A 1624 . ? 1_555 ? 
# 
loop_
_pdbx_validate_close_contact.id 
_pdbx_validate_close_contact.PDB_model_num 
_pdbx_validate_close_contact.auth_atom_id_1 
_pdbx_validate_close_contact.auth_asym_id_1 
_pdbx_validate_close_contact.auth_comp_id_1 
_pdbx_validate_close_contact.auth_seq_id_1 
_pdbx_validate_close_contact.PDB_ins_code_1 
_pdbx_validate_close_contact.label_alt_id_1 
_pdbx_validate_close_contact.auth_atom_id_2 
_pdbx_validate_close_contact.auth_asym_id_2 
_pdbx_validate_close_contact.auth_comp_id_2 
_pdbx_validate_close_contact.auth_seq_id_2 
_pdbx_validate_close_contact.PDB_ins_code_2 
_pdbx_validate_close_contact.label_alt_id_2 
_pdbx_validate_close_contact.dist 
1 1 O A HOH 1635 ? ? O A HOH 1636 ? ? 1.79 
2 1 O A HOH 1663 ? ? O A HOH 1707 ? ? 1.82 
# 
loop_
_pdbx_struct_special_symmetry.id 
_pdbx_struct_special_symmetry.PDB_model_num 
_pdbx_struct_special_symmetry.auth_asym_id 
_pdbx_struct_special_symmetry.auth_comp_id 
_pdbx_struct_special_symmetry.auth_seq_id 
_pdbx_struct_special_symmetry.PDB_ins_code 
_pdbx_struct_special_symmetry.label_asym_id 
_pdbx_struct_special_symmetry.label_comp_id 
_pdbx_struct_special_symmetry.label_seq_id 
1 1 A HOH 1704 ? C HOH . 
2 1 A HOH 1787 ? C HOH . 
# 
_phasing.method   MR 
# 
loop_
_pdbx_unobs_or_zero_occ_residues.id 
_pdbx_unobs_or_zero_occ_residues.PDB_model_num 
_pdbx_unobs_or_zero_occ_residues.polymer_flag 
_pdbx_unobs_or_zero_occ_residues.occupancy_flag 
_pdbx_unobs_or_zero_occ_residues.auth_asym_id 
_pdbx_unobs_or_zero_occ_residues.auth_comp_id 
_pdbx_unobs_or_zero_occ_residues.auth_seq_id 
_pdbx_unobs_or_zero_occ_residues.PDB_ins_code 
_pdbx_unobs_or_zero_occ_residues.label_asym_id 
_pdbx_unobs_or_zero_occ_residues.label_comp_id 
_pdbx_unobs_or_zero_occ_residues.label_seq_id 
1  1 Y 1 A MET 1292 ? A MET 1   
2  1 Y 1 A HIS 1293 ? A HIS 2   
3  1 Y 1 A HIS 1294 ? A HIS 3   
4  1 Y 1 A HIS 1295 ? A HIS 4   
5  1 Y 1 A HIS 1296 ? A HIS 5   
6  1 Y 1 A HIS 1297 ? A HIS 6   
7  1 Y 1 A HIS 1298 ? A HIS 7   
8  1 Y 1 A SER 1299 ? A SER 8   
9  1 Y 1 A SER 1300 ? A SER 9   
10 1 Y 1 A GLY 1301 ? A GLY 10  
11 1 Y 1 A VAL 1302 ? A VAL 11  
12 1 Y 1 A ASP 1303 ? A ASP 12  
13 1 Y 1 A LEU 1304 ? A LEU 13  
14 1 Y 1 A GLY 1305 ? A GLY 14  
15 1 Y 1 A THR 1306 ? A THR 15  
16 1 Y 1 A GLU 1307 ? A GLU 16  
17 1 Y 1 A ASN 1308 ? A ASN 17  
18 1 Y 1 A LEU 1309 ? A LEU 18  
19 1 Y 1 A TYR 1310 ? A TYR 19  
20 1 Y 1 A PHE 1311 ? A PHE 20  
21 1 Y 1 A GLN 1312 ? A GLN 21  
22 1 Y 1 A SER 1313 ? A SER 22  
23 1 Y 1 A MET 1314 ? A MET 23  
24 1 Y 1 A SER 1315 ? A SER 24  
25 1 Y 1 A ASN 1435 ? A ASN 144 
26 1 Y 1 A THR 1436 ? A THR 145 
27 1 Y 1 A ILE 1437 ? A ILE 146 
28 1 Y 1 A THR 1438 ? A THR 147 
29 1 Y 1 A LYS 1439 ? A LYS 148 
30 1 Y 1 A ARG 1440 ? A ARG 149 
# 
loop_
_chem_comp_atom.comp_id 
_chem_comp_atom.atom_id 
_chem_comp_atom.type_symbol 
_chem_comp_atom.pdbx_aromatic_flag 
_chem_comp_atom.pdbx_stereo_config 
_chem_comp_atom.pdbx_ordinal 
ALA N    N N N 1   
ALA CA   C N S 2   
ALA C    C N N 3   
ALA O    O N N 4   
ALA CB   C N N 5   
ALA OXT  O N N 6   
ALA H    H N N 7   
ALA H2   H N N 8   
ALA HA   H N N 9   
ALA HB1  H N N 10  
ALA HB2  H N N 11  
ALA HB3  H N N 12  
ALA HXT  H N N 13  
ARG N    N N N 14  
ARG CA   C N S 15  
ARG C    C N N 16  
ARG O    O N N 17  
ARG CB   C N N 18  
ARG CG   C N N 19  
ARG CD   C N N 20  
ARG NE   N N N 21  
ARG CZ   C N N 22  
ARG NH1  N N N 23  
ARG NH2  N N N 24  
ARG OXT  O N N 25  
ARG H    H N N 26  
ARG H2   H N N 27  
ARG HA   H N N 28  
ARG HB2  H N N 29  
ARG HB3  H N N 30  
ARG HG2  H N N 31  
ARG HG3  H N N 32  
ARG HD2  H N N 33  
ARG HD3  H N N 34  
ARG HE   H N N 35  
ARG HH11 H N N 36  
ARG HH12 H N N 37  
ARG HH21 H N N 38  
ARG HH22 H N N 39  
ARG HXT  H N N 40  
ASN N    N N N 41  
ASN CA   C N S 42  
ASN C    C N N 43  
ASN O    O N N 44  
ASN CB   C N N 45  
ASN CG   C N N 46  
ASN OD1  O N N 47  
ASN ND2  N N N 48  
ASN OXT  O N N 49  
ASN H    H N N 50  
ASN H2   H N N 51  
ASN HA   H N N 52  
ASN HB2  H N N 53  
ASN HB3  H N N 54  
ASN HD21 H N N 55  
ASN HD22 H N N 56  
ASN HXT  H N N 57  
ASP N    N N N 58  
ASP CA   C N S 59  
ASP C    C N N 60  
ASP O    O N N 61  
ASP CB   C N N 62  
ASP CG   C N N 63  
ASP OD1  O N N 64  
ASP OD2  O N N 65  
ASP OXT  O N N 66  
ASP H    H N N 67  
ASP H2   H N N 68  
ASP HA   H N N 69  
ASP HB2  H N N 70  
ASP HB3  H N N 71  
ASP HD2  H N N 72  
ASP HXT  H N N 73  
CYS N    N N N 74  
CYS CA   C N R 75  
CYS C    C N N 76  
CYS O    O N N 77  
CYS CB   C N N 78  
CYS SG   S N N 79  
CYS OXT  O N N 80  
CYS H    H N N 81  
CYS H2   H N N 82  
CYS HA   H N N 83  
CYS HB2  H N N 84  
CYS HB3  H N N 85  
CYS HG   H N N 86  
CYS HXT  H N N 87  
GLN N    N N N 88  
GLN CA   C N S 89  
GLN C    C N N 90  
GLN O    O N N 91  
GLN CB   C N N 92  
GLN CG   C N N 93  
GLN CD   C N N 94  
GLN OE1  O N N 95  
GLN NE2  N N N 96  
GLN OXT  O N N 97  
GLN H    H N N 98  
GLN H2   H N N 99  
GLN HA   H N N 100 
GLN HB2  H N N 101 
GLN HB3  H N N 102 
GLN HG2  H N N 103 
GLN HG3  H N N 104 
GLN HE21 H N N 105 
GLN HE22 H N N 106 
GLN HXT  H N N 107 
GLU N    N N N 108 
GLU CA   C N S 109 
GLU C    C N N 110 
GLU O    O N N 111 
GLU CB   C N N 112 
GLU CG   C N N 113 
GLU CD   C N N 114 
GLU OE1  O N N 115 
GLU OE2  O N N 116 
GLU OXT  O N N 117 
GLU H    H N N 118 
GLU H2   H N N 119 
GLU HA   H N N 120 
GLU HB2  H N N 121 
GLU HB3  H N N 122 
GLU HG2  H N N 123 
GLU HG3  H N N 124 
GLU HE2  H N N 125 
GLU HXT  H N N 126 
GLY N    N N N 127 
GLY CA   C N N 128 
GLY C    C N N 129 
GLY O    O N N 130 
GLY OXT  O N N 131 
GLY H    H N N 132 
GLY H2   H N N 133 
GLY HA2  H N N 134 
GLY HA3  H N N 135 
GLY HXT  H N N 136 
HIS N    N N N 137 
HIS CA   C N S 138 
HIS C    C N N 139 
HIS O    O N N 140 
HIS CB   C N N 141 
HIS CG   C Y N 142 
HIS ND1  N Y N 143 
HIS CD2  C Y N 144 
HIS CE1  C Y N 145 
HIS NE2  N Y N 146 
HIS OXT  O N N 147 
HIS H    H N N 148 
HIS H2   H N N 149 
HIS HA   H N N 150 
HIS HB2  H N N 151 
HIS HB3  H N N 152 
HIS HD1  H N N 153 
HIS HD2  H N N 154 
HIS HE1  H N N 155 
HIS HE2  H N N 156 
HIS HXT  H N N 157 
HOH O    O N N 158 
HOH H1   H N N 159 
HOH H2   H N N 160 
ILE N    N N N 161 
ILE CA   C N S 162 
ILE C    C N N 163 
ILE O    O N N 164 
ILE CB   C N S 165 
ILE CG1  C N N 166 
ILE CG2  C N N 167 
ILE CD1  C N N 168 
ILE OXT  O N N 169 
ILE H    H N N 170 
ILE H2   H N N 171 
ILE HA   H N N 172 
ILE HB   H N N 173 
ILE HG12 H N N 174 
ILE HG13 H N N 175 
ILE HG21 H N N 176 
ILE HG22 H N N 177 
ILE HG23 H N N 178 
ILE HD11 H N N 179 
ILE HD12 H N N 180 
ILE HD13 H N N 181 
ILE HXT  H N N 182 
LEU N    N N N 183 
LEU CA   C N S 184 
LEU C    C N N 185 
LEU O    O N N 186 
LEU CB   C N N 187 
LEU CG   C N N 188 
LEU CD1  C N N 189 
LEU CD2  C N N 190 
LEU OXT  O N N 191 
LEU H    H N N 192 
LEU H2   H N N 193 
LEU HA   H N N 194 
LEU HB2  H N N 195 
LEU HB3  H N N 196 
LEU HG   H N N 197 
LEU HD11 H N N 198 
LEU HD12 H N N 199 
LEU HD13 H N N 200 
LEU HD21 H N N 201 
LEU HD22 H N N 202 
LEU HD23 H N N 203 
LEU HXT  H N N 204 
LYS N    N N N 205 
LYS CA   C N S 206 
LYS C    C N N 207 
LYS O    O N N 208 
LYS CB   C N N 209 
LYS CG   C N N 210 
LYS CD   C N N 211 
LYS CE   C N N 212 
LYS NZ   N N N 213 
LYS OXT  O N N 214 
LYS H    H N N 215 
LYS H2   H N N 216 
LYS HA   H N N 217 
LYS HB2  H N N 218 
LYS HB3  H N N 219 
LYS HG2  H N N 220 
LYS HG3  H N N 221 
LYS HD2  H N N 222 
LYS HD3  H N N 223 
LYS HE2  H N N 224 
LYS HE3  H N N 225 
LYS HZ1  H N N 226 
LYS HZ2  H N N 227 
LYS HZ3  H N N 228 
LYS HXT  H N N 229 
MET N    N N N 230 
MET CA   C N S 231 
MET C    C N N 232 
MET O    O N N 233 
MET CB   C N N 234 
MET CG   C N N 235 
MET SD   S N N 236 
MET CE   C N N 237 
MET OXT  O N N 238 
MET H    H N N 239 
MET H2   H N N 240 
MET HA   H N N 241 
MET HB2  H N N 242 
MET HB3  H N N 243 
MET HG2  H N N 244 
MET HG3  H N N 245 
MET HE1  H N N 246 
MET HE2  H N N 247 
MET HE3  H N N 248 
MET HXT  H N N 249 
PHE N    N N N 250 
PHE CA   C N S 251 
PHE C    C N N 252 
PHE O    O N N 253 
PHE CB   C N N 254 
PHE CG   C Y N 255 
PHE CD1  C Y N 256 
PHE CD2  C Y N 257 
PHE CE1  C Y N 258 
PHE CE2  C Y N 259 
PHE CZ   C Y N 260 
PHE OXT  O N N 261 
PHE H    H N N 262 
PHE H2   H N N 263 
PHE HA   H N N 264 
PHE HB2  H N N 265 
PHE HB3  H N N 266 
PHE HD1  H N N 267 
PHE HD2  H N N 268 
PHE HE1  H N N 269 
PHE HE2  H N N 270 
PHE HZ   H N N 271 
PHE HXT  H N N 272 
PRO N    N N N 273 
PRO CA   C N S 274 
PRO C    C N N 275 
PRO O    O N N 276 
PRO CB   C N N 277 
PRO CG   C N N 278 
PRO CD   C N N 279 
PRO OXT  O N N 280 
PRO H    H N N 281 
PRO HA   H N N 282 
PRO HB2  H N N 283 
PRO HB3  H N N 284 
PRO HG2  H N N 285 
PRO HG3  H N N 286 
PRO HD2  H N N 287 
PRO HD3  H N N 288 
PRO HXT  H N N 289 
SER N    N N N 290 
SER CA   C N S 291 
SER C    C N N 292 
SER O    O N N 293 
SER CB   C N N 294 
SER OG   O N N 295 
SER OXT  O N N 296 
SER H    H N N 297 
SER H2   H N N 298 
SER HA   H N N 299 
SER HB2  H N N 300 
SER HB3  H N N 301 
SER HG   H N N 302 
SER HXT  H N N 303 
THR N    N N N 304 
THR CA   C N S 305 
THR C    C N N 306 
THR O    O N N 307 
THR CB   C N R 308 
THR OG1  O N N 309 
THR CG2  C N N 310 
THR OXT  O N N 311 
THR H    H N N 312 
THR H2   H N N 313 
THR HA   H N N 314 
THR HB   H N N 315 
THR HG1  H N N 316 
THR HG21 H N N 317 
THR HG22 H N N 318 
THR HG23 H N N 319 
THR HXT  H N N 320 
TRP N    N N N 321 
TRP CA   C N S 322 
TRP C    C N N 323 
TRP O    O N N 324 
TRP CB   C N N 325 
TRP CG   C Y N 326 
TRP CD1  C Y N 327 
TRP CD2  C Y N 328 
TRP NE1  N Y N 329 
TRP CE2  C Y N 330 
TRP CE3  C Y N 331 
TRP CZ2  C Y N 332 
TRP CZ3  C Y N 333 
TRP CH2  C Y N 334 
TRP OXT  O N N 335 
TRP H    H N N 336 
TRP H2   H N N 337 
TRP HA   H N N 338 
TRP HB2  H N N 339 
TRP HB3  H N N 340 
TRP HD1  H N N 341 
TRP HE1  H N N 342 
TRP HE3  H N N 343 
TRP HZ2  H N N 344 
TRP HZ3  H N N 345 
TRP HH2  H N N 346 
TRP HXT  H N N 347 
TYR N    N N N 348 
TYR CA   C N S 349 
TYR C    C N N 350 
TYR O    O N N 351 
TYR CB   C N N 352 
TYR CG   C Y N 353 
TYR CD1  C Y N 354 
TYR CD2  C Y N 355 
TYR CE1  C Y N 356 
TYR CE2  C Y N 357 
TYR CZ   C Y N 358 
TYR OH   O N N 359 
TYR OXT  O N N 360 
TYR H    H N N 361 
TYR H2   H N N 362 
TYR HA   H N N 363 
TYR HB2  H N N 364 
TYR HB3  H N N 365 
TYR HD1  H N N 366 
TYR HD2  H N N 367 
TYR HE1  H N N 368 
TYR HE2  H N N 369 
TYR HH   H N N 370 
TYR HXT  H N N 371 
VAL N    N N N 372 
VAL CA   C N S 373 
VAL C    C N N 374 
VAL O    O N N 375 
VAL CB   C N N 376 
VAL CG1  C N N 377 
VAL CG2  C N N 378 
VAL OXT  O N N 379 
VAL H    H N N 380 
VAL H2   H N N 381 
VAL HA   H N N 382 
VAL HB   H N N 383 
VAL HG11 H N N 384 
VAL HG12 H N N 385 
VAL HG13 H N N 386 
VAL HG21 H N N 387 
VAL HG22 H N N 388 
VAL HG23 H N N 389 
VAL HXT  H N N 390 
Y1A N1   N N N 391 
Y1A C4   C N N 392 
Y1A C5   C N N 393 
Y1A C6   C N N 394 
Y1A C7   C Y N 395 
Y1A C8   C Y N 396 
Y1A C10  C Y N 397 
Y1A N    N N N 398 
Y1A C    C N N 399 
Y1A O    O N N 400 
Y1A C1   C N N 401 
Y1A C11  C N N 402 
Y1A C12  C N N 403 
Y1A C2   C N N 404 
Y1A C3   C N N 405 
Y1A C9   C Y N 406 
Y1A N2   N N N 407 
Y1A O1   O N N 408 
Y1A O2   O Y N 409 
Y1A H9   H N N 410 
Y1A H8   H N N 411 
Y1A H11  H N N 412 
Y1A H10  H N N 413 
Y1A H12  H N N 414 
Y1A H14  H N N 415 
Y1A H7   H N N 416 
Y1A H2   H N N 417 
Y1A H1   H N N 418 
Y1A H    H N N 419 
Y1A H3   H N N 420 
Y1A H15  H N N 421 
Y1A H16  H N N 422 
Y1A H18  H N N 423 
Y1A H17  H N N 424 
Y1A H4   H N N 425 
Y1A H5   H N N 426 
Y1A H6   H N N 427 
Y1A H13  H N N 428 
# 
loop_
_chem_comp_bond.comp_id 
_chem_comp_bond.atom_id_1 
_chem_comp_bond.atom_id_2 
_chem_comp_bond.value_order 
_chem_comp_bond.pdbx_aromatic_flag 
_chem_comp_bond.pdbx_stereo_config 
_chem_comp_bond.pdbx_ordinal 
ALA N   CA   sing N N 1   
ALA N   H    sing N N 2   
ALA N   H2   sing N N 3   
ALA CA  C    sing N N 4   
ALA CA  CB   sing N N 5   
ALA CA  HA   sing N N 6   
ALA C   O    doub N N 7   
ALA C   OXT  sing N N 8   
ALA CB  HB1  sing N N 9   
ALA CB  HB2  sing N N 10  
ALA CB  HB3  sing N N 11  
ALA OXT HXT  sing N N 12  
ARG N   CA   sing N N 13  
ARG N   H    sing N N 14  
ARG N   H2   sing N N 15  
ARG CA  C    sing N N 16  
ARG CA  CB   sing N N 17  
ARG CA  HA   sing N N 18  
ARG C   O    doub N N 19  
ARG C   OXT  sing N N 20  
ARG CB  CG   sing N N 21  
ARG CB  HB2  sing N N 22  
ARG CB  HB3  sing N N 23  
ARG CG  CD   sing N N 24  
ARG CG  HG2  sing N N 25  
ARG CG  HG3  sing N N 26  
ARG CD  NE   sing N N 27  
ARG CD  HD2  sing N N 28  
ARG CD  HD3  sing N N 29  
ARG NE  CZ   sing N N 30  
ARG NE  HE   sing N N 31  
ARG CZ  NH1  sing N N 32  
ARG CZ  NH2  doub N N 33  
ARG NH1 HH11 sing N N 34  
ARG NH1 HH12 sing N N 35  
ARG NH2 HH21 sing N N 36  
ARG NH2 HH22 sing N N 37  
ARG OXT HXT  sing N N 38  
ASN N   CA   sing N N 39  
ASN N   H    sing N N 40  
ASN N   H2   sing N N 41  
ASN CA  C    sing N N 42  
ASN CA  CB   sing N N 43  
ASN CA  HA   sing N N 44  
ASN C   O    doub N N 45  
ASN C   OXT  sing N N 46  
ASN CB  CG   sing N N 47  
ASN CB  HB2  sing N N 48  
ASN CB  HB3  sing N N 49  
ASN CG  OD1  doub N N 50  
ASN CG  ND2  sing N N 51  
ASN ND2 HD21 sing N N 52  
ASN ND2 HD22 sing N N 53  
ASN OXT HXT  sing N N 54  
ASP N   CA   sing N N 55  
ASP N   H    sing N N 56  
ASP N   H2   sing N N 57  
ASP CA  C    sing N N 58  
ASP CA  CB   sing N N 59  
ASP CA  HA   sing N N 60  
ASP C   O    doub N N 61  
ASP C   OXT  sing N N 62  
ASP CB  CG   sing N N 63  
ASP CB  HB2  sing N N 64  
ASP CB  HB3  sing N N 65  
ASP CG  OD1  doub N N 66  
ASP CG  OD2  sing N N 67  
ASP OD2 HD2  sing N N 68  
ASP OXT HXT  sing N N 69  
CYS N   CA   sing N N 70  
CYS N   H    sing N N 71  
CYS N   H2   sing N N 72  
CYS CA  C    sing N N 73  
CYS CA  CB   sing N N 74  
CYS CA  HA   sing N N 75  
CYS C   O    doub N N 76  
CYS C   OXT  sing N N 77  
CYS CB  SG   sing N N 78  
CYS CB  HB2  sing N N 79  
CYS CB  HB3  sing N N 80  
CYS SG  HG   sing N N 81  
CYS OXT HXT  sing N N 82  
GLN N   CA   sing N N 83  
GLN N   H    sing N N 84  
GLN N   H2   sing N N 85  
GLN CA  C    sing N N 86  
GLN CA  CB   sing N N 87  
GLN CA  HA   sing N N 88  
GLN C   O    doub N N 89  
GLN C   OXT  sing N N 90  
GLN CB  CG   sing N N 91  
GLN CB  HB2  sing N N 92  
GLN CB  HB3  sing N N 93  
GLN CG  CD   sing N N 94  
GLN CG  HG2  sing N N 95  
GLN CG  HG3  sing N N 96  
GLN CD  OE1  doub N N 97  
GLN CD  NE2  sing N N 98  
GLN NE2 HE21 sing N N 99  
GLN NE2 HE22 sing N N 100 
GLN OXT HXT  sing N N 101 
GLU N   CA   sing N N 102 
GLU N   H    sing N N 103 
GLU N   H2   sing N N 104 
GLU CA  C    sing N N 105 
GLU CA  CB   sing N N 106 
GLU CA  HA   sing N N 107 
GLU C   O    doub N N 108 
GLU C   OXT  sing N N 109 
GLU CB  CG   sing N N 110 
GLU CB  HB2  sing N N 111 
GLU CB  HB3  sing N N 112 
GLU CG  CD   sing N N 113 
GLU CG  HG2  sing N N 114 
GLU CG  HG3  sing N N 115 
GLU CD  OE1  doub N N 116 
GLU CD  OE2  sing N N 117 
GLU OE2 HE2  sing N N 118 
GLU OXT HXT  sing N N 119 
GLY N   CA   sing N N 120 
GLY N   H    sing N N 121 
GLY N   H2   sing N N 122 
GLY CA  C    sing N N 123 
GLY CA  HA2  sing N N 124 
GLY CA  HA3  sing N N 125 
GLY C   O    doub N N 126 
GLY C   OXT  sing N N 127 
GLY OXT HXT  sing N N 128 
HIS N   CA   sing N N 129 
HIS N   H    sing N N 130 
HIS N   H2   sing N N 131 
HIS CA  C    sing N N 132 
HIS CA  CB   sing N N 133 
HIS CA  HA   sing N N 134 
HIS C   O    doub N N 135 
HIS C   OXT  sing N N 136 
HIS CB  CG   sing N N 137 
HIS CB  HB2  sing N N 138 
HIS CB  HB3  sing N N 139 
HIS CG  ND1  sing Y N 140 
HIS CG  CD2  doub Y N 141 
HIS ND1 CE1  doub Y N 142 
HIS ND1 HD1  sing N N 143 
HIS CD2 NE2  sing Y N 144 
HIS CD2 HD2  sing N N 145 
HIS CE1 NE2  sing Y N 146 
HIS CE1 HE1  sing N N 147 
HIS NE2 HE2  sing N N 148 
HIS OXT HXT  sing N N 149 
HOH O   H1   sing N N 150 
HOH O   H2   sing N N 151 
ILE N   CA   sing N N 152 
ILE N   H    sing N N 153 
ILE N   H2   sing N N 154 
ILE CA  C    sing N N 155 
ILE CA  CB   sing N N 156 
ILE CA  HA   sing N N 157 
ILE C   O    doub N N 158 
ILE C   OXT  sing N N 159 
ILE CB  CG1  sing N N 160 
ILE CB  CG2  sing N N 161 
ILE CB  HB   sing N N 162 
ILE CG1 CD1  sing N N 163 
ILE CG1 HG12 sing N N 164 
ILE CG1 HG13 sing N N 165 
ILE CG2 HG21 sing N N 166 
ILE CG2 HG22 sing N N 167 
ILE CG2 HG23 sing N N 168 
ILE CD1 HD11 sing N N 169 
ILE CD1 HD12 sing N N 170 
ILE CD1 HD13 sing N N 171 
ILE OXT HXT  sing N N 172 
LEU N   CA   sing N N 173 
LEU N   H    sing N N 174 
LEU N   H2   sing N N 175 
LEU CA  C    sing N N 176 
LEU CA  CB   sing N N 177 
LEU CA  HA   sing N N 178 
LEU C   O    doub N N 179 
LEU C   OXT  sing N N 180 
LEU CB  CG   sing N N 181 
LEU CB  HB2  sing N N 182 
LEU CB  HB3  sing N N 183 
LEU CG  CD1  sing N N 184 
LEU CG  CD2  sing N N 185 
LEU CG  HG   sing N N 186 
LEU CD1 HD11 sing N N 187 
LEU CD1 HD12 sing N N 188 
LEU CD1 HD13 sing N N 189 
LEU CD2 HD21 sing N N 190 
LEU CD2 HD22 sing N N 191 
LEU CD2 HD23 sing N N 192 
LEU OXT HXT  sing N N 193 
LYS N   CA   sing N N 194 
LYS N   H    sing N N 195 
LYS N   H2   sing N N 196 
LYS CA  C    sing N N 197 
LYS CA  CB   sing N N 198 
LYS CA  HA   sing N N 199 
LYS C   O    doub N N 200 
LYS C   OXT  sing N N 201 
LYS CB  CG   sing N N 202 
LYS CB  HB2  sing N N 203 
LYS CB  HB3  sing N N 204 
LYS CG  CD   sing N N 205 
LYS CG  HG2  sing N N 206 
LYS CG  HG3  sing N N 207 
LYS CD  CE   sing N N 208 
LYS CD  HD2  sing N N 209 
LYS CD  HD3  sing N N 210 
LYS CE  NZ   sing N N 211 
LYS CE  HE2  sing N N 212 
LYS CE  HE3  sing N N 213 
LYS NZ  HZ1  sing N N 214 
LYS NZ  HZ2  sing N N 215 
LYS NZ  HZ3  sing N N 216 
LYS OXT HXT  sing N N 217 
MET N   CA   sing N N 218 
MET N   H    sing N N 219 
MET N   H2   sing N N 220 
MET CA  C    sing N N 221 
MET CA  CB   sing N N 222 
MET CA  HA   sing N N 223 
MET C   O    doub N N 224 
MET C   OXT  sing N N 225 
MET CB  CG   sing N N 226 
MET CB  HB2  sing N N 227 
MET CB  HB3  sing N N 228 
MET CG  SD   sing N N 229 
MET CG  HG2  sing N N 230 
MET CG  HG3  sing N N 231 
MET SD  CE   sing N N 232 
MET CE  HE1  sing N N 233 
MET CE  HE2  sing N N 234 
MET CE  HE3  sing N N 235 
MET OXT HXT  sing N N 236 
PHE N   CA   sing N N 237 
PHE N   H    sing N N 238 
PHE N   H2   sing N N 239 
PHE CA  C    sing N N 240 
PHE CA  CB   sing N N 241 
PHE CA  HA   sing N N 242 
PHE C   O    doub N N 243 
PHE C   OXT  sing N N 244 
PHE CB  CG   sing N N 245 
PHE CB  HB2  sing N N 246 
PHE CB  HB3  sing N N 247 
PHE CG  CD1  doub Y N 248 
PHE CG  CD2  sing Y N 249 
PHE CD1 CE1  sing Y N 250 
PHE CD1 HD1  sing N N 251 
PHE CD2 CE2  doub Y N 252 
PHE CD2 HD2  sing N N 253 
PHE CE1 CZ   doub Y N 254 
PHE CE1 HE1  sing N N 255 
PHE CE2 CZ   sing Y N 256 
PHE CE2 HE2  sing N N 257 
PHE CZ  HZ   sing N N 258 
PHE OXT HXT  sing N N 259 
PRO N   CA   sing N N 260 
PRO N   CD   sing N N 261 
PRO N   H    sing N N 262 
PRO CA  C    sing N N 263 
PRO CA  CB   sing N N 264 
PRO CA  HA   sing N N 265 
PRO C   O    doub N N 266 
PRO C   OXT  sing N N 267 
PRO CB  CG   sing N N 268 
PRO CB  HB2  sing N N 269 
PRO CB  HB3  sing N N 270 
PRO CG  CD   sing N N 271 
PRO CG  HG2  sing N N 272 
PRO CG  HG3  sing N N 273 
PRO CD  HD2  sing N N 274 
PRO CD  HD3  sing N N 275 
PRO OXT HXT  sing N N 276 
SER N   CA   sing N N 277 
SER N   H    sing N N 278 
SER N   H2   sing N N 279 
SER CA  C    sing N N 280 
SER CA  CB   sing N N 281 
SER CA  HA   sing N N 282 
SER C   O    doub N N 283 
SER C   OXT  sing N N 284 
SER CB  OG   sing N N 285 
SER CB  HB2  sing N N 286 
SER CB  HB3  sing N N 287 
SER OG  HG   sing N N 288 
SER OXT HXT  sing N N 289 
THR N   CA   sing N N 290 
THR N   H    sing N N 291 
THR N   H2   sing N N 292 
THR CA  C    sing N N 293 
THR CA  CB   sing N N 294 
THR CA  HA   sing N N 295 
THR C   O    doub N N 296 
THR C   OXT  sing N N 297 
THR CB  OG1  sing N N 298 
THR CB  CG2  sing N N 299 
THR CB  HB   sing N N 300 
THR OG1 HG1  sing N N 301 
THR CG2 HG21 sing N N 302 
THR CG2 HG22 sing N N 303 
THR CG2 HG23 sing N N 304 
THR OXT HXT  sing N N 305 
TRP N   CA   sing N N 306 
TRP N   H    sing N N 307 
TRP N   H2   sing N N 308 
TRP CA  C    sing N N 309 
TRP CA  CB   sing N N 310 
TRP CA  HA   sing N N 311 
TRP C   O    doub N N 312 
TRP C   OXT  sing N N 313 
TRP CB  CG   sing N N 314 
TRP CB  HB2  sing N N 315 
TRP CB  HB3  sing N N 316 
TRP CG  CD1  doub Y N 317 
TRP CG  CD2  sing Y N 318 
TRP CD1 NE1  sing Y N 319 
TRP CD1 HD1  sing N N 320 
TRP CD2 CE2  doub Y N 321 
TRP CD2 CE3  sing Y N 322 
TRP NE1 CE2  sing Y N 323 
TRP NE1 HE1  sing N N 324 
TRP CE2 CZ2  sing Y N 325 
TRP CE3 CZ3  doub Y N 326 
TRP CE3 HE3  sing N N 327 
TRP CZ2 CH2  doub Y N 328 
TRP CZ2 HZ2  sing N N 329 
TRP CZ3 CH2  sing Y N 330 
TRP CZ3 HZ3  sing N N 331 
TRP CH2 HH2  sing N N 332 
TRP OXT HXT  sing N N 333 
TYR N   CA   sing N N 334 
TYR N   H    sing N N 335 
TYR N   H2   sing N N 336 
TYR CA  C    sing N N 337 
TYR CA  CB   sing N N 338 
TYR CA  HA   sing N N 339 
TYR C   O    doub N N 340 
TYR C   OXT  sing N N 341 
TYR CB  CG   sing N N 342 
TYR CB  HB2  sing N N 343 
TYR CB  HB3  sing N N 344 
TYR CG  CD1  doub Y N 345 
TYR CG  CD2  sing Y N 346 
TYR CD1 CE1  sing Y N 347 
TYR CD1 HD1  sing N N 348 
TYR CD2 CE2  doub Y N 349 
TYR CD2 HD2  sing N N 350 
TYR CE1 CZ   doub Y N 351 
TYR CE1 HE1  sing N N 352 
TYR CE2 CZ   sing Y N 353 
TYR CE2 HE2  sing N N 354 
TYR CZ  OH   sing N N 355 
TYR OH  HH   sing N N 356 
TYR OXT HXT  sing N N 357 
VAL N   CA   sing N N 358 
VAL N   H    sing N N 359 
VAL N   H2   sing N N 360 
VAL CA  C    sing N N 361 
VAL CA  CB   sing N N 362 
VAL CA  HA   sing N N 363 
VAL C   O    doub N N 364 
VAL C   OXT  sing N N 365 
VAL CB  CG1  sing N N 366 
VAL CB  CG2  sing N N 367 
VAL CB  HB   sing N N 368 
VAL CG1 HG11 sing N N 369 
VAL CG1 HG12 sing N N 370 
VAL CG1 HG13 sing N N 371 
VAL CG2 HG21 sing N N 372 
VAL CG2 HG22 sing N N 373 
VAL CG2 HG23 sing N N 374 
VAL OXT HXT  sing N N 375 
Y1A C   C1   sing N N 376 
Y1A C2  C1   sing N N 377 
Y1A C1  N    sing N N 378 
Y1A N   C3   sing N N 379 
Y1A O   C3   doub N N 380 
Y1A C3  N1   sing N N 381 
Y1A N1  C4   sing N N 382 
Y1A C4  C5   sing N N 383 
Y1A C5  N2   sing N N 384 
Y1A N2  C6   sing N N 385 
Y1A C6  O1   doub N N 386 
Y1A C7  C6   sing N N 387 
Y1A C7  C8   doub Y N 388 
Y1A C8  C9   sing Y N 389 
Y1A C9  C10  doub Y N 390 
Y1A C10 O2   sing Y N 391 
Y1A O2  C7   sing Y N 392 
Y1A C11 N2   sing N N 393 
Y1A C12 C11  sing N N 394 
Y1A N1  C12  sing N N 395 
Y1A C4  H9   sing N N 396 
Y1A C4  H8   sing N N 397 
Y1A C5  H11  sing N N 398 
Y1A C5  H10  sing N N 399 
Y1A C8  H12  sing N N 400 
Y1A C10 H14  sing N N 401 
Y1A N   H7   sing N N 402 
Y1A C   H2   sing N N 403 
Y1A C   H1   sing N N 404 
Y1A C   H    sing N N 405 
Y1A C1  H3   sing N N 406 
Y1A C11 H15  sing N N 407 
Y1A C11 H16  sing N N 408 
Y1A C12 H18  sing N N 409 
Y1A C12 H17  sing N N 410 
Y1A C2  H4   sing N N 411 
Y1A C2  H5   sing N N 412 
Y1A C2  H6   sing N N 413 
Y1A C9  H13  sing N N 414 
# 
_pdbx_deposit_group.group_id            G_1002190 
_pdbx_deposit_group.group_description   
;XDomainX of XOrganismX PHIP screened against crude reaction mixtures by X-ray Crystallography at the XChem facility of Diamond Light Source beamline I04-1
;
_pdbx_deposit_group.group_title         'PanDDA analysis group deposition' 
_pdbx_deposit_group.group_type          'changed state' 
# 
_atom_sites.entry_id                    5S8V 
_atom_sites.fract_transf_matrix[1][1]   0.00379684 
_atom_sites.fract_transf_matrix[1][2]   0.00076777 
_atom_sites.fract_transf_matrix[1][3]   -0.01181185 
_atom_sites.fract_transf_matrix[2][1]   0.02616545 
_atom_sites.fract_transf_matrix[2][2]   0.02359445 
_atom_sites.fract_transf_matrix[2][3]   0.00994436 
_atom_sites.fract_transf_matrix[3][1]   0.01219232 
_atom_sites.fract_transf_matrix[3][2]   -0.01339585 
_atom_sites.fract_transf_matrix[3][3]   -0.00029662 
_atom_sites.fract_transf_vector[1]      -0.146949 
_atom_sites.fract_transf_vector[2]      0.456417 
_atom_sites.fract_transf_vector[3]      0.232822 
# 
loop_
_atom_type.symbol 
C 
N 
O 
S 
# 
loop_
_atom_site.group_PDB 
_atom_site.id 
_atom_site.type_symbol 
_atom_site.label_atom_id 
_atom_site.label_alt_id 
_atom_site.label_comp_id 
_atom_site.label_asym_id 
_atom_site.label_entity_id 
_atom_site.label_seq_id 
_atom_site.pdbx_PDB_ins_code 
_atom_site.Cartn_x 
_atom_site.Cartn_y 
_atom_site.Cartn_z 
_atom_site.occupancy 
_atom_site.B_iso_or_equiv 
_atom_site.pdbx_formal_charge 
_atom_site.auth_seq_id 
_atom_site.auth_comp_id 
_atom_site.auth_asym_id 
_atom_site.auth_atom_id 
_atom_site.pdbx_PDB_model_num 
ATOM   1    N N   . TYR A 1 25  ? -14.819 18.620  -5.629  1.00 19.07 ? 1316 TYR A N   1 
ATOM   2    C CA  . TYR A 1 25  ? -15.233 17.643  -6.685  1.00 15.80 ? 1316 TYR A CA  1 
ATOM   3    C C   . TYR A 1 25  ? -14.120 17.503  -7.741  1.00 12.80 ? 1316 TYR A C   1 
ATOM   4    O O   . TYR A 1 25  ? -14.404 17.182  -8.882  1.00 12.43 ? 1316 TYR A O   1 
ATOM   5    C CB  . TYR A 1 25  ? -16.550 17.991  -7.354  1.00 18.40 ? 1316 TYR A CB  1 
ATOM   6    C CG  . TYR A 1 25  ? -17.736 18.106  -6.429  1.00 17.49 ? 1316 TYR A CG  1 
ATOM   7    C CD1 . TYR A 1 25  ? -18.157 17.055  -5.636  1.00 17.44 ? 1316 TYR A CD1 1 
ATOM   8    C CD2 . TYR A 1 25  ? -18.500 19.256  -6.461  1.00 18.20 ? 1316 TYR A CD2 1 
ATOM   9    C CE1 . TYR A 1 25  ? -19.265 17.183  -4.808  1.00 17.22 ? 1316 TYR A CE1 1 
ATOM   10   C CE2 . TYR A 1 25  ? -19.617 19.400  -5.646  1.00 18.49 ? 1316 TYR A CE2 1 
ATOM   11   C CZ  . TYR A 1 25  ? -20.001 18.354  -4.829  1.00 18.08 ? 1316 TYR A CZ  1 
ATOM   12   O OH  . TYR A 1 25  ? -21.134 18.450  -4.047  1.00 20.75 ? 1316 TYR A OH  1 
ATOM   13   N N   . ASP A 1 26  ? -12.879 17.643  -7.302  1.00 12.25 ? 1317 ASP A N   1 
ATOM   14   C CA  . ASP A 1 26  ? -11.674 17.515  -8.180  1.00 11.65 ? 1317 ASP A CA  1 
ATOM   15   C C   . ASP A 1 26  ? -11.405 16.028  -8.385  1.00 11.29 ? 1317 ASP A C   1 
ATOM   16   O O   . ASP A 1 26  ? -10.935 15.333  -7.441  1.00 11.86 ? 1317 ASP A O   1 
ATOM   17   C CB  . ASP A 1 26  ? -10.493 18.260  -7.592  1.00 12.51 ? 1317 ASP A CB  1 
ATOM   18   C CG  . ASP A 1 26  ? -9.217  18.199  -8.408  1.00 11.83 ? 1317 ASP A CG  1 
ATOM   19   O OD1 . ASP A 1 26  ? -9.117  17.328  -9.304  1.00 12.76 ? 1317 ASP A OD1 1 
ATOM   20   O OD2 . ASP A 1 26  ? -8.382  19.139  -8.214  1.00 16.45 ? 1317 ASP A OD2 1 
ATOM   21   N N   . ILE A 1 27  ? -11.628 15.526  -9.580  1.00 9.91  ? 1318 ILE A N   1 
ATOM   22   C CA  . ILE A 1 27  ? -11.488 14.099  -9.959  1.00 10.51 ? 1318 ILE A CA  1 
ATOM   23   C C   . ILE A 1 27  ? -10.017 13.710  -9.987  1.00 9.65  ? 1318 ILE A C   1 
ATOM   24   O O   . ILE A 1 27  ? -9.778  12.489  -9.888  1.00 11.30 ? 1318 ILE A O   1 
ATOM   25   C CB  . ILE A 1 27  ? -12.116 13.863  -11.345 1.00 13.00 ? 1318 ILE A CB  1 
ATOM   26   C CG1 . ILE A 1 27  ? -13.620 14.145  -11.366 1.00 14.50 ? 1318 ILE A CG1 1 
ATOM   27   C CG2 . ILE A 1 27  ? -11.782 12.499  -11.959 1.00 15.34 ? 1318 ILE A CG2 1 
ATOM   28   C CD1 . ILE A 1 27  ? -14.125 14.313  -12.799 1.00 16.29 ? 1318 ILE A CD1 1 
ATOM   29   N N   . GLN A 1 28  ? -9.083  14.655  -10.071 1.00 9.11  ? 1319 GLN A N   1 
ATOM   30   C CA  . GLN A 1 28  ? -7.639  14.310  -10.134 1.00 9.70  ? 1319 GLN A CA  1 
ATOM   31   C C   . GLN A 1 28  ? -6.934  14.432  -8.779  1.00 10.14 ? 1319 GLN A C   1 
ATOM   32   O O   . GLN A 1 28  ? -5.756  14.049  -8.683  1.00 10.13 ? 1319 GLN A O   1 
ATOM   33   C CB  . GLN A 1 28  ? -6.923  15.189  -11.173 1.00 10.17 ? 1319 GLN A CB  1 
ATOM   34   C CG  . GLN A 1 28  ? -7.193  14.749  -12.608 1.00 10.79 ? 1319 GLN A CG  1 
ATOM   35   C CD  . GLN A 1 28  ? -8.357  15.464  -13.265 1.00 10.19 ? 1319 GLN A CD  1 
ATOM   36   O OE1 . GLN A 1 28  ? -8.448  16.696  -13.239 1.00 11.70 ? 1319 GLN A OE1 1 
ATOM   37   N NE2 . GLN A 1 28  ? -9.209  14.729  -13.902 1.00 10.26 ? 1319 GLN A NE2 1 
ATOM   38   N N   . ALA A 1 29  ? -7.594  14.978  -7.727  1.00 10.33 ? 1320 ALA A N   1 
ATOM   39   C CA  . ALA A 1 29  ? -6.896  15.352  -6.483  1.00 9.97  ? 1320 ALA A CA  1 
ATOM   40   C C   . ALA A 1 29  ? -6.314  14.113  -5.766  1.00 9.23  ? 1320 ALA A C   1 
ATOM   41   O O   . ALA A 1 29  ? -5.338  14.294  -5.060  1.00 9.93  ? 1320 ALA A O   1 
ATOM   42   C CB  . ALA A 1 29  ? -7.827  16.142  -5.575  1.00 10.56 ? 1320 ALA A CB  1 
ATOM   43   N N   . TRP A 1 30  ? -6.864  12.935  -6.004  1.00 9.14  ? 1321 TRP A N   1 
ATOM   44   C CA  . TRP A 1 30  ? -6.393  11.720  -5.308  1.00 9.05  ? 1321 TRP A CA  1 
ATOM   45   C C   . TRP A 1 30  ? -4.908  11.500  -5.573  1.00 9.60  ? 1321 TRP A C   1 
ATOM   46   O O   . TRP A 1 30  ? -4.251  10.948  -4.685  1.00 8.59  ? 1321 TRP A O   1 
ATOM   47   C CB  . TRP A 1 30  ? -7.195  10.500  -5.741  1.00 9.61  ? 1321 TRP A CB  1 
ATOM   48   C CG  . TRP A 1 30  ? -6.996  10.200  -7.197  1.00 9.44  ? 1321 TRP A CG  1 
ATOM   49   C CD1 . TRP A 1 30  ? -7.690  10.713  -8.238  1.00 9.99  ? 1321 TRP A CD1 1 
ATOM   50   C CD2 . TRP A 1 30  ? -6.045  9.278   -7.766  1.00 9.13  ? 1321 TRP A CD2 1 
ATOM   51   N NE1 . TRP A 1 30  ? -7.192  10.233  -9.426  1.00 10.34 ? 1321 TRP A NE1 1 
ATOM   52   C CE2 . TRP A 1 30  ? -6.199  9.356   -9.155  1.00 10.04 ? 1321 TRP A CE2 1 
ATOM   53   C CE3 . TRP A 1 30  ? -5.087  8.398   -7.259  1.00 9.82  ? 1321 TRP A CE3 1 
ATOM   54   C CZ2 . TRP A 1 30  ? -5.436  8.598   -10.039 1.00 11.38 ? 1321 TRP A CZ2 1 
ATOM   55   C CZ3 . TRP A 1 30  ? -4.318  7.661   -8.123  1.00 10.37 ? 1321 TRP A CZ3 1 
ATOM   56   C CH2 . TRP A 1 30  ? -4.512  7.756   -9.499  1.00 11.66 ? 1321 TRP A CH2 1 
ATOM   57   N N   . LYS A 1 31  ? -4.361  11.909  -6.738  1.00 9.44  ? 1322 LYS A N   1 
ATOM   58   C CA  . LYS A 1 31  ? -2.999  11.476  -7.052  1.00 9.32  ? 1322 LYS A CA  1 
ATOM   59   C C   . LYS A 1 31  ? -1.979  12.168  -6.137  1.00 10.19 ? 1322 LYS A C   1 
ATOM   60   O O   . LYS A 1 31  ? -1.154  11.491  -5.492  1.00 10.51 ? 1322 LYS A O   1 
ATOM   61   C CB  . LYS A 1 31  ? -2.741  11.691  -8.540  1.00 9.23  ? 1322 LYS A CB  1 
ATOM   62   C CG  . LYS A 1 31  ? -1.322  11.326  -8.981  1.00 10.11 ? 1322 LYS A CG  1 
ATOM   63   C CD  . LYS A 1 31  ? -1.171  11.404  -10.457 1.00 10.14 ? 1322 LYS A CD  1 
ATOM   64   C CE  . LYS A 1 31  ? 0.196   10.961  -10.953 1.00 11.01 ? 1322 LYS A CE  1 
ATOM   65   N NZ  . LYS A 1 31  ? 0.199   11.061  -12.432 1.00 12.01 ? 1322 LYS A NZ  1 
ATOM   66   N N   . LYS A 1 32  ? -2.063  13.481  -5.972  1.00 10.98 ? 1323 LYS A N   1 
ATOM   67   C CA  . LYS A 1 32  ? -1.154  14.163  -5.045  1.00 11.25 ? 1323 LYS A CA  1 
ATOM   68   C C   . LYS A 1 32  ? -1.460  13.722  -3.611  1.00 10.51 ? 1323 LYS A C   1 
ATOM   69   O O   . LYS A 1 32  ? -0.537  13.599  -2.839  1.00 11.61 ? 1323 LYS A O   1 
ATOM   70   C CB  . LYS A 1 32  ? -1.330  15.676  -5.192  1.00 14.61 ? 1323 LYS A CB  1 
ATOM   71   C CG  . LYS A 1 32  ? -0.311  16.490  -4.436  1.00 20.83 ? 1323 LYS A CG  1 
ATOM   72   C CD  . LYS A 1 32  ? -0.337  17.984  -4.808  1.00 23.25 ? 1323 LYS A CD  1 
ATOM   73   N N   . GLN A 1 33  ? -2.727  13.481  -3.268  1.00 9.97  ? 1324 GLN A N   1 
ATOM   74   C CA  . GLN A 1 33  ? -3.050  12.988  -1.908  1.00 10.31 ? 1324 GLN A CA  1 
ATOM   75   C C   . GLN A 1 33  ? -2.335  11.653  -1.652  1.00 10.34 ? 1324 GLN A C   1 
ATOM   76   O O   . GLN A 1 33  ? -1.770  11.426  -0.569  1.00 9.90  ? 1324 GLN A O   1 
ATOM   77   C CB  . GLN A 1 33  ? -4.551  12.847  -1.705  1.00 10.55 ? 1324 GLN A CB  1 
ATOM   78   C CG  . GLN A 1 33  ? -5.256  14.189  -1.622  1.00 11.16 ? 1324 GLN A CG  1 
ATOM   79   C CD  . GLN A 1 33  ? -6.724  14.117  -1.904  1.00 12.60 ? 1324 GLN A CD  1 
ATOM   80   O OE1 . GLN A 1 33  ? -7.302  13.071  -2.147  1.00 13.51 ? 1324 GLN A OE1 1 
ATOM   81   N NE2 . GLN A 1 33  ? -7.354  15.295  -1.954  1.00 13.26 ? 1324 GLN A NE2 1 
ATOM   82   N N   . CYS A 1 34  ? -2.332  10.774  -2.641  1.00 9.65  ? 1325 CYS A N   1 
ATOM   83   C CA  . CYS A 1 34  ? -1.625  9.490   -2.507  1.00 9.62  ? 1325 CYS A CA  1 
ATOM   84   C C   . CYS A 1 34  ? -0.117  9.685   -2.489  1.00 9.59  ? 1325 CYS A C   1 
ATOM   85   O O   . CYS A 1 34  ? 0.587   8.974   -1.740  1.00 9.15  ? 1325 CYS A O   1 
ATOM   86   C CB  . CYS A 1 34  ? -2.010  8.530   -3.608  1.00 9.81  ? 1325 CYS A CB  1 
ATOM   87   S SG  . CYS A 1 34  ? -3.688  7.873   -3.423  1.00 10.17 ? 1325 CYS A SG  1 
ATOM   88   N N   . GLU A 1 35  ? 0.432   10.601  -3.266  1.00 9.89  ? 1326 GLU A N   1 
ATOM   89   C CA  . GLU A 1 35  ? 1.882   10.889  -3.182  1.00 10.84 ? 1326 GLU A CA  1 
ATOM   90   C C   . GLU A 1 35  ? 2.246   11.342  -1.768  1.00 11.36 ? 1326 GLU A C   1 
ATOM   91   O O   . GLU A 1 35  ? 3.260   10.858  -1.243  1.00 13.25 ? 1326 GLU A O   1 
ATOM   92   C CB  . GLU A 1 35  ? 2.242   11.990  -4.180  1.00 13.16 ? 1326 GLU A CB  1 
ATOM   93   C CG  . GLU A 1 35  ? 2.146   11.596  -5.624  1.00 16.64 ? 1326 GLU A CG  1 
ATOM   94   C CD  . GLU A 1 35  ? 2.269   12.720  -6.654  1.00 21.22 ? 1326 GLU A CD  1 
ATOM   95   O OE1 . GLU A 1 35  ? 2.194   13.914  -6.270  1.00 24.96 ? 1326 GLU A OE1 1 
ATOM   96   O OE2 . GLU A 1 35  ? 2.409   12.381  -7.873  1.00 24.93 ? 1326 GLU A OE2 1 
ATOM   97   N N   . GLU A 1 36  ? 1.466   12.230  -1.180  1.00 12.69 ? 1327 GLU A N   1 
ATOM   98   C CA  . GLU A 1 36  ? 1.731   12.742  0.175   1.00 13.73 ? 1327 GLU A CA  1 
ATOM   99   C C   . GLU A 1 36  ? 1.636   11.586  1.160   1.00 12.72 ? 1327 GLU A C   1 
ATOM   100  O O   . GLU A 1 36  ? 2.484   11.512  2.073   1.00 13.21 ? 1327 GLU A O   1 
ATOM   101  C CB  . GLU A 1 36  ? 0.770   13.907  0.443   1.00 17.99 ? 1327 GLU A CB  1 
ATOM   102  C CG  . GLU A 1 36  ? 1.032   15.089  -0.494  1.00 27.55 ? 1327 GLU A CG  1 
ATOM   103  C CD  . GLU A 1 36  ? 2.443   15.671  -0.479  1.00 34.44 ? 1327 GLU A CD  1 
ATOM   104  O OE1 . GLU A 1 36  ? 2.940   15.994  0.633   1.00 44.24 ? 1327 GLU A OE1 1 
ATOM   105  O OE2 . GLU A 1 36  ? 3.052   15.809  -1.567  1.00 42.07 ? 1327 GLU A OE2 1 
ATOM   106  N N   . LEU A 1 37  ? 0.620   10.732  1.033   1.00 11.86 ? 1328 LEU A N   1 
ATOM   107  C CA  . LEU A 1 37  ? 0.493   9.619   1.996   1.00 10.97 ? 1328 LEU A CA  1 
ATOM   108  C C   . LEU A 1 37  ? 1.675   8.670   1.846   1.00 10.75 ? 1328 LEU A C   1 
ATOM   109  O O   . LEU A 1 37  ? 2.190   8.152   2.847   1.00 10.75 ? 1328 LEU A O   1 
ATOM   110  C CB  . LEU A 1 37  ? -0.840  8.921   1.780   1.00 11.35 ? 1328 LEU A CB  1 
ATOM   111  C CG  . LEU A 1 37  ? -1.127  7.700   2.645   1.00 11.26 ? 1328 LEU A CG  1 
ATOM   112  C CD1 . LEU A 1 37  ? -0.932  7.966   4.140   1.00 11.71 ? 1328 LEU A CD1 1 
ATOM   113  C CD2 . LEU A 1 37  ? -2.513  7.222   2.391   1.00 12.32 ? 1328 LEU A CD2 1 
ATOM   114  N N   . LEU A 1 38  ? 2.122   8.399   0.634   1.00 10.87 ? 1329 LEU A N   1 
ATOM   115  C CA  . LEU A 1 38  ? 3.300   7.529   0.460   1.00 10.84 ? 1329 LEU A CA  1 
ATOM   116  C C   . LEU A 1 38  ? 4.520   8.173   1.088   1.00 12.13 ? 1329 LEU A C   1 
ATOM   117  O O   . LEU A 1 38  ? 5.301   7.462   1.703   1.00 13.01 ? 1329 LEU A O   1 
ATOM   118  C CB  . LEU A 1 38  ? 3.516   7.211   -1.024  1.00 11.11 ? 1329 LEU A CB  1 
ATOM   119  C CG  . LEU A 1 38  ? 2.508   6.258   -1.650  1.00 11.19 ? 1329 LEU A CG  1 
ATOM   120  C CD1 . LEU A 1 38  ? 2.657   6.307   -3.162  1.00 12.88 ? 1329 LEU A CD1 1 
ATOM   121  C CD2 . LEU A 1 38  ? 2.673   4.827   -1.141  1.00 12.36 ? 1329 LEU A CD2 1 
ATOM   122  N N   . ASN A 1 39  ? 4.680   9.477   0.956   1.00 13.46 ? 1330 ASN A N   1 
ATOM   123  C CA  . ASN A 1 39  ? 5.774   10.192  1.661   1.00 15.45 ? 1330 ASN A CA  1 
ATOM   124  C C   . ASN A 1 39  ? 5.677   9.920   3.169   1.00 13.65 ? 1330 ASN A C   1 
ATOM   125  O O   . ASN A 1 39  ? 6.743   9.582   3.794   1.00 15.88 ? 1330 ASN A O   1 
ATOM   126  C CB  . ASN A 1 39  ? 5.776   11.680  1.306   1.00 17.51 ? 1330 ASN A CB  1 
ATOM   127  C CG  . ASN A 1 39  ? 6.210   11.972  -0.121  1.00 20.66 ? 1330 ASN A CG  1 
ATOM   128  O OD1 . ASN A 1 39  ? 6.821   11.149  -0.786  1.00 25.35 ? 1330 ASN A OD1 1 
ATOM   129  N ND2 . ASN A 1 39  ? 5.882   13.151  -0.616  1.00 22.73 ? 1330 ASN A ND2 1 
ATOM   130  N N   . LEU A 1 40  ? 4.517   10.067  3.764   1.00 13.24 ? 1331 LEU A N   1 
ATOM   131  C CA  . LEU A 1 40  ? 4.365   9.803   5.227   1.00 13.83 ? 1331 LEU A CA  1 
ATOM   132  C C   . LEU A 1 40  ? 4.740   8.357   5.519   1.00 14.06 ? 1331 LEU A C   1 
ATOM   133  O O   . LEU A 1 40  ? 5.462   8.102   6.504   1.00 14.58 ? 1331 LEU A O   1 
ATOM   134  C CB  . LEU A 1 40  ? 2.940   10.070  5.681   1.00 14.18 ? 1331 LEU A CB  1 
ATOM   135  C CG  . LEU A 1 40  ? 2.526   11.531  5.660   1.00 14.20 ? 1331 LEU A CG  1 
ATOM   136  C CD1 . LEU A 1 40  ? 1.059   11.674  5.999   1.00 16.97 ? 1331 LEU A CD1 1 
ATOM   137  C CD2 . LEU A 1 40  ? 3.417   12.379  6.585   1.00 17.52 ? 1331 LEU A CD2 1 
ATOM   138  N N   . ILE A 1 41  ? 4.310   7.419   4.679   1.00 11.93 ? 1332 ILE A N   1 
ATOM   139  C CA  . ILE A 1 41  ? 4.578   5.976   4.917   1.00 11.50 ? 1332 ILE A CA  1 
ATOM   140  C C   . ILE A 1 41  ? 6.096   5.745   4.861   1.00 11.99 ? 1332 ILE A C   1 
ATOM   141  O O   . ILE A 1 41  ? 6.634   5.055   5.761   1.00 11.90 ? 1332 ILE A O   1 
ATOM   142  C CB  . ILE A 1 41  ? 3.796   5.109   3.910   1.00 10.82 ? 1332 ILE A CB  1 
ATOM   143  C CG1 . ILE A 1 41  ? 2.320   5.103   4.327   1.00 11.66 ? 1332 ILE A CG1 1 
ATOM   144  C CG2 . ILE A 1 41  ? 4.384   3.715   3.820   1.00 10.37 ? 1332 ILE A CG2 1 
ATOM   145  C CD1 . ILE A 1 41  ? 1.456   4.537   3.286   1.00 11.88 ? 1332 ILE A CD1 1 
ATOM   146  N N   . PHE A 1 42  ? 6.796   6.342   3.910   1.00 13.24 ? 1333 PHE A N   1 
ATOM   147  C CA  . PHE A 1 42  ? 8.270   6.197   3.806   1.00 15.18 ? 1333 PHE A CA  1 
ATOM   148  C C   . PHE A 1 42  ? 8.946   6.811   5.047   1.00 17.03 ? 1333 PHE A C   1 
ATOM   149  O O   . PHE A 1 42  ? 10.003  6.273   5.467   1.00 22.78 ? 1333 PHE A O   1 
ATOM   150  C CB  . PHE A 1 42  ? 8.741   6.768   2.464   1.00 15.16 ? 1333 PHE A CB  1 
ATOM   151  C CG  . PHE A 1 42  ? 8.761   5.775   1.326   1.00 14.99 ? 1333 PHE A CG  1 
ATOM   152  C CD1 . PHE A 1 42  ? 7.649   5.604   0.504   1.00 16.62 ? 1333 PHE A CD1 1 
ATOM   153  C CD2 . PHE A 1 42  ? 9.883   4.992   1.066   1.00 16.93 ? 1333 PHE A CD2 1 
ATOM   154  C CE1 . PHE A 1 42  ? 7.686   4.713   -0.566  1.00 17.12 ? 1333 PHE A CE1 1 
ATOM   155  C CE2 . PHE A 1 42  ? 9.899   4.075   0.016   1.00 18.06 ? 1333 PHE A CE2 1 
ATOM   156  C CZ  . PHE A 1 42  ? 8.786   3.927   -0.779  1.00 16.69 ? 1333 PHE A CZ  1 
ATOM   157  N N   . GLN A 1 43  ? 8.361   7.814   5.708   1.00 17.09 ? 1334 GLN A N   1 
ATOM   158  C CA  . GLN A 1 43  ? 8.976   8.387   6.965   1.00 18.60 ? 1334 GLN A CA  1 
ATOM   159  C C   . GLN A 1 43  ? 8.733   7.498   8.192   1.00 18.45 ? 1334 GLN A C   1 
ATOM   160  O O   . GLN A 1 43  ? 9.470   7.607   9.170   1.00 20.02 ? 1334 GLN A O   1 
ATOM   161  C CB  . GLN A 1 43  ? 8.462   9.802   7.250   1.00 20.29 ? 1334 GLN A CB  1 
ATOM   162  C CG  . GLN A 1 43  ? 9.110   10.851  6.336   1.00 24.39 ? 1334 GLN A CG  1 
ATOM   163  C CD  . GLN A 1 43  ? 10.608  11.067  6.566   1.00 28.03 ? 1334 GLN A CD  1 
ATOM   164  O OE1 . GLN A 1 43  ? 11.110  11.190  7.719   1.00 24.11 ? 1334 GLN A OE1 1 
ATOM   165  N NE2 . GLN A 1 43  ? 11.358  11.146  5.457   1.00 27.66 ? 1334 GLN A NE2 1 
ATOM   166  N N   A CYS A 1 44  ? 7.699   6.653   8.150   0.25 16.20 ? 1335 CYS A N   1 
ATOM   167  N N   B CYS A 1 44  ? 7.704   6.647   8.151   0.25 16.97 ? 1335 CYS A N   1 
ATOM   168  C CA  A CYS A 1 44  ? 7.369   5.711   9.246   0.25 15.22 ? 1335 CYS A CA  1 
ATOM   169  C CA  B CYS A 1 44  ? 7.332   5.731   9.260   0.25 16.35 ? 1335 CYS A CA  1 
ATOM   170  C C   A CYS A 1 44  ? 8.464   4.651   9.337   0.25 15.28 ? 1335 CYS A C   1 
ATOM   171  C C   B CYS A 1 44  ? 8.387   4.620   9.361   0.25 15.78 ? 1335 CYS A C   1 
ATOM   172  O O   A CYS A 1 44  ? 8.786   4.019   8.308   0.25 13.68 ? 1335 CYS A O   1 
ATOM   173  O O   B CYS A 1 44  ? 8.614   3.917   8.359   0.25 13.51 ? 1335 CYS A O   1 
ATOM   174  C CB  A CYS A 1 44  ? 6.028   5.029   9.017   0.25 14.94 ? 1335 CYS A CB  1 
ATOM   175  C CB  B CYS A 1 44  ? 5.942   5.148   9.023   0.25 16.98 ? 1335 CYS A CB  1 
ATOM   176  S SG  A CYS A 1 44  ? 4.647   6.187   9.125   0.25 15.28 ? 1335 CYS A SG  1 
ATOM   177  S SG  B CYS A 1 44  ? 5.215   4.374   10.490  0.25 19.82 ? 1335 CYS A SG  1 
ATOM   178  N N   . GLU A 1 45  ? 8.994   4.420   10.537  1.00 15.09 ? 1336 GLU A N   1 
ATOM   179  C CA  . GLU A 1 45  ? 9.963   3.309   10.717  1.00 15.24 ? 1336 GLU A CA  1 
ATOM   180  C C   . GLU A 1 45  ? 9.322   1.938   10.419  1.00 13.83 ? 1336 GLU A C   1 
ATOM   181  O O   . GLU A 1 45  ? 9.995   1.044   9.896   1.00 14.01 ? 1336 GLU A O   1 
ATOM   182  C CB  . GLU A 1 45  ? 10.481  3.341   12.150  1.00 16.29 ? 1336 GLU A CB  1 
ATOM   183  C CG  . GLU A 1 45  ? 11.368  4.550   12.393  1.00 19.18 ? 1336 GLU A CG  1 
ATOM   184  C CD  . GLU A 1 45  ? 11.987  4.642   13.767  1.00 23.34 ? 1336 GLU A CD  1 
ATOM   185  O OE1 . GLU A 1 45  ? 11.670  3.768   14.633  1.00 24.99 ? 1336 GLU A OE1 1 
ATOM   186  O OE2 . GLU A 1 45  ? 12.780  5.615   13.973  1.00 24.80 ? 1336 GLU A OE2 1 
ATOM   187  N N   . ASP A 1 46  ? 8.024   1.839   10.642  1.00 13.07 ? 1337 ASP A N   1 
ATOM   188  C CA  . ASP A 1 46  ? 7.285   0.583   10.400  1.00 12.11 ? 1337 ASP A CA  1 
ATOM   189  C C   . ASP A 1 46  ? 7.273   0.214   8.904   1.00 11.82 ? 1337 ASP A C   1 
ATOM   190  O O   . ASP A 1 46  ? 6.966   -0.938  8.597   1.00 11.52 ? 1337 ASP A O   1 
ATOM   191  C CB  . ASP A 1 46  ? 5.867   0.629   10.939  1.00 11.88 ? 1337 ASP A CB  1 
ATOM   192  C CG  . ASP A 1 46  ? 5.785   0.489   12.460  1.00 13.36 ? 1337 ASP A CG  1 
ATOM   193  O OD1 . ASP A 1 46  ? 6.794   -0.037  13.041  1.00 15.40 ? 1337 ASP A OD1 1 
ATOM   194  O OD2 . ASP A 1 46  ? 4.738   0.833   13.039  1.00 13.28 ? 1337 ASP A OD2 1 
ATOM   195  N N   . SER A 1 47  ? 7.566   1.124   7.983   1.00 11.80 ? 1338 SER A N   1 
ATOM   196  C CA  . SER A 1 47  ? 7.566   0.757   6.545   1.00 11.20 ? 1338 SER A CA  1 
ATOM   197  C C   . SER A 1 47  ? 8.860   0.118   6.065   1.00 11.38 ? 1338 SER A C   1 
ATOM   198  O O   . SER A 1 47  ? 8.901   -0.363  4.957   1.00 11.09 ? 1338 SER A O   1 
ATOM   199  C CB  . SER A 1 47  ? 7.231   1.927   5.668   1.00 11.33 ? 1338 SER A CB  1 
ATOM   200  O OG  . SER A 1 47  ? 8.268   2.921   5.638   1.00 12.43 ? 1338 SER A OG  1 
ATOM   201  N N   . GLU A 1 48  ? 9.910   0.129   6.889   1.00 12.23 ? 1339 GLU A N   1 
ATOM   202  C CA  . GLU A 1 48  ? 11.238  -0.258  6.362   1.00 14.77 ? 1339 GLU A CA  1 
ATOM   203  C C   . GLU A 1 48  ? 11.228  -1.637  5.687   1.00 12.73 ? 1339 GLU A C   1 
ATOM   204  O O   . GLU A 1 48  ? 11.758  -1.765  4.571   1.00 13.23 ? 1339 GLU A O   1 
ATOM   205  C CB  . GLU A 1 48  ? 12.307  -0.126  7.446   1.00 20.50 ? 1339 GLU A CB  1 
ATOM   206  C CG  . GLU A 1 48  ? 13.692  -0.056  6.821   1.00 24.74 ? 1339 GLU A CG  1 
ATOM   207  C CD  . GLU A 1 48  ? 14.278  -1.402  6.467   1.00 30.31 ? 1339 GLU A CD  1 
ATOM   208  O OE1 . GLU A 1 48  ? 13.833  -2.379  7.070   1.00 30.12 ? 1339 GLU A OE1 1 
ATOM   209  O OE2 . GLU A 1 48  ? 15.170  -1.465  5.571   1.00 39.27 ? 1339 GLU A OE2 1 
ATOM   210  N N   . PRO A 1 49  ? 10.568  -2.684  6.248   1.00 11.99 ? 1340 PRO A N   1 
ATOM   211  C CA  . PRO A 1 49  ? 10.573  -3.992  5.580   1.00 11.28 ? 1340 PRO A CA  1 
ATOM   212  C C   . PRO A 1 49  ? 9.835   -4.052  4.247   1.00 10.79 ? 1340 PRO A C   1 
ATOM   213  O O   . PRO A 1 49  ? 10.005  -5.010  3.521   1.00 11.03 ? 1340 PRO A O   1 
ATOM   214  C CB  . PRO A 1 49  ? 9.857   -4.929  6.576   1.00 11.96 ? 1340 PRO A CB  1 
ATOM   215  C CG  . PRO A 1 49  ? 9.978   -4.228  7.903   1.00 12.66 ? 1340 PRO A CG  1 
ATOM   216  C CD  . PRO A 1 49  ? 9.869   -2.760  7.547   1.00 11.76 ? 1340 PRO A CD  1 
ATOM   217  N N   . PHE A 1 50  ? 9.087   -3.012  3.940   1.00 10.41 ? 1341 PHE A N   1 
ATOM   218  C CA  . PHE A 1 50  ? 8.122   -3.009  2.822   1.00 10.09 ? 1341 PHE A CA  1 
ATOM   219  C C   . PHE A 1 50  ? 8.488   -1.953  1.778   1.00 11.17 ? 1341 PHE A C   1 
ATOM   220  O O   . PHE A 1 50  ? 7.698   -1.720  0.874   1.00 11.23 ? 1341 PHE A O   1 
ATOM   221  C CB  . PHE A 1 50  ? 6.707   -2.764  3.360   1.00 9.22  ? 1341 PHE A CB  1 
ATOM   222  C CG  . PHE A 1 50  ? 6.357   -3.664  4.532   1.00 9.02  ? 1341 PHE A CG  1 
ATOM   223  C CD1 . PHE A 1 50  ? 6.200   -5.017  4.343   1.00 10.12 ? 1341 PHE A CD1 1 
ATOM   224  C CD2 . PHE A 1 50  ? 6.266   -3.184  5.815   1.00 9.80  ? 1341 PHE A CD2 1 
ATOM   225  C CE1 . PHE A 1 50  ? 5.954   -5.868  5.405   1.00 10.39 ? 1341 PHE A CE1 1 
ATOM   226  C CE2 . PHE A 1 50  ? 6.014   -4.033  6.876   1.00 9.50  ? 1341 PHE A CE2 1 
ATOM   227  C CZ  . PHE A 1 50  ? 5.877   -5.365  6.657   1.00 10.73 ? 1341 PHE A CZ  1 
ATOM   228  N N   . ARG A 1 51  ? 9.652   -1.316  1.864   1.00 11.84 ? 1342 ARG A N   1 
ATOM   229  C CA  . ARG A 1 51  ? 9.986   -0.164  0.998   1.00 12.85 ? 1342 ARG A CA  1 
ATOM   230  C C   . ARG A 1 51  ? 10.494  -0.655  -0.325  1.00 14.39 ? 1342 ARG A C   1 
ATOM   231  O O   . ARG A 1 51  ? 10.510  0.182   -1.259  1.00 19.36 ? 1342 ARG A O   1 
ATOM   232  C CB  . ARG A 1 51  ? 11.037  0.754   1.639   1.00 13.85 ? 1342 ARG A CB  1 
ATOM   233  C CG  . ARG A 1 51  ? 10.471  1.574   2.781   1.00 14.87 ? 1342 ARG A CG  1 
ATOM   234  C CD  . ARG A 1 51  ? 11.535  2.369   3.496   1.00 16.40 ? 1342 ARG A CD  1 
ATOM   235  N NE  . ARG A 1 51  ? 11.042  2.892   4.744   1.00 17.66 ? 1342 ARG A NE  1 
ATOM   236  C CZ  . ARG A 1 51  ? 11.775  3.249   5.803   1.00 18.63 ? 1342 ARG A CZ  1 
ATOM   237  N NH1 . ARG A 1 51  ? 13.097  3.205   5.733   1.00 22.55 ? 1342 ARG A NH1 1 
ATOM   238  N NH2 . ARG A 1 51  ? 11.197  3.714   6.897   1.00 18.70 ? 1342 ARG A NH2 1 
ATOM   239  N N   . GLN A 1 52  ? 10.988  -1.891  -0.415  1.00 14.24 ? 1343 GLN A N   1 
ATOM   240  C CA  . GLN A 1 52  ? 11.596  -2.451  -1.621  1.00 15.72 ? 1343 GLN A CA  1 
ATOM   241  C C   . GLN A 1 52  ? 11.123  -3.892  -1.723  1.00 14.91 ? 1343 GLN A C   1 
ATOM   242  O O   . GLN A 1 52  ? 10.705  -4.467  -0.697  1.00 14.61 ? 1343 GLN A O   1 
ATOM   243  C CB  . GLN A 1 52  ? 13.132  -2.315  -1.565  1.00 19.22 ? 1343 GLN A CB  1 
ATOM   244  C CG  . GLN A 1 52  ? 13.613  -0.880  -1.365  1.00 27.33 ? 1343 GLN A CG  1 
ATOM   245  C CD  . GLN A 1 52  ? 13.450  0.033   -2.565  1.00 32.99 ? 1343 GLN A CD  1 
ATOM   246  O OE1 . GLN A 1 52  ? 13.533  -0.404  -3.716  1.00 42.99 ? 1343 GLN A OE1 1 
ATOM   247  N NE2 . GLN A 1 52  ? 13.240  1.324   -2.300  1.00 36.30 ? 1343 GLN A NE2 1 
ATOM   248  N N   . PRO A 1 53  ? 11.104  -4.442  -2.965  0.38 16.12 ? 1344 PRO A N   1 
ATOM   249  C CA  . PRO A 1 53  ? 10.693  -5.820  -3.213  0.38 16.65 ? 1344 PRO A CA  1 
ATOM   250  C C   . PRO A 1 53  ? 11.559  -6.778  -2.388  0.38 17.36 ? 1344 PRO A C   1 
ATOM   251  O O   . PRO A 1 53  ? 12.768  -6.561  -2.316  0.38 18.40 ? 1344 PRO A O   1 
ATOM   252  C CB  . PRO A 1 53  ? 10.934  -6.048  -4.717  0.38 15.95 ? 1344 PRO A CB  1 
ATOM   253  C CG  . PRO A 1 53  ? 10.980  -4.661  -5.314  0.38 16.06 ? 1344 PRO A CG  1 
ATOM   254  C CD  . PRO A 1 53  ? 11.484  -3.755  -4.212  0.38 15.95 ? 1344 PRO A CD  1 
ATOM   255  N N   . VAL A 1 54  ? 10.925  -7.784  -1.785  0.38 18.41 ? 1345 VAL A N   1 
ATOM   256  C CA  . VAL A 1 54  ? 11.589  -8.794  -0.912  0.38 18.88 ? 1345 VAL A CA  1 
ATOM   257  C C   . VAL A 1 54  ? 12.806  -9.349  -1.659  0.38 20.52 ? 1345 VAL A C   1 
ATOM   258  O O   . VAL A 1 54  ? 12.712  -9.555  -2.894  0.38 19.77 ? 1345 VAL A O   1 
ATOM   259  C CB  . VAL A 1 54  ? 10.615  -9.910  -0.483  0.38 18.70 ? 1345 VAL A CB  1 
ATOM   260  C CG1 . VAL A 1 54  ? 11.345  -11.140 0.042   0.38 18.50 ? 1345 VAL A CG1 1 
ATOM   261  C CG2 . VAL A 1 54  ? 9.624   -9.405  0.550   0.38 18.68 ? 1345 VAL A CG2 1 
ATOM   262  N N   . ASP A 1 55  ? 13.910  -9.507  -0.921  0.38 22.67 ? 1346 ASP A N   1 
ATOM   263  C CA  . ASP A 1 55  ? 15.162  -10.173 -1.353  0.38 24.86 ? 1346 ASP A CA  1 
ATOM   264  C C   . ASP A 1 55  ? 15.005  -11.676 -1.077  0.38 25.25 ? 1346 ASP A C   1 
ATOM   265  O O   . ASP A 1 55  ? 14.985  -12.097 0.102   0.38 24.42 ? 1346 ASP A O   1 
ATOM   266  C CB  . ASP A 1 55  ? 16.390  -9.534  -0.697  0.38 26.30 ? 1346 ASP A CB  1 
ATOM   267  C CG  . ASP A 1 55  ? 17.711  -10.191 -1.059  0.38 27.44 ? 1346 ASP A CG  1 
ATOM   268  O OD1 . ASP A 1 55  ? 18.495  -9.572  -1.815  0.38 28.22 ? 1346 ASP A OD1 1 
ATOM   269  O OD2 . ASP A 1 55  ? 17.954  -11.310 -0.569  0.38 27.15 ? 1346 ASP A OD2 1 
ATOM   270  N N   . LEU A 1 56  ? 14.906  -12.421 -2.170  1.00 25.71 ? 1347 LEU A N   1 
ATOM   271  C CA  . LEU A 1 56  ? 14.732  -13.884 -2.249  1.00 29.08 ? 1347 LEU A CA  1 
ATOM   272  C C   . LEU A 1 56  ? 15.965  -14.633 -1.703  1.00 29.73 ? 1347 LEU A C   1 
ATOM   273  O O   . LEU A 1 56  ? 15.834  -15.799 -1.353  1.00 31.52 ? 1347 LEU A O   1 
ATOM   274  C CB  . LEU A 1 56  ? 14.373  -14.189 -3.704  1.00 31.44 ? 1347 LEU A CB  1 
ATOM   275  C CG  . LEU A 1 56  ? 13.115  -13.451 -4.189  1.00 36.92 ? 1347 LEU A CG  1 
ATOM   276  C CD1 . LEU A 1 56  ? 13.029  -13.367 -5.710  1.00 37.50 ? 1347 LEU A CD1 1 
ATOM   277  C CD2 . LEU A 1 56  ? 11.845  -14.079 -3.623  1.00 38.39 ? 1347 LEU A CD2 1 
ATOM   278  N N   . LEU A 1 57  ? 17.116  -13.962 -1.606  0.38 31.30 ? 1348 LEU A N   1 
ATOM   279  C CA  . LEU A 1 57  ? 18.352  -14.556 -1.030  0.38 32.56 ? 1348 LEU A CA  1 
ATOM   280  C C   . LEU A 1 57  ? 18.198  -14.643 0.495   0.38 32.64 ? 1348 LEU A C   1 
ATOM   281  O O   . LEU A 1 57  ? 18.686  -15.635 1.083   0.38 32.71 ? 1348 LEU A O   1 
ATOM   282  C CB  . LEU A 1 57  ? 19.564  -13.710 -1.435  0.38 34.74 ? 1348 LEU A CB  1 
ATOM   283  C CG  . LEU A 1 57  ? 19.770  -13.549 -2.940  0.38 36.54 ? 1348 LEU A CG  1 
ATOM   284  C CD1 . LEU A 1 57  ? 20.710  -12.392 -3.243  0.38 38.09 ? 1348 LEU A CD1 1 
ATOM   285  C CD2 . LEU A 1 57  ? 20.289  -14.838 -3.553  0.38 37.82 ? 1348 LEU A CD2 1 
ATOM   286  N N   . GLU A 1 58  ? 17.542  -13.654 1.105   0.38 31.73 ? 1349 GLU A N   1 
ATOM   287  C CA  . GLU A 1 58  ? 17.264  -13.616 2.566   0.38 31.90 ? 1349 GLU A CA  1 
ATOM   288  C C   . GLU A 1 58  ? 16.125  -14.592 2.887   0.38 29.98 ? 1349 GLU A C   1 
ATOM   289  O O   . GLU A 1 58  ? 16.144  -15.181 3.990   0.38 30.17 ? 1349 GLU A O   1 
ATOM   290  C CB  . GLU A 1 58  ? 16.903  -12.194 2.998   0.38 34.60 ? 1349 GLU A CB  1 
ATOM   291  C CG  . GLU A 1 58  ? 18.003  -11.176 2.748   0.38 36.65 ? 1349 GLU A CG  1 
ATOM   292  C CD  . GLU A 1 58  ? 17.552  -9.725  2.807   0.38 38.89 ? 1349 GLU A CD  1 
ATOM   293  O OE1 . GLU A 1 58  ? 16.670  -9.409  3.641   0.38 41.29 ? 1349 GLU A OE1 1 
ATOM   294  O OE2 . GLU A 1 58  ? 18.082  -8.912  2.019   0.38 41.62 ? 1349 GLU A OE2 1 
ATOM   295  N N   . TYR A 1 59  ? 15.170  -14.740 1.960   0.38 27.82 ? 1350 TYR A N   1 
ATOM   296  C CA  . TYR A 1 59  ? 13.904  -15.502 2.135   0.38 26.05 ? 1350 TYR A CA  1 
ATOM   297  C C   . TYR A 1 59  ? 13.681  -16.383 0.905   0.38 25.18 ? 1350 TYR A C   1 
ATOM   298  O O   . TYR A 1 59  ? 12.818  -16.106 0.075   0.38 23.93 ? 1350 TYR A O   1 
ATOM   299  C CB  . TYR A 1 59  ? 12.762  -14.517 2.408   0.38 25.46 ? 1350 TYR A CB  1 
ATOM   300  C CG  . TYR A 1 59  ? 12.951  -13.702 3.664   0.38 24.94 ? 1350 TYR A CG  1 
ATOM   301  C CD1 . TYR A 1 59  ? 12.475  -14.149 4.885   0.38 24.83 ? 1350 TYR A CD1 1 
ATOM   302  C CD2 . TYR A 1 59  ? 13.637  -12.496 3.644   0.38 25.57 ? 1350 TYR A CD2 1 
ATOM   303  C CE1 . TYR A 1 59  ? 12.650  -13.415 6.047   0.38 25.30 ? 1350 TYR A CE1 1 
ATOM   304  C CE2 . TYR A 1 59  ? 13.832  -11.754 4.799   0.38 25.51 ? 1350 TYR A CE2 1 
ATOM   305  C CZ  . TYR A 1 59  ? 13.331  -12.210 6.006   0.38 25.48 ? 1350 TYR A CZ  1 
ATOM   306  O OH  . TYR A 1 59  ? 13.502  -11.482 7.149   0.38 25.74 ? 1350 TYR A OH  1 
ATOM   307  N N   . PRO A 1 60  ? 14.471  -17.470 0.741   1.00 24.53 ? 1351 PRO A N   1 
ATOM   308  C CA  . PRO A 1 60  ? 14.457  -18.226 -0.515  1.00 22.43 ? 1351 PRO A CA  1 
ATOM   309  C C   . PRO A 1 60  ? 13.163  -18.992 -0.876  1.00 21.18 ? 1351 PRO A C   1 
ATOM   310  O O   . PRO A 1 60  ? 12.953  -19.337 -2.010  1.00 22.11 ? 1351 PRO A O   1 
ATOM   311  C CB  . PRO A 1 60  ? 15.671  -19.175 -0.335  1.00 26.30 ? 1351 PRO A CB  1 
ATOM   312  C CG  . PRO A 1 60  ? 15.822  -19.331 1.146   1.00 25.26 ? 1351 PRO A CG  1 
ATOM   313  C CD  . PRO A 1 60  ? 15.412  -17.989 1.746   1.00 27.68 ? 1351 PRO A CD  1 
ATOM   314  N N   . ASP A 1 61  ? 12.271  -19.183 0.083   1.00 20.69 ? 1352 ASP A N   1 
ATOM   315  C CA  . ASP A 1 61  ? 10.977  -19.859 -0.202  1.00 20.08 ? 1352 ASP A CA  1 
ATOM   316  C C   . ASP A 1 61  ? 9.870   -18.819 -0.472  1.00 17.70 ? 1352 ASP A C   1 
ATOM   317  O O   . ASP A 1 61  ? 8.690   -19.199 -0.665  1.00 16.39 ? 1352 ASP A O   1 
ATOM   318  C CB  . ASP A 1 61  ? 10.577  -20.739 0.980   1.00 21.88 ? 1352 ASP A CB  1 
ATOM   319  C CG  . ASP A 1 61  ? 10.321  -19.948 2.237   1.00 21.51 ? 1352 ASP A CG  1 
ATOM   320  O OD1 . ASP A 1 61  ? 10.847  -18.805 2.336   1.00 25.04 ? 1352 ASP A OD1 1 
ATOM   321  O OD2 . ASP A 1 61  ? 9.621   -20.468 3.105   1.00 31.16 ? 1352 ASP A OD2 1 
ATOM   322  N N   . TYR A 1 62  ? 10.217  -17.531 -0.585  1.00 16.32 ? 1353 TYR A N   1 
ATOM   323  C CA  . TYR A 1 62  ? 9.144   -16.495 -0.621  1.00 15.12 ? 1353 TYR A CA  1 
ATOM   324  C C   . TYR A 1 62  ? 8.151   -16.749 -1.751  1.00 16.17 ? 1353 TYR A C   1 
ATOM   325  O O   . TYR A 1 62  ? 6.920   -16.648 -1.513  1.00 14.04 ? 1353 TYR A O   1 
ATOM   326  C CB  . TYR A 1 62  ? 9.779   -15.107 -0.697  1.00 14.74 ? 1353 TYR A CB  1 
ATOM   327  C CG  . TYR A 1 62  ? 8.808   -13.965 -0.491  1.00 14.07 ? 1353 TYR A CG  1 
ATOM   328  C CD1 . TYR A 1 62  ? 8.343   -13.715 0.780   1.00 13.39 ? 1353 TYR A CD1 1 
ATOM   329  C CD2 . TYR A 1 62  ? 8.332   -13.184 -1.547  1.00 13.89 ? 1353 TYR A CD2 1 
ATOM   330  C CE1 . TYR A 1 62  ? 7.434   -12.701 1.023   1.00 13.27 ? 1353 TYR A CE1 1 
ATOM   331  C CE2 . TYR A 1 62  ? 7.489   -12.097 -1.298  1.00 13.69 ? 1353 TYR A CE2 1 
ATOM   332  C CZ  . TYR A 1 62  ? 6.991   -11.917 -0.023  1.00 13.04 ? 1353 TYR A CZ  1 
ATOM   333  O OH  . TYR A 1 62  ? 6.071   -10.929 0.222   1.00 12.37 ? 1353 TYR A OH  1 
ATOM   334  N N   . ARG A 1 63  ? 8.602   -16.979 -2.982  1.00 15.21 ? 1354 ARG A N   1 
ATOM   335  C CA  . ARG A 1 63  ? 7.726   -17.148 -4.150  1.00 16.92 ? 1354 ARG A CA  1 
ATOM   336  C C   . ARG A 1 63  ? 7.021   -18.507 -4.157  1.00 15.86 ? 1354 ARG A C   1 
ATOM   337  O O   . ARG A 1 63  ? 6.071   -18.683 -4.917  1.00 17.61 ? 1354 ARG A O   1 
ATOM   338  C CB  . ARG A 1 63  ? 8.521   -16.910 -5.434  1.00 19.14 ? 1354 ARG A CB  1 
ATOM   339  C CG  . ARG A 1 63  ? 8.981   -15.480 -5.636  1.00 22.22 ? 1354 ARG A CG  1 
ATOM   340  C CD  . ARG A 1 63  ? 7.839   -14.467 -5.628  1.00 25.31 ? 1354 ARG A CD  1 
ATOM   341  N NE  . ARG A 1 63  ? 6.848   -14.784 -6.642  1.00 29.57 ? 1354 ARG A NE  1 
ATOM   342  C CZ  . ARG A 1 63  ? 6.923   -14.414 -7.919  1.00 33.08 ? 1354 ARG A CZ  1 
ATOM   343  N NH1 . ARG A 1 63  ? 7.941   -13.690 -8.353  1.00 37.29 ? 1354 ARG A NH1 1 
ATOM   344  N NH2 . ARG A 1 63  ? 5.970   -14.759 -8.759  1.00 37.21 ? 1354 ARG A NH2 1 
ATOM   345  N N   . ASP A 1 64  ? 7.359   -19.426 -3.254  1.00 16.74 ? 1355 ASP A N   1 
ATOM   346  C CA  . ASP A 1 64  ? 6.559   -20.664 -3.055  1.00 17.70 ? 1355 ASP A CA  1 
ATOM   347  C C   . ASP A 1 64  ? 5.252   -20.353 -2.314  1.00 17.04 ? 1355 ASP A C   1 
ATOM   348  O O   . ASP A 1 64  ? 4.268   -21.125 -2.422  1.00 21.64 ? 1355 ASP A O   1 
ATOM   349  C CB  . ASP A 1 64  ? 7.318   -21.668 -2.189  1.00 18.56 ? 1355 ASP A CB  1 
ATOM   350  C CG  . ASP A 1 64  ? 8.644   -22.138 -2.755  1.00 20.84 ? 1355 ASP A CG  1 
ATOM   351  O OD1 . ASP A 1 64  ? 8.865   -22.021 -3.983  1.00 24.72 ? 1355 ASP A OD1 1 
ATOM   352  O OD2 . ASP A 1 64  ? 9.443   -22.627 -1.942  1.00 24.01 ? 1355 ASP A OD2 1 
ATOM   353  N N   A ILE A 1 65  ? 5.223   -19.258 -1.556  0.25 16.25 ? 1356 ILE A N   1 
ATOM   354  N N   B ILE A 1 65  ? 5.268   -19.257 -1.542  0.25 15.38 ? 1356 ILE A N   1 
ATOM   355  C CA  A ILE A 1 65  ? 4.030   -18.858 -0.756  0.25 15.53 ? 1356 ILE A CA  1 
ATOM   356  C CA  B ILE A 1 65  ? 4.175   -18.809 -0.631  0.25 14.18 ? 1356 ILE A CA  1 
ATOM   357  C C   A ILE A 1 65  ? 3.333   -17.671 -1.422  0.25 15.07 ? 1356 ILE A C   1 
ATOM   358  C C   B ILE A 1 65  ? 3.399   -17.643 -1.261  0.25 14.24 ? 1356 ILE A C   1 
ATOM   359  O O   A ILE A 1 65  ? 2.087   -17.706 -1.538  0.25 15.78 ? 1356 ILE A O   1 
ATOM   360  O O   B ILE A 1 65  ? 2.148   -17.653 -1.132  0.25 14.86 ? 1356 ILE A O   1 
ATOM   361  C CB  A ILE A 1 65  ? 4.461   -18.571 0.689   0.25 16.15 ? 1356 ILE A CB  1 
ATOM   362  C CB  B ILE A 1 65  ? 4.767   -18.431 0.742   0.25 13.95 ? 1356 ILE A CB  1 
ATOM   363  C CG1 A ILE A 1 65  ? 5.221   -19.769 1.271   0.25 16.99 ? 1356 ILE A CG1 1 
ATOM   364  C CG1 B ILE A 1 65  ? 5.667   -19.536 1.313   0.25 13.37 ? 1356 ILE A CG1 1 
ATOM   365  C CG2 A ILE A 1 65  ? 3.267   -18.166 1.536   0.25 16.01 ? 1356 ILE A CG2 1 
ATOM   366  C CG2 B ILE A 1 65  ? 3.673   -18.021 1.714   0.25 13.75 ? 1356 ILE A CG2 1 
ATOM   367  C CD1 A ILE A 1 65  ? 6.349   -19.394 2.182   0.25 17.76 ? 1356 ILE A CD1 1 
ATOM   368  C CD1 B ILE A 1 65  ? 4.966   -20.854 1.560   0.25 13.42 ? 1356 ILE A CD1 1 
ATOM   369  N N   . ILE A 1 66  ? 4.106   -16.705 -1.905  1.00 13.93 ? 1357 ILE A N   1 
ATOM   370  C CA  . ILE A 1 66  ? 3.546   -15.418 -2.397  1.00 14.76 ? 1357 ILE A CA  1 
ATOM   371  C C   . ILE A 1 66  ? 3.528   -15.423 -3.917  1.00 13.89 ? 1357 ILE A C   1 
ATOM   372  O O   . ILE A 1 66  ? 4.604   -15.410 -4.516  1.00 16.86 ? 1357 ILE A O   1 
ATOM   373  C CB  . ILE A 1 66  ? 4.353   -14.245 -1.803  1.00 13.33 ? 1357 ILE A CB  1 
ATOM   374  C CG1 . ILE A 1 66  ? 4.315   -14.252 -0.264  1.00 15.65 ? 1357 ILE A CG1 1 
ATOM   375  C CG2 . ILE A 1 66  ? 3.906   -12.926 -2.427  1.00 13.99 ? 1357 ILE A CG2 1 
ATOM   376  C CD1 . ILE A 1 66  ? 2.961   -14.227 0.316   1.00 15.72 ? 1357 ILE A CD1 1 
ATOM   377  N N   . ASP A 1 67  ? 2.337   -15.322 -4.481  1.00 18.08 ? 1358 ASP A N   1 
ATOM   378  C CA  . ASP A 1 67  ? 2.187   -15.317 -5.956  1.00 20.63 ? 1358 ASP A CA  1 
ATOM   379  C C   . ASP A 1 67  ? 2.522   -13.956 -6.552  1.00 18.60 ? 1358 ASP A C   1 
ATOM   380  O O   . ASP A 1 67  ? 2.977   -13.882 -7.697  1.00 19.88 ? 1358 ASP A O   1 
ATOM   381  C CB  . ASP A 1 67  ? 0.749   -15.591 -6.378  1.00 24.82 ? 1358 ASP A CB  1 
ATOM   382  C CG  . ASP A 1 67  ? 0.227   -16.960 -6.005  1.00 34.47 ? 1358 ASP A CG  1 
ATOM   383  O OD1 . ASP A 1 67  ? 1.031   -17.904 -6.030  1.00 37.10 ? 1358 ASP A OD1 1 
ATOM   384  O OD2 . ASP A 1 67  ? -0.977  -17.051 -5.649  1.00 43.49 ? 1358 ASP A OD2 1 
ATOM   385  N N   . THR A 1 68  ? 2.155   -12.864 -5.861  1.00 17.14 ? 1359 THR A N   1 
ATOM   386  C CA  . THR A 1 68  ? 2.302   -11.508 -6.430  1.00 16.84 ? 1359 THR A CA  1 
ATOM   387  C C   . THR A 1 68  ? 2.998   -10.615 -5.407  1.00 14.21 ? 1359 THR A C   1 
ATOM   388  O O   . THR A 1 68  ? 2.324   -9.971  -4.582  1.00 14.90 ? 1359 THR A O   1 
ATOM   389  C CB  . THR A 1 68  ? 0.959   -10.889 -6.823  1.00 16.79 ? 1359 THR A CB  1 
ATOM   390  O OG1 . THR A 1 68  ? 0.271   -11.856 -7.627  1.00 20.62 ? 1359 THR A OG1 1 
ATOM   391  C CG2 . THR A 1 68  ? 1.133   -9.572  -7.551  1.00 18.47 ? 1359 THR A CG2 1 
ATOM   392  N N   . PRO A 1 69  ? 4.320   -10.480 -5.502  1.00 14.20 ? 1360 PRO A N   1 
ATOM   393  C CA  . PRO A 1 69  ? 5.063   -9.561  -4.645  1.00 14.16 ? 1360 PRO A CA  1 
ATOM   394  C C   . PRO A 1 69  ? 4.589   -8.128  -4.855  1.00 11.89 ? 1360 PRO A C   1 
ATOM   395  O O   . PRO A 1 69  ? 4.201   -7.751  -5.929  1.00 12.77 ? 1360 PRO A O   1 
ATOM   396  C CB  . PRO A 1 69  ? 6.534   -9.730  -5.049  1.00 15.24 ? 1360 PRO A CB  1 
ATOM   397  C CG  . PRO A 1 69  ? 6.571   -11.125 -5.661  1.00 18.09 ? 1360 PRO A CG  1 
ATOM   398  C CD  . PRO A 1 69  ? 5.238   -11.265 -6.380  1.00 15.49 ? 1360 PRO A CD  1 
ATOM   399  N N   . MET A 1 70  ? 4.640   -7.354  -3.774  1.00 11.27 ? 1361 MET A N   1 
ATOM   400  C CA  . MET A 1 70  ? 4.341   -5.905  -3.869  1.00 10.29 ? 1361 MET A CA  1 
ATOM   401  C C   . MET A 1 70  ? 5.099   -5.177  -2.762  1.00 9.68  ? 1361 MET A C   1 
ATOM   402  O O   . MET A 1 70  ? 5.314   -5.730  -1.710  1.00 10.14 ? 1361 MET A O   1 
ATOM   403  C CB  . MET A 1 70  ? 2.826   -5.643  -3.797  1.00 10.97 ? 1361 MET A CB  1 
ATOM   404  C CG  . MET A 1 70  ? 2.375   -4.231  -4.093  1.00 11.32 ? 1361 MET A CG  1 
ATOM   405  S SD  . MET A 1 70  ? 2.986   -3.522  -5.640  1.00 11.31 ? 1361 MET A SD  1 
ATOM   406  C CE  . MET A 1 70  ? 2.361   -4.674  -6.857  1.00 13.00 ? 1361 MET A CE  1 
ATOM   407  N N   . ASP A 1 71  ? 5.466   -3.944  -3.026  1.00 9.18  ? 1362 ASP A N   1 
ATOM   408  C CA  . ASP A 1 71  ? 6.199   -3.110  -2.060  1.00 9.26  ? 1362 ASP A CA  1 
ATOM   409  C C   . ASP A 1 71  ? 5.912   -1.639  -2.350  1.00 8.96  ? 1362 ASP A C   1 
ATOM   410  O O   . ASP A 1 71  ? 5.350   -1.311  -3.411  1.00 9.24  ? 1362 ASP A O   1 
ATOM   411  C CB  . ASP A 1 71  ? 7.681   -3.409  -2.190  1.00 10.95 ? 1362 ASP A CB  1 
ATOM   412  C CG  . ASP A 1 71  ? 8.208   -2.941  -3.525  1.00 12.35 ? 1362 ASP A CG  1 
ATOM   413  O OD1 . ASP A 1 71  ? 8.022   -3.703  -4.499  1.00 13.99 ? 1362 ASP A OD1 1 
ATOM   414  O OD2 . ASP A 1 71  ? 8.604   -1.751  -3.613  1.00 12.87 ? 1362 ASP A OD2 1 
ATOM   415  N N   . PHE A 1 72  ? 6.290   -0.750  -1.440  1.00 8.88  ? 1363 PHE A N   1 
ATOM   416  C CA  . PHE A 1 72  ? 5.870   0.667   -1.552  1.00 9.65  ? 1363 PHE A CA  1 
ATOM   417  C C   . PHE A 1 72  ? 6.618   1.377   -2.667  1.00 10.28 ? 1363 PHE A C   1 
ATOM   418  O O   . PHE A 1 72  ? 6.088   2.367   -3.195  1.00 10.04 ? 1363 PHE A O   1 
ATOM   419  C CB  . PHE A 1 72  ? 6.000   1.397   -0.218  1.00 9.15  ? 1363 PHE A CB  1 
ATOM   420  C CG  . PHE A 1 72  ? 4.881   1.047   0.730   1.00 8.62  ? 1363 PHE A CG  1 
ATOM   421  C CD1 . PHE A 1 72  ? 3.618   1.544   0.530   1.00 8.91  ? 1363 PHE A CD1 1 
ATOM   422  C CD2 . PHE A 1 72  ? 5.084   0.230   1.818   1.00 9.52  ? 1363 PHE A CD2 1 
ATOM   423  C CE1 . PHE A 1 72  ? 2.581   1.208   1.368   1.00 9.88  ? 1363 PHE A CE1 1 
ATOM   424  C CE2 . PHE A 1 72  ? 4.070   -0.036  2.699   1.00 9.46  ? 1363 PHE A CE2 1 
ATOM   425  C CZ  . PHE A 1 72  ? 2.797   0.396   2.431   1.00 9.09  ? 1363 PHE A CZ  1 
ATOM   426  N N   . ALA A 1 73  ? 7.849   0.960   -2.974  1.00 9.89  ? 1364 ALA A N   1 
ATOM   427  C CA  . ALA A 1 73  ? 8.570   1.587   -4.094  1.00 10.65 ? 1364 ALA A CA  1 
ATOM   428  C C   . ALA A 1 73  ? 7.866   1.276   -5.411  1.00 10.16 ? 1364 ALA A C   1 
ATOM   429  O O   . ALA A 1 73  ? 7.675   2.175   -6.262  1.00 10.90 ? 1364 ALA A O   1 
ATOM   430  C CB  . ALA A 1 73  ? 10.005  1.134   -4.148  1.00 10.91 ? 1364 ALA A CB  1 
ATOM   431  N N   . THR A 1 74  ? 7.411   0.052   -5.583  1.00 10.02 ? 1365 THR A N   1 
ATOM   432  C CA  . THR A 1 74  ? 6.610   -0.342  -6.775  1.00 10.53 ? 1365 THR A CA  1 
ATOM   433  C C   . THR A 1 74  ? 5.310   0.457   -6.833  1.00 9.12  ? 1365 THR A C   1 
ATOM   434  O O   . THR A 1 74  ? 4.999   0.997   -7.888  1.00 9.65  ? 1365 THR A O   1 
ATOM   435  C CB  . THR A 1 74  ? 6.368   -1.833  -6.812  1.00 10.76 ? 1365 THR A CB  1 
ATOM   436  O OG1 . THR A 1 74  ? 7.660   -2.466  -6.871  1.00 12.63 ? 1365 THR A OG1 1 
ATOM   437  C CG2 . THR A 1 74  ? 5.497   -2.253  -7.970  1.00 11.11 ? 1365 THR A CG2 1 
ATOM   438  N N   . VAL A 1 75  ? 4.626   0.625   -5.707  1.00 9.56  ? 1366 VAL A N   1 
ATOM   439  C CA  . VAL A 1 75  ? 3.375   1.430   -5.712  1.00 8.96  ? 1366 VAL A CA  1 
ATOM   440  C C   . VAL A 1 75  ? 3.666   2.877   -6.103  1.00 9.38  ? 1366 VAL A C   1 
ATOM   441  O O   . VAL A 1 75  ? 2.981   3.461   -6.960  1.00 8.86  ? 1366 VAL A O   1 
ATOM   442  C CB  . VAL A 1 75  ? 2.682   1.340   -4.348  1.00 9.39  ? 1366 VAL A CB  1 
ATOM   443  C CG1 . VAL A 1 75  ? 1.519   2.307   -4.306  1.00 9.15  ? 1366 VAL A CG1 1 
ATOM   444  C CG2 . VAL A 1 75  ? 2.224   -0.044  -4.037  1.00 9.78  ? 1366 VAL A CG2 1 
ATOM   445  N N   . ARG A 1 76  ? 4.691   3.487   -5.512  1.00 9.02  ? 1367 ARG A N   1 
ATOM   446  C CA  . ARG A 1 76  ? 5.057   4.882   -5.839  1.00 11.14 ? 1367 ARG A CA  1 
ATOM   447  C C   . ARG A 1 76  ? 5.435   5.006   -7.323  1.00 10.02 ? 1367 ARG A C   1 
ATOM   448  O O   . ARG A 1 76  ? 4.990   5.989   -7.963  1.00 11.03 ? 1367 ARG A O   1 
ATOM   449  C CB  . ARG A 1 76  ? 6.233   5.329   -4.970  1.00 12.70 ? 1367 ARG A CB  1 
ATOM   450  C CG  . ARG A 1 76  ? 6.613   6.780   -5.193  1.00 15.50 ? 1367 ARG A CG  1 
ATOM   451  C CD  . ARG A 1 76  ? 7.824   7.042   -4.303  1.00 19.73 ? 1367 ARG A CD  1 
ATOM   452  N NE  . ARG A 1 76  ? 7.450   7.764   -3.130  1.00 22.01 ? 1367 ARG A NE  1 
ATOM   453  C CZ  . ARG A 1 76  ? 8.233   7.920   -2.059  1.00 21.25 ? 1367 ARG A CZ  1 
ATOM   454  N NH1 . ARG A 1 76  ? 9.397   7.296   -1.987  1.00 20.56 ? 1367 ARG A NH1 1 
ATOM   455  N NH2 . ARG A 1 76  ? 7.813   8.688   -1.082  1.00 23.89 ? 1367 ARG A NH2 1 
ATOM   456  N N   . GLU A 1 77  ? 6.246   4.080   -7.851  1.00 10.61 ? 1368 GLU A N   1 
ATOM   457  C CA  . GLU A 1 77  ? 6.657   4.149   -9.265  1.00 11.70 ? 1368 GLU A CA  1 
ATOM   458  C C   . GLU A 1 77  ? 5.443   3.993   -10.162 1.00 10.56 ? 1368 GLU A C   1 
ATOM   459  O O   . GLU A 1 77  ? 5.398   4.662   -11.211 1.00 10.98 ? 1368 GLU A O   1 
ATOM   460  C CB  . GLU A 1 77  ? 7.691   3.075   -9.511  1.00 14.91 ? 1368 GLU A CB  1 
ATOM   461  C CG  . GLU A 1 77  ? 9.059   3.378   -8.923  1.00 20.25 ? 1368 GLU A CG  1 
ATOM   462  C CD  . GLU A 1 77  ? 9.942   2.187   -8.561  1.00 27.20 ? 1368 GLU A CD  1 
ATOM   463  O OE1 . GLU A 1 77  ? 9.615   1.036   -8.969  1.00 31.12 ? 1368 GLU A OE1 1 
ATOM   464  O OE2 . GLU A 1 77  ? 10.972  2.426   -7.838  1.00 37.67 ? 1368 GLU A OE2 1 
ATOM   465  N N   . THR A 1 78  ? 4.512   3.114   -9.823  1.00 10.06 ? 1369 THR A N   1 
ATOM   466  C CA  . THR A 1 78  ? 3.309   2.901   -10.676 1.00 9.61  ? 1369 THR A CA  1 
ATOM   467  C C   . THR A 1 78  ? 2.499   4.203   -10.709 1.00 10.62 ? 1369 THR A C   1 
ATOM   468  O O   . THR A 1 78  ? 2.026   4.650   -11.778 1.00 10.23 ? 1369 THR A O   1 
ATOM   469  C CB  . THR A 1 78  ? 2.500   1.736   -10.104 1.00 9.99  ? 1369 THR A CB  1 
ATOM   470  O OG1 . THR A 1 78  ? 3.308   0.554   -10.117 1.00 11.15 ? 1369 THR A OG1 1 
ATOM   471  C CG2 . THR A 1 78  ? 1.244   1.488   -10.894 1.00 10.52 ? 1369 THR A CG2 1 
ATOM   472  N N   . LEU A 1 79  ? 2.352   4.839   -9.550  1.00 9.15  ? 1370 LEU A N   1 
ATOM   473  C CA  . LEU A 1 79  ? 1.636   6.119   -9.423  1.00 9.24  ? 1370 LEU A CA  1 
ATOM   474  C C   . LEU A 1 79  ? 2.324   7.170   -10.270 1.00 9.71  ? 1370 LEU A C   1 
ATOM   475  O O   . LEU A 1 79  ? 1.652   7.881   -11.110 1.00 10.25 ? 1370 LEU A O   1 
ATOM   476  C CB  . LEU A 1 79  ? 1.590   6.529   -7.946  1.00 9.18  ? 1370 LEU A CB  1 
ATOM   477  C CG  . LEU A 1 79  ? 0.753   7.782   -7.643  1.00 9.88  ? 1370 LEU A CG  1 
ATOM   478  C CD1 . LEU A 1 79  ? -0.718  7.552   -7.972  1.00 8.88  ? 1370 LEU A CD1 1 
ATOM   479  C CD2 . LEU A 1 79  ? 0.923   8.192   -6.187  1.00 11.13 ? 1370 LEU A CD2 1 
ATOM   480  N N   . GLU A 1 80  ? 3.636   7.315   -10.100 1.00 10.37 ? 1371 GLU A N   1 
ATOM   481  C CA  . GLU A 1 80  ? 4.386   8.394   -10.771 1.00 12.51 ? 1371 GLU A CA  1 
ATOM   482  C C   . GLU A 1 80  ? 4.469   8.139   -12.274 1.00 11.99 ? 1371 GLU A C   1 
ATOM   483  O O   . GLU A 1 80  ? 4.597   9.132   -13.006 1.00 14.07 ? 1371 GLU A O   1 
ATOM   484  C CB  . GLU A 1 80  ? 5.769   8.544   -10.139 1.00 13.18 ? 1371 GLU A CB  1 
ATOM   485  C CG  . GLU A 1 80  ? 5.701   9.019   -8.677  1.00 17.25 ? 1371 GLU A CG  1 
ATOM   486  C CD  . GLU A 1 80  ? 4.868   10.289  -8.489  1.00 25.19 ? 1371 GLU A CD  1 
ATOM   487  O OE1 . GLU A 1 80  ? 5.469   11.362  -8.682  1.00 34.65 ? 1371 GLU A OE1 1 
ATOM   488  O OE2 . GLU A 1 80  ? 3.591   10.233  -8.311  1.00 26.02 ? 1371 GLU A OE2 1 
ATOM   489  N N   . ALA A 1 81  ? 4.396   6.918   -12.734 1.00 11.44 ? 1372 ALA A N   1 
ATOM   490  C CA  . ALA A 1 81  ? 4.343   6.566   -14.174 1.00 12.09 ? 1372 ALA A CA  1 
ATOM   491  C C   . ALA A 1 81  ? 2.999   6.926   -14.797 1.00 12.83 ? 1372 ALA A C   1 
ATOM   492  O O   . ALA A 1 81  ? 2.841   6.862   -16.021 1.00 13.23 ? 1372 ALA A O   1 
ATOM   493  C CB  . ALA A 1 81  ? 4.643   5.125   -14.338 1.00 12.85 ? 1372 ALA A CB  1 
ATOM   494  N N   . GLY A 1 82  ? 1.989   7.260   -13.984 1.00 11.39 ? 1373 GLY A N   1 
ATOM   495  C CA  . GLY A 1 82  ? 0.657   7.450   -14.530 1.00 10.42 ? 1373 GLY A CA  1 
ATOM   496  C C   . GLY A 1 82  ? 0.017   6.145   -14.876 1.00 10.27 ? 1373 GLY A C   1 
ATOM   497  O O   . GLY A 1 82  ? -0.692  6.051   -15.849 1.00 10.74 ? 1373 GLY A O   1 
ATOM   498  N N   . ASN A 1 83  ? 0.248   5.071   -14.095 1.00 9.24  ? 1374 ASN A N   1 
ATOM   499  C CA  . ASN A 1 83  ? -0.295  3.731   -14.380 1.00 9.61  ? 1374 ASN A CA  1 
ATOM   500  C C   . ASN A 1 83  ? -1.337  3.261   -13.328 1.00 8.82  ? 1374 ASN A C   1 
ATOM   501  O O   . ASN A 1 83  ? -1.721  2.101   -13.342 1.00 10.36 ? 1374 ASN A O   1 
ATOM   502  C CB  . ASN A 1 83  ? 0.830   2.717   -14.536 1.00 11.12 ? 1374 ASN A CB  1 
ATOM   503  C CG  . ASN A 1 83  ? 1.610   2.883   -15.820 1.00 13.14 ? 1374 ASN A CG  1 
ATOM   504  O OD1 . ASN A 1 83  ? 1.312   3.701   -16.735 1.00 14.02 ? 1374 ASN A OD1 1 
ATOM   505  N ND2 . ASN A 1 83  ? 2.629   2.065   -15.898 1.00 14.64 ? 1374 ASN A ND2 1 
ATOM   506  N N   . TYR A 1 84  ? -1.793  4.192   -12.489 1.00 9.81  ? 1375 TYR A N   1 
ATOM   507  C CA  . TYR A 1 84  ? -3.049  3.987   -11.725 1.00 9.77  ? 1375 TYR A CA  1 
ATOM   508  C C   . TYR A 1 84  ? -4.106  4.901   -12.345 1.00 10.15 ? 1375 TYR A C   1 
ATOM   509  O O   . TYR A 1 84  ? -3.803  6.078   -12.542 1.00 11.06 ? 1375 TYR A O   1 
ATOM   510  C CB  . TYR A 1 84  ? -2.843  4.274   -10.231 1.00 9.41  ? 1375 TYR A CB  1 
ATOM   511  C CG  . TYR A 1 84  ? -2.058  3.252   -9.466  1.00 8.79  ? 1375 TYR A CG  1 
ATOM   512  C CD1 . TYR A 1 84  ? -2.369  1.906   -9.511  1.00 8.79  ? 1375 TYR A CD1 1 
ATOM   513  C CD2 . TYR A 1 84  ? -1.018  3.662   -8.681  1.00 8.77  ? 1375 TYR A CD2 1 
ATOM   514  C CE1 . TYR A 1 84  ? -1.651  1.007   -8.763  1.00 8.42  ? 1375 TYR A CE1 1 
ATOM   515  C CE2 . TYR A 1 84  ? -0.273  2.762   -7.956  1.00 8.41  ? 1375 TYR A CE2 1 
ATOM   516  C CZ  . TYR A 1 84  ? -0.576  1.425   -8.015  1.00 8.53  ? 1375 TYR A CZ  1 
ATOM   517  O OH  . TYR A 1 84  ? 0.197   0.574   -7.277  1.00 9.38  ? 1375 TYR A OH  1 
ATOM   518  N N   . GLU A 1 85  ? -5.291  4.346   -12.581 1.00 11.42 ? 1376 GLU A N   1 
ATOM   519  C CA  . GLU A 1 85  ? -6.438  5.176   -13.023 1.00 12.39 ? 1376 GLU A CA  1 
ATOM   520  C C   . GLU A 1 85  ? -7.212  5.773   -11.832 1.00 12.29 ? 1376 GLU A C   1 
ATOM   521  O O   . GLU A 1 85  ? -7.824  6.884   -11.970 1.00 15.23 ? 1376 GLU A O   1 
ATOM   522  C CB  . GLU A 1 85  ? -7.386  4.350   -13.868 1.00 14.91 ? 1376 GLU A CB  1 
ATOM   523  C CG  . GLU A 1 85  ? -8.413  5.281   -14.491 1.00 19.44 ? 1376 GLU A CG  1 
ATOM   524  C CD  . GLU A 1 85  ? -9.292  4.596   -15.510 1.00 23.89 ? 1376 GLU A CD  1 
ATOM   525  O OE1 . GLU A 1 85  ? -9.137  3.342   -15.680 1.00 28.81 ? 1376 GLU A OE1 1 
ATOM   526  O OE2 . GLU A 1 85  ? -10.083 5.355   -16.185 1.00 27.49 ? 1376 GLU A OE2 1 
ATOM   527  N N   . SER A 1 86  ? -7.157  5.142   -10.658 1.00 11.37 ? 1377 SER A N   1 
ATOM   528  C CA  . SER A 1 86  ? -7.997  5.530   -9.509  1.00 11.00 ? 1377 SER A CA  1 
ATOM   529  C C   . SER A 1 86  ? -7.261  5.208   -8.239  1.00 10.16 ? 1377 SER A C   1 
ATOM   530  O O   . SER A 1 86  ? -6.359  4.358   -8.230  1.00 10.09 ? 1377 SER A O   1 
ATOM   531  C CB  . SER A 1 86  ? -9.298  4.812   -9.493  1.00 10.55 ? 1377 SER A CB  1 
ATOM   532  O OG  . SER A 1 86  ? -9.077  3.441   -9.205  1.00 11.96 ? 1377 SER A OG  1 
ATOM   533  N N   . PRO A 1 87  ? -7.648  5.853   -7.126  1.00 9.44  ? 1378 PRO A N   1 
ATOM   534  C CA  . PRO A 1 87  ? -7.033  5.483   -5.845  1.00 9.30  ? 1378 PRO A CA  1 
ATOM   535  C C   . PRO A 1 87  ? -7.452  4.093   -5.379  1.00 8.90  ? 1378 PRO A C   1 
ATOM   536  O O   . PRO A 1 87  ? -6.736  3.512   -4.588  1.00 8.06  ? 1378 PRO A O   1 
ATOM   537  C CB  . PRO A 1 87  ? -7.571  6.575   -4.895  1.00 9.36  ? 1378 PRO A CB  1 
ATOM   538  C CG  . PRO A 1 87  ? -8.885  7.032   -5.535  1.00 9.35  ? 1378 PRO A CG  1 
ATOM   539  C CD  . PRO A 1 87  ? -8.621  6.967   -7.016  1.00 9.64  ? 1378 PRO A CD  1 
ATOM   540  N N   . MET A 1 88  ? -8.559  3.555   -5.862  1.00 8.11  ? 1379 MET A N   1 
ATOM   541  C CA  . MET A 1 88  ? -8.949  2.159   -5.555  1.00 8.54  ? 1379 MET A CA  1 
ATOM   542  C C   . MET A 1 88  ? -7.861  1.192   -6.038  1.00 7.83  ? 1379 MET A C   1 
ATOM   543  O O   . MET A 1 88  ? -7.574  0.230   -5.376  1.00 7.97  ? 1379 MET A O   1 
ATOM   544  C CB  . MET A 1 88  ? -10.313 1.782   -6.148  1.00 8.99  ? 1379 MET A CB  1 
ATOM   545  C CG  . MET A 1 88  ? -11.454 2.606   -5.587  1.00 9.75  ? 1379 MET A CG  1 
ATOM   546  S SD  . MET A 1 88  ? -11.725 4.232   -6.317  1.00 11.98 ? 1379 MET A SD  1 
ATOM   547  C CE  . MET A 1 88  ? -12.630 3.717   -7.775  1.00 14.08 ? 1379 MET A CE  1 
ATOM   548  N N   . GLU A 1 89  ? -7.299  1.424   -7.223  1.00 8.23  ? 1380 GLU A N   1 
ATOM   549  C CA  . GLU A 1 89  ? -6.272  0.514   -7.746  1.00 8.84  ? 1380 GLU A CA  1 
ATOM   550  C C   . GLU A 1 89  ? -5.030  0.605   -6.854  1.00 8.35  ? 1380 GLU A C   1 
ATOM   551  O O   . GLU A 1 89  ? -4.394  -0.422  -6.551  1.00 8.59  ? 1380 GLU A O   1 
ATOM   552  C CB  . GLU A 1 89  ? -5.874  0.896   -9.164  1.00 9.37  ? 1380 GLU A CB  1 
ATOM   553  C CG  . GLU A 1 89  ? -6.943  0.619   -10.180 1.00 10.57 ? 1380 GLU A CG  1 
ATOM   554  C CD  . GLU A 1 89  ? -6.545  1.082   -11.568 1.00 12.25 ? 1380 GLU A CD  1 
ATOM   555  O OE1 . GLU A 1 89  ? -5.556  1.742   -11.709 1.00 12.67 ? 1380 GLU A OE1 1 
ATOM   556  O OE2 . GLU A 1 89  ? -7.335  0.817   -12.499 1.00 16.72 ? 1380 GLU A OE2 1 
ATOM   557  N N   . LEU A 1 90  ? -4.613  1.806   -6.426  1.00 7.85  ? 1381 LEU A N   1 
ATOM   558  C CA  . LEU A 1 90  ? -3.441  1.983   -5.535  1.00 8.08  ? 1381 LEU A CA  1 
ATOM   559  C C   . LEU A 1 90  ? -3.707  1.255   -4.231  1.00 8.58  ? 1381 LEU A C   1 
ATOM   560  O O   . LEU A 1 90  ? -2.835  0.568   -3.687  1.00 8.00  ? 1381 LEU A O   1 
ATOM   561  C CB  . LEU A 1 90  ? -3.176  3.481   -5.330  1.00 8.51  ? 1381 LEU A CB  1 
ATOM   562  C CG  . LEU A 1 90  ? -2.024  3.810   -4.381  1.00 8.79  ? 1381 LEU A CG  1 
ATOM   563  C CD1 . LEU A 1 90  ? -1.237  5.004   -4.884  1.00 8.35  ? 1381 LEU A CD1 1 
ATOM   564  C CD2 . LEU A 1 90  ? -2.496  3.960   -2.948  1.00 9.30  ? 1381 LEU A CD2 1 
ATOM   565  N N   . CYS A 1 91  ? -4.924  1.408   -3.712  0.50 8.45  ? 1382 CYS A N   1 
ATOM   566  C CA  . CYS A 1 91  ? -5.337  0.822   -2.420  0.50 8.94  ? 1382 CYS A CA  1 
ATOM   567  C C   . CYS A 1 91  ? -5.249  -0.709  -2.521  0.50 8.86  ? 1382 CYS A C   1 
ATOM   568  O O   . CYS A 1 91  ? -4.822  -1.340  -1.540  0.50 9.01  ? 1382 CYS A O   1 
ATOM   569  C CB  . CYS A 1 91  ? -6.715  1.349   -2.038  0.50 9.35  ? 1382 CYS A CB  1 
ATOM   570  S SG  . CYS A 1 91  ? -7.245  0.852   -0.384  0.50 10.60 ? 1382 CYS A SG  1 
ATOM   571  N N   . LYS A 1 92  ? -5.631  -1.301  -3.659  1.00 9.16  ? 1383 LYS A N   1 
ATOM   572  C CA  . LYS A 1 92  ? -5.559  -2.756  -3.818  1.00 10.00 ? 1383 LYS A CA  1 
ATOM   573  C C   . LYS A 1 92  ? -4.091  -3.195  -3.738  1.00 8.96  ? 1383 LYS A C   1 
ATOM   574  O O   . LYS A 1 92  ? -3.806  -4.212  -3.084  1.00 9.25  ? 1383 LYS A O   1 
ATOM   575  C CB  . LYS A 1 92  ? -6.232  -3.112  -5.139  1.00 11.14 ? 1383 LYS A CB  1 
ATOM   576  C CG  . LYS A 1 92  ? -6.225  -4.596  -5.454  1.00 13.82 ? 1383 LYS A CG  1 
ATOM   577  C CD  . LYS A 1 92  ? -7.108  -4.958  -6.646  1.00 18.33 ? 1383 LYS A CD  1 
ATOM   578  C CE  . LYS A 1 92  ? -6.558  -6.177  -7.371  1.00 26.20 ? 1383 LYS A CE  1 
ATOM   579  N NZ  . LYS A 1 92  ? -7.503  -6.762  -8.373  1.00 30.65 ? 1383 LYS A NZ  1 
ATOM   580  N N   . ASP A 1 93  ? -3.191  -2.496  -4.384  1.00 8.45  ? 1384 ASP A N   1 
ATOM   581  C CA  . ASP A 1 93  ? -1.774  -2.884  -4.331  1.00 8.41  ? 1384 ASP A CA  1 
ATOM   582  C C   . ASP A 1 93  ? -1.208  -2.697  -2.907  1.00 7.69  ? 1384 ASP A C   1 
ATOM   583  O O   . ASP A 1 93  ? -0.441  -3.545  -2.439  1.00 7.70  ? 1384 ASP A O   1 
ATOM   584  C CB  . ASP A 1 93  ? -0.960  -2.106  -5.349  1.00 9.10  ? 1384 ASP A CB  1 
ATOM   585  C CG  . ASP A 1 93  ? -1.063  -2.598  -6.770  1.00 11.29 ? 1384 ASP A CG  1 
ATOM   586  O OD1 . ASP A 1 93  ? -1.665  -3.681  -6.963  1.00 14.29 ? 1384 ASP A OD1 1 
ATOM   587  O OD2 . ASP A 1 93  ? -0.534  -1.937  -7.652  1.00 11.18 ? 1384 ASP A OD2 1 
ATOM   588  N N   . VAL A 1 94  ? -1.556  -1.609  -2.220  1.00 7.62  ? 1385 VAL A N   1 
ATOM   589  C CA  . VAL A 1 94  ? -1.049  -1.428  -0.840  1.00 7.42  ? 1385 VAL A CA  1 
ATOM   590  C C   . VAL A 1 94  ? -1.585  -2.563  0.032   1.00 7.72  ? 1385 VAL A C   1 
ATOM   591  O O   . VAL A 1 94  ? -0.847  -3.144  0.845   1.00 7.91  ? 1385 VAL A O   1 
ATOM   592  C CB  . VAL A 1 94  ? -1.400  -0.050  -0.290  1.00 8.06  ? 1385 VAL A CB  1 
ATOM   593  C CG1 . VAL A 1 94  ? -1.086  0.040   1.190   1.00 8.01  ? 1385 VAL A CG1 1 
ATOM   594  C CG2 . VAL A 1 94  ? -0.656  1.025   -1.056  1.00 8.16  ? 1385 VAL A CG2 1 
ATOM   595  N N   . ARG A 1 95  ? -2.867  -2.923  -0.103  1.00 7.43  ? 1386 ARG A N   1 
ATOM   596  C CA  . ARG A 1 95  ? -3.436  -4.002  0.717   1.00 7.90  ? 1386 ARG A CA  1 
ATOM   597  C C   . ARG A 1 95  ? -2.738  -5.306  0.405   1.00 8.00  ? 1386 ARG A C   1 
ATOM   598  O O   . ARG A 1 95  ? -2.606  -6.133  1.319   1.00 8.53  ? 1386 ARG A O   1 
ATOM   599  C CB  . ARG A 1 95  ? -4.949  -4.042  0.518   1.00 8.00  ? 1386 ARG A CB  1 
ATOM   600  C CG  . ARG A 1 95  ? -5.649  -2.905  1.246   1.00 9.30  ? 1386 ARG A CG  1 
ATOM   601  C CD  . ARG A 1 95  ? -7.086  -2.770  0.840   1.00 10.83 ? 1386 ARG A CD  1 
ATOM   602  N NE  . ARG A 1 95  ? -7.756  -1.735  1.583   1.00 11.36 ? 1386 ARG A NE  1 
ATOM   603  C CZ  . ARG A 1 95  ? -9.036  -1.374  1.410   1.00 14.34 ? 1386 ARG A CZ  1 
ATOM   604  N NH1 . ARG A 1 95  ? -9.724  -1.864  0.394   1.00 14.68 ? 1386 ARG A NH1 1 
ATOM   605  N NH2 . ARG A 1 95  ? -9.573  -0.420  2.170   1.00 15.98 ? 1386 ARG A NH2 1 
ATOM   606  N N   . LEU A 1 96  ? -2.284  -5.526  -0.807  1.00 8.11  ? 1387 LEU A N   1 
ATOM   607  C CA  . LEU A 1 96  ? -1.492  -6.733  -1.183  1.00 8.71  ? 1387 LEU A CA  1 
ATOM   608  C C   . LEU A 1 96  ? -0.175  -6.781  -0.421  1.00 8.70  ? 1387 LEU A C   1 
ATOM   609  O O   . LEU A 1 96  ? 0.241   -7.867  0.021   1.00 8.82  ? 1387 LEU A O   1 
ATOM   610  C CB  . LEU A 1 96  ? -1.263  -6.721  -2.687  1.00 9.57  ? 1387 LEU A CB  1 
ATOM   611  C CG  . LEU A 1 96  ? -0.512  -7.889  -3.295  1.00 11.12 ? 1387 LEU A CG  1 
ATOM   612  C CD1 . LEU A 1 96  ? -1.169  -9.218  -3.023  1.00 11.58 ? 1387 LEU A CD1 1 
ATOM   613  C CD2 . LEU A 1 96  ? -0.351  -7.678  -4.800  1.00 10.41 ? 1387 LEU A CD2 1 
ATOM   614  N N   . ILE A 1 97  ? 0.454   -5.632  -0.166  1.00 8.68  ? 1388 ILE A N   1 
ATOM   615  C CA  . ILE A 1 97  ? 1.693   -5.624  0.666   1.00 8.04  ? 1388 ILE A CA  1 
ATOM   616  C C   . ILE A 1 97  ? 1.336   -6.267  1.983   1.00 7.57  ? 1388 ILE A C   1 
ATOM   617  O O   . ILE A 1 97  ? 2.106   -7.111  2.528   1.00 8.41  ? 1388 ILE A O   1 
ATOM   618  C CB  . ILE A 1 97  ? 2.234   -4.201  0.864   1.00 8.58  ? 1388 ILE A CB  1 
ATOM   619  C CG1 . ILE A 1 97  ? 2.622   -3.594  -0.482  1.00 7.85  ? 1388 ILE A CG1 1 
ATOM   620  C CG2 . ILE A 1 97  ? 3.394   -4.195  1.838   1.00 8.88  ? 1388 ILE A CG2 1 
ATOM   621  C CD1 . ILE A 1 97  ? 2.973   -2.089  -0.452  1.00 7.94  ? 1388 ILE A CD1 1 
ATOM   622  N N   . PHE A 1 98  ? 0.224   -5.847  2.566   1.00 7.29  ? 1389 PHE A N   1 
ATOM   623  C CA  . PHE A 1 98  ? -0.106  -6.309  3.930   1.00 8.43  ? 1389 PHE A CA  1 
ATOM   624  C C   . PHE A 1 98  ? -0.593  -7.750  3.894   1.00 8.68  ? 1389 PHE A C   1 
ATOM   625  O O   . PHE A 1 98  ? -0.226  -8.520  4.819   1.00 8.66  ? 1389 PHE A O   1 
ATOM   626  C CB  . PHE A 1 98  ? -1.101  -5.353  4.587   1.00 8.88  ? 1389 PHE A CB  1 
ATOM   627  C CG  . PHE A 1 98  ? -0.603  -3.930  4.682   1.00 9.57  ? 1389 PHE A CG  1 
ATOM   628  C CD1 . PHE A 1 98  ? 0.647   -3.634  5.199   1.00 10.88 ? 1389 PHE A CD1 1 
ATOM   629  C CD2 . PHE A 1 98  ? -1.391  -2.880  4.252   1.00 10.55 ? 1389 PHE A CD2 1 
ATOM   630  C CE1 . PHE A 1 98  ? 1.113   -2.318  5.295   1.00 12.15 ? 1389 PHE A CE1 1 
ATOM   631  C CE2 . PHE A 1 98  ? -0.931  -1.577  4.407   1.00 10.34 ? 1389 PHE A CE2 1 
ATOM   632  C CZ  . PHE A 1 98  ? 0.312   -1.321  4.882   1.00 11.36 ? 1389 PHE A CZ  1 
ATOM   633  N N   . SER A 1 99  ? -1.365  -8.156  2.893   1.00 8.78  ? 1390 SER A N   1 
ATOM   634  C CA  . SER A 1 99  ? -1.796  -9.572  2.879   1.00 9.25  ? 1390 SER A CA  1 
ATOM   635  C C   . SER A 1 99  ? -0.598  -10.476 2.611   1.00 9.38  ? 1390 SER A C   1 
ATOM   636  O O   . SER A 1 99  ? -0.553  -11.606 3.153   1.00 9.65  ? 1390 SER A O   1 
ATOM   637  C CB  . SER A 1 99  ? -2.893  -9.792  1.905   1.00 10.17 ? 1390 SER A CB  1 
ATOM   638  O OG  . SER A 1 99  ? -2.552  -9.439  0.619   1.00 11.98 ? 1390 SER A OG  1 
ATOM   639  N N   . ASN A 1 100 ? 0.368   -10.075 1.811   1.00 8.81  ? 1391 ASN A N   1 
ATOM   640  C CA  . ASN A 1 100 ? 1.593   -10.869 1.606   1.00 9.06  ? 1391 ASN A CA  1 
ATOM   641  C C   . ASN A 1 100 ? 2.281   -11.066 2.939   1.00 10.03 ? 1391 ASN A C   1 
ATOM   642  O O   . ASN A 1 100 ? 2.759   -12.186 3.235   1.00 10.58 ? 1391 ASN A O   1 
ATOM   643  C CB  . ASN A 1 100 ? 2.493   -10.225 0.596   1.00 9.46  ? 1391 ASN A CB  1 
ATOM   644  C CG  . ASN A 1 100 ? 1.998   -10.347 -0.821  1.00 9.91  ? 1391 ASN A CG  1 
ATOM   645  O OD1 . ASN A 1 100 ? 1.086   -11.106 -1.115  1.00 10.36 ? 1391 ASN A OD1 1 
ATOM   646  N ND2 . ASN A 1 100 ? 2.649   -9.640  -1.716  1.00 10.98 ? 1391 ASN A ND2 1 
ATOM   647  N N   . SER A 1 101 ? 2.398   -10.025 3.735   1.00 9.46  ? 1392 SER A N   1 
ATOM   648  C CA  . SER A 1 101 ? 3.109   -10.147 5.030   1.00 9.93  ? 1392 SER A CA  1 
ATOM   649  C C   . SER A 1 101 ? 2.355   -11.129 5.922   1.00 10.51 ? 1392 SER A C   1 
ATOM   650  O O   . SER A 1 101 ? 2.959   -11.975 6.611   1.00 10.75 ? 1392 SER A O   1 
ATOM   651  C CB  . SER A 1 101 ? 3.273   -8.783  5.679   1.00 9.27  ? 1392 SER A CB  1 
ATOM   652  O OG  . SER A 1 101 ? 4.011   -8.871  6.897   1.00 11.00 ? 1392 SER A OG  1 
ATOM   653  N N   . LYS A 1 102 ? 1.042   -11.032 5.994   1.00 10.28 ? 1393 LYS A N   1 
ATOM   654  C CA  . LYS A 1 102 ? 0.211   -11.969 6.799   1.00 11.19 ? 1393 LYS A CA  1 
ATOM   655  C C   . LYS A 1 102 ? 0.374   -13.396 6.273   1.00 12.16 ? 1393 LYS A C   1 
ATOM   656  O O   . LYS A 1 102 ? 0.410   -14.334 7.135   1.00 13.41 ? 1393 LYS A O   1 
ATOM   657  C CB  . LYS A 1 102 ? -1.238  -11.517 6.737   1.00 11.19 ? 1393 LYS A CB  1 
ATOM   658  C CG  . LYS A 1 102 ? -2.185  -12.279 7.675   1.00 12.82 ? 1393 LYS A CG  1 
ATOM   659  C CD  . LYS A 1 102 ? -3.529  -11.643 7.757   1.00 14.74 ? 1393 LYS A CD  1 
ATOM   660  C CE  . LYS A 1 102 ? -4.391  -12.255 8.843   1.00 16.95 ? 1393 LYS A CE  1 
ATOM   661  N NZ  . LYS A 1 102 ? -5.703  -11.582 8.895   1.00 20.09 ? 1393 LYS A NZ  1 
ATOM   662  N N   . ALA A 1 103 ? 0.448   -13.581 4.971   1.00 12.30 ? 1394 ALA A N   1 
ATOM   663  C CA  . ALA A 1 103 ? 0.575   -14.938 4.408   1.00 12.77 ? 1394 ALA A CA  1 
ATOM   664  C C   . ALA A 1 103 ? 1.973   -15.486 4.706   1.00 12.79 ? 1394 ALA A C   1 
ATOM   665  O O   . ALA A 1 103 ? 2.126   -16.743 4.929   1.00 13.67 ? 1394 ALA A O   1 
ATOM   666  C CB  . ALA A 1 103 ? 0.282   -14.900 2.939   1.00 12.86 ? 1394 ALA A CB  1 
ATOM   667  N N   . TYR A 1 104 ? 3.025   -14.672 4.672   1.00 11.51 ? 1395 TYR A N   1 
ATOM   668  C CA  . TYR A 1 104 ? 4.413   -15.158 4.783   1.00 12.87 ? 1395 TYR A CA  1 
ATOM   669  C C   . TYR A 1 104 ? 4.837   -15.345 6.238   1.00 13.34 ? 1395 TYR A C   1 
ATOM   670  O O   . TYR A 1 104 ? 5.806   -16.067 6.483   1.00 13.01 ? 1395 TYR A O   1 
ATOM   671  C CB  . TYR A 1 104 ? 5.386   -14.273 4.018   1.00 14.21 ? 1395 TYR A CB  1 
ATOM   672  C CG  . TYR A 1 104 ? 6.740   -14.936 3.920   1.00 14.19 ? 1395 TYR A CG  1 
ATOM   673  C CD1 . TYR A 1 104 ? 6.959   -16.061 3.138   1.00 13.98 ? 1395 TYR A CD1 1 
ATOM   674  C CD2 . TYR A 1 104 ? 7.793   -14.432 4.652   1.00 17.12 ? 1395 TYR A CD2 1 
ATOM   675  C CE1 . TYR A 1 104 ? 8.186   -16.720 3.129   1.00 15.25 ? 1395 TYR A CE1 1 
ATOM   676  C CE2 . TYR A 1 104 ? 9.026   -15.059 4.642   1.00 16.51 ? 1395 TYR A CE2 1 
ATOM   677  C CZ  . TYR A 1 104 ? 9.232   -16.170 3.845   1.00 15.77 ? 1395 TYR A CZ  1 
ATOM   678  O OH  . TYR A 1 104 ? 10.470  -16.777 3.842   1.00 19.01 ? 1395 TYR A OH  1 
ATOM   679  N N   . THR A 1 105 ? 4.142   -14.725 7.203   0.38 13.69 ? 1396 THR A N   1 
ATOM   680  C CA  . THR A 1 105 ? 4.552   -14.699 8.637   0.38 13.89 ? 1396 THR A CA  1 
ATOM   681  C C   . THR A 1 105 ? 4.409   -16.087 9.264   0.38 14.88 ? 1396 THR A C   1 
ATOM   682  O O   . THR A 1 105 ? 3.335   -16.698 9.222   0.38 14.16 ? 1396 THR A O   1 
ATOM   683  C CB  . THR A 1 105 ? 3.801   -13.640 9.465   0.38 13.84 ? 1396 THR A CB  1 
ATOM   684  O OG1 . THR A 1 105 ? 4.321   -13.594 10.799  0.38 13.54 ? 1396 THR A OG1 1 
ATOM   685  C CG2 . THR A 1 105 ? 2.314   -13.887 9.574   0.38 14.26 ? 1396 THR A CG2 1 
ATOM   686  N N   . PRO A 1 106 ? 5.466   -16.604 9.933   1.00 15.42 ? 1397 PRO A N   1 
ATOM   687  C CA  . PRO A 1 106 ? 5.348   -17.907 10.583  1.00 16.12 ? 1397 PRO A CA  1 
ATOM   688  C C   . PRO A 1 106 ? 4.571   -17.814 11.887  1.00 17.22 ? 1397 PRO A C   1 
ATOM   689  O O   . PRO A 1 106 ? 4.201   -18.829 12.457  1.00 18.07 ? 1397 PRO A O   1 
ATOM   690  C CB  . PRO A 1 106 ? 6.814   -18.268 10.842  1.00 18.29 ? 1397 PRO A CB  1 
ATOM   691  C CG  . PRO A 1 106 ? 7.522   -16.919 11.068  1.00 18.89 ? 1397 PRO A CG  1 
ATOM   692  C CD  . PRO A 1 106 ? 6.785   -15.960 10.152  1.00 16.68 ? 1397 PRO A CD  1 
ATOM   693  N N   . SER A 1 107 ? 4.330   -16.585 12.354  0.38 16.93 ? 1398 SER A N   1 
ATOM   694  C CA  . SER A 1 107 ? 3.685   -16.289 13.655  0.38 17.80 ? 1398 SER A CA  1 
ATOM   695  C C   . SER A 1 107 ? 2.957   -14.943 13.601  0.38 17.73 ? 1398 SER A C   1 
ATOM   696  O O   . SER A 1 107 ? 3.482   -13.999 12.989  0.38 16.33 ? 1398 SER A O   1 
ATOM   697  C CB  . SER A 1 107 ? 4.710   -16.297 14.751  0.38 18.43 ? 1398 SER A CB  1 
ATOM   698  O OG  . SER A 1 107 ? 4.162   -15.766 15.936  0.38 19.29 ? 1398 SER A OG  1 
ATOM   699  N N   . LYS A 1 108 ? 1.814   -14.844 14.280  0.38 19.78 ? 1399 LYS A N   1 
ATOM   700  C CA  . LYS A 1 108 ? 1.057   -13.572 14.410  0.38 21.37 ? 1399 LYS A CA  1 
ATOM   701  C C   . LYS A 1 108 ? 1.853   -12.601 15.292  0.38 21.76 ? 1399 LYS A C   1 
ATOM   702  O O   . LYS A 1 108 ? 1.542   -11.401 15.245  0.38 21.14 ? 1399 LYS A O   1 
ATOM   703  C CB  . LYS A 1 108 ? -0.363  -13.840 14.922  0.38 23.16 ? 1399 LYS A CB  1 
ATOM   704  C CG  . LYS A 1 108 ? -1.181  -14.743 14.007  0.38 24.68 ? 1399 LYS A CG  1 
ATOM   705  C CD  . LYS A 1 108 ? -2.593  -14.269 13.710  0.38 26.46 ? 1399 LYS A CD  1 
ATOM   706  C CE  . LYS A 1 108 ? -3.136  -14.846 12.419  0.38 27.18 ? 1399 LYS A CE  1 
ATOM   707  N NZ  . LYS A 1 108 ? -4.613  -14.744 12.345  0.38 28.18 ? 1399 LYS A NZ  1 
ATOM   708  N N   . ARG A 1 109 ? 2.862   -13.093 16.022  0.38 22.23 ? 1400 ARG A N   1 
ATOM   709  C CA  . ARG A 1 109 ? 3.688   -12.301 16.979  0.38 23.91 ? 1400 ARG A CA  1 
ATOM   710  C C   . ARG A 1 109 ? 4.979   -11.800 16.315  0.38 22.21 ? 1400 ARG A C   1 
ATOM   711  O O   . ARG A 1 109 ? 5.746   -11.105 16.992  0.38 25.68 ? 1400 ARG A O   1 
ATOM   712  C CB  . ARG A 1 109 ? 4.020   -13.146 18.215  0.38 26.54 ? 1400 ARG A CB  1 
ATOM   713  C CG  . ARG A 1 109 ? 2.812   -13.474 19.080  0.38 29.77 ? 1400 ARG A CG  1 
ATOM   714  C CD  . ARG A 1 109 ? 3.160   -14.349 20.271  0.38 31.87 ? 1400 ARG A CD  1 
ATOM   715  N NE  . ARG A 1 109 ? 3.890   -13.621 21.307  0.38 34.64 ? 1400 ARG A NE  1 
ATOM   716  C CZ  . ARG A 1 109 ? 5.193   -13.740 21.579  0.38 36.79 ? 1400 ARG A CZ  1 
ATOM   717  N NH1 . ARG A 1 109 ? 5.964   -14.571 20.893  0.38 39.17 ? 1400 ARG A NH1 1 
ATOM   718  N NH2 . ARG A 1 109 ? 5.724   -13.017 22.551  0.38 37.53 ? 1400 ARG A NH2 1 
ATOM   719  N N   . SER A 1 110 ? 5.206   -12.151 15.049  0.38 19.40 ? 1401 SER A N   1 
ATOM   720  C CA  . SER A 1 110 ? 6.369   -11.736 14.222  0.38 16.72 ? 1401 SER A CA  1 
ATOM   721  C C   . SER A 1 110 ? 6.674   -10.233 14.377  0.38 15.10 ? 1401 SER A C   1 
ATOM   722  O O   . SER A 1 110 ? 5.715   -9.426  14.462  0.38 14.58 ? 1401 SER A O   1 
ATOM   723  C CB  . SER A 1 110 ? 6.095   -12.102 12.783  0.38 17.17 ? 1401 SER A CB  1 
ATOM   724  O OG  . SER A 1 110 ? 6.793   -11.260 11.890  0.38 16.51 ? 1401 SER A OG  1 
ATOM   725  N N   . ARG A 1 111 ? 7.957   -9.848  14.392  1.00 13.93 ? 1402 ARG A N   1 
ATOM   726  C CA  . ARG A 1 111 ? 8.325   -8.416  14.329  1.00 12.72 ? 1402 ARG A CA  1 
ATOM   727  C C   . ARG A 1 111 ? 7.796   -7.783  13.039  1.00 11.85 ? 1402 ARG A C   1 
ATOM   728  O O   . ARG A 1 111 ? 7.134   -6.740  13.097  1.00 12.23 ? 1402 ARG A O   1 
ATOM   729  C CB  . ARG A 1 111 ? 9.854   -8.256  14.349  1.00 13.63 ? 1402 ARG A CB  1 
ATOM   730  C CG  . ARG A 1 111 ? 10.319  -6.806  14.255  1.00 14.65 ? 1402 ARG A CG  1 
ATOM   731  C CD  . ARG A 1 111 ? 10.105  -6.086  15.571  1.00 16.86 ? 1402 ARG A CD  1 
ATOM   732  N NE  . ARG A 1 111 ? 10.148  -4.629  15.482  1.00 21.40 ? 1402 ARG A NE  1 
ATOM   733  C CZ  . ARG A 1 111 ? 11.244  -3.884  15.456  1.00 22.53 ? 1402 ARG A CZ  1 
ATOM   734  N NH1 . ARG A 1 111 ? 12.439  -4.413  15.667  1.00 22.91 ? 1402 ARG A NH1 1 
ATOM   735  N NH2 . ARG A 1 111 ? 11.136  -2.565  15.326  1.00 28.85 ? 1402 ARG A NH2 1 
ATOM   736  N N   . ILE A 1 112 ? 8.113   -8.370  11.896  0.38 10.93 ? 1403 ILE A N   1 
ATOM   737  C CA  . ILE A 1 112 ? 7.831   -7.707  10.588  0.38 10.79 ? 1403 ILE A CA  1 
ATOM   738  C C   . ILE A 1 112 ? 6.321   -7.750  10.310  0.38 10.75 ? 1403 ILE A C   1 
ATOM   739  O O   . ILE A 1 112 ? 5.817   -6.746  9.760   0.38 10.22 ? 1403 ILE A O   1 
ATOM   740  C CB  . ILE A 1 112 ? 8.736   -8.282  9.479   0.38 10.64 ? 1403 ILE A CB  1 
ATOM   741  C CG1 . ILE A 1 112 ? 10.176  -7.791  9.686   0.38 10.39 ? 1403 ILE A CG1 1 
ATOM   742  C CG2 . ILE A 1 112 ? 8.210   -7.924  8.097   0.38 10.81 ? 1403 ILE A CG2 1 
ATOM   743  C CD1 . ILE A 1 112 ? 11.241  -8.611  8.987   0.38 10.31 ? 1403 ILE A CD1 1 
ATOM   744  N N   . TYR A 1 113 ? 5.596   -8.792  10.749  1.00 10.45 ? 1404 TYR A N   1 
ATOM   745  C CA  . TYR A 1 113 ? 4.125   -8.827  10.655  1.00 10.18 ? 1404 TYR A CA  1 
ATOM   746  C C   . TYR A 1 113 ? 3.518   -7.774  11.576  1.00 10.59 ? 1404 TYR A C   1 
ATOM   747  O O   . TYR A 1 113 ? 2.593   -7.075  11.180  1.00 10.51 ? 1404 TYR A O   1 
ATOM   748  C CB  . TYR A 1 113 ? 3.574   -10.219 10.941  1.00 11.63 ? 1404 TYR A CB  1 
ATOM   749  C CG  . TYR A 1 113 ? 2.062   -10.266 10.941  1.00 10.81 ? 1404 TYR A CG  1 
ATOM   750  C CD1 . TYR A 1 113 ? 1.323   -10.017 9.780   1.00 12.37 ? 1404 TYR A CD1 1 
ATOM   751  C CD2 . TYR A 1 113 ? 1.372   -10.620 12.094  1.00 12.08 ? 1404 TYR A CD2 1 
ATOM   752  C CE1 . TYR A 1 113 ? -0.066  -10.061 9.800   1.00 12.17 ? 1404 TYR A CE1 1 
ATOM   753  C CE2 . TYR A 1 113 ? -0.008  -10.687 12.116  1.00 13.88 ? 1404 TYR A CE2 1 
ATOM   754  C CZ  . TYR A 1 113 ? -0.734  -10.443 10.954  1.00 12.89 ? 1404 TYR A CZ  1 
ATOM   755  O OH  . TYR A 1 113 ? -2.114  -10.541 11.033  1.00 15.82 ? 1404 TYR A OH  1 
ATOM   756  N N   A SER A 1 114 ? 4.021   -7.632  12.804  0.19 10.92 ? 1405 SER A N   1 
ATOM   757  N N   B SER A 1 114 ? 4.016   -7.629  12.799  0.19 10.98 ? 1405 SER A N   1 
ATOM   758  C CA  A SER A 1 114 ? 3.518   -6.618  13.767  0.19 11.68 ? 1405 SER A CA  1 
ATOM   759  C CA  B SER A 1 114 ? 3.494   -6.619  13.751  0.19 11.78 ? 1405 SER A CA  1 
ATOM   760  C C   A SER A 1 114 ? 3.668   -5.211  13.172  0.19 11.35 ? 1405 SER A C   1 
ATOM   761  C C   B SER A 1 114 ? 3.673   -5.202  13.184  0.19 11.42 ? 1405 SER A C   1 
ATOM   762  O O   A SER A 1 114 ? 2.768   -4.366  13.385  0.19 11.42 ? 1405 SER A O   1 
ATOM   763  O O   B SER A 1 114 ? 2.791   -4.343  13.416  0.19 11.44 ? 1405 SER A O   1 
ATOM   764  C CB  A SER A 1 114 ? 4.198   -6.719  15.113  0.19 12.21 ? 1405 SER A CB  1 
ATOM   765  C CB  B SER A 1 114 ? 4.137   -6.772  15.099  0.19 12.42 ? 1405 SER A CB  1 
ATOM   766  O OG  A SER A 1 114 ? 5.501   -6.156  15.086  0.19 12.74 ? 1405 SER A OG  1 
ATOM   767  O OG  B SER A 1 114 ? 3.777   -8.024  15.663  0.19 13.14 ? 1405 SER A OG  1 
ATOM   768  N N   . MET A 1 115 ? 4.788   -4.939  12.504  1.00 10.81 ? 1406 MET A N   1 
ATOM   769  C CA  . MET A 1 115 ? 5.017   -3.645  11.835  1.00 10.71 ? 1406 MET A CA  1 
ATOM   770  C C   . MET A 1 115 ? 3.965   -3.465  10.739  1.00 9.92  ? 1406 MET A C   1 
ATOM   771  O O   . MET A 1 115 ? 3.426   -2.348  10.589  1.00 9.74  ? 1406 MET A O   1 
ATOM   772  C CB  . MET A 1 115 ? 6.410   -3.618  11.246  1.00 10.24 ? 1406 MET A CB  1 
ATOM   773  C CG  . MET A 1 115 ? 7.505   -3.544  12.298  1.00 11.89 ? 1406 MET A CG  1 
ATOM   774  S SD  . MET A 1 115 ? 9.152   -3.924  11.686  1.00 14.41 ? 1406 MET A SD  1 
ATOM   775  C CE  . MET A 1 115 ? 9.561   -2.383  10.961  1.00 14.69 ? 1406 MET A CE  1 
ATOM   776  N N   . SER A 1 116 ? 3.669   -4.530  9.997   1.00 9.48  ? 1407 SER A N   1 
ATOM   777  C CA  . SER A 1 116 ? 2.666   -4.464  8.908   1.00 9.28  ? 1407 SER A CA  1 
ATOM   778  C C   . SER A 1 116 ? 1.320   -4.062  9.492   1.00 9.15  ? 1407 SER A C   1 
ATOM   779  O O   . SER A 1 116 ? 0.613   -3.311  8.838   1.00 9.73  ? 1407 SER A O   1 
ATOM   780  C CB  . SER A 1 116 ? 2.577   -5.769  8.107   1.00 10.39 ? 1407 SER A CB  1 
ATOM   781  O OG  . SER A 1 116 ? 1.716   -6.734  8.683   1.00 10.86 ? 1407 SER A OG  1 
ATOM   782  N N   . LEU A 1 117 ? 0.909   -4.592  10.635  1.00 9.60  ? 1408 LEU A N   1 
ATOM   783  C CA  . LEU A 1 117 ? -0.429  -4.292  11.168  1.00 10.02 ? 1408 LEU A CA  1 
ATOM   784  C C   . LEU A 1 117 ? -0.525  -2.827  11.589  1.00 9.68  ? 1408 LEU A C   1 
ATOM   785  O O   . LEU A 1 117 ? -1.566  -2.195  11.367  1.00 9.86  ? 1408 LEU A O   1 
ATOM   786  C CB  . LEU A 1 117 ? -0.743  -5.213  12.337  1.00 11.26 ? 1408 LEU A CB  1 
ATOM   787  C CG  . LEU A 1 117 ? -0.914  -6.686  11.994  1.00 12.83 ? 1408 LEU A CG  1 
ATOM   788  C CD1 . LEU A 1 117 ? -1.253  -7.454  13.254  1.00 14.50 ? 1408 LEU A CD1 1 
ATOM   789  C CD2 . LEU A 1 117 ? -1.981  -6.899  10.935  1.00 14.75 ? 1408 LEU A CD2 1 
ATOM   790  N N   . ARG A 1 118 ? 0.517   -2.263  12.209  1.00 9.56  ? 1409 ARG A N   1 
ATOM   791  C CA  . ARG A 1 118 ? 0.459   -0.843  12.559  1.00 9.45  ? 1409 ARG A CA  1 
ATOM   792  C C   . ARG A 1 118 ? 0.446   0.000   11.306  1.00 9.71  ? 1409 ARG A C   1 
ATOM   793  O O   . ARG A 1 118 ? -0.335  0.983   11.222  1.00 10.01 ? 1409 ARG A O   1 
ATOM   794  C CB  . ARG A 1 118 ? 1.668   -0.479  13.420  1.00 9.61  ? 1409 ARG A CB  1 
ATOM   795  C CG  . ARG A 1 118 ? 1.631   -1.065  14.844  1.00 10.48 ? 1409 ARG A CG  1 
ATOM   796  C CD  . ARG A 1 118 ? 2.717   -0.441  15.706  1.00 11.63 ? 1409 ARG A CD  1 
ATOM   797  N NE  . ARG A 1 118 ? 4.041   -0.735  15.271  1.00 11.41 ? 1409 ARG A NE  1 
ATOM   798  C CZ  . ARG A 1 118 ? 4.841   -1.715  15.692  1.00 12.55 ? 1409 ARG A CZ  1 
ATOM   799  N NH1 . ARG A 1 118 ? 4.422   -2.569  16.593  1.00 15.08 ? 1409 ARG A NH1 1 
ATOM   800  N NH2 . ARG A 1 118 ? 6.061   -1.831  15.155  1.00 13.81 ? 1409 ARG A NH2 1 
ATOM   801  N N   . LEU A 1 119 ? 1.271   -0.333  10.335  1.00 8.99  ? 1410 LEU A N   1 
ATOM   802  C CA  . LEU A 1 119 ? 1.334   0.470   9.110   1.00 8.74  ? 1410 LEU A CA  1 
ATOM   803  C C   . LEU A 1 119 ? -0.004  0.389   8.371   1.00 8.50  ? 1410 LEU A C   1 
ATOM   804  O O   . LEU A 1 119 ? -0.468  1.410   7.799   1.00 8.69  ? 1410 LEU A O   1 
ATOM   805  C CB  . LEU A 1 119 ? 2.502   0.001   8.271   1.00 10.13 ? 1410 LEU A CB  1 
ATOM   806  C CG  . LEU A 1 119 ? 2.872   0.959   7.146   1.00 10.70 ? 1410 LEU A CG  1 
ATOM   807  C CD1 . LEU A 1 119 ? 3.425   2.254   7.715   1.00 12.43 ? 1410 LEU A CD1 1 
ATOM   808  C CD2 . LEU A 1 119 ? 3.909   0.312   6.281   1.00 11.23 ? 1410 LEU A CD2 1 
ATOM   809  N N   . SER A 1 120 ? -0.638  -0.776  8.361   1.00 7.85  ? 1411 SER A N   1 
ATOM   810  C CA  . SER A 1 120 ? -1.945  -0.957  7.729   1.00 8.09  ? 1411 SER A CA  1 
ATOM   811  C C   . SER A 1 120 ? -2.968  -0.059  8.412   1.00 8.80  ? 1411 SER A C   1 
ATOM   812  O O   . SER A 1 120 ? -3.789  0.568   7.719   1.00 9.08  ? 1411 SER A O   1 
ATOM   813  C CB  . SER A 1 120 ? -2.350  -2.419  7.768   1.00 8.63  ? 1411 SER A CB  1 
ATOM   814  O OG  . SER A 1 120 ? -3.702  -2.594  7.316   1.00 10.55 ? 1411 SER A OG  1 
ATOM   815  N N   . ALA A 1 121 ? -2.992  -0.004  9.732   1.00 8.74  ? 1412 ALA A N   1 
ATOM   816  C CA  . ALA A 1 121 ? -3.956  0.858   10.436  1.00 8.95  ? 1412 ALA A CA  1 
ATOM   817  C C   . ALA A 1 121 ? -3.754  2.308   10.069  1.00 8.69  ? 1412 ALA A C   1 
ATOM   818  O O   . ALA A 1 121 ? -4.718  3.037   9.816   1.00 9.11  ? 1412 ALA A O   1 
ATOM   819  C CB  . ALA A 1 121 ? -3.821  0.669   11.930  1.00 9.76  ? 1412 ALA A CB  1 
ATOM   820  N N   . PHE A 1 122 ? -2.497  2.725   9.972   1.00 9.14  ? 1413 PHE A N   1 
ATOM   821  C CA  . PHE A 1 122 ? -2.148  4.111   9.577   1.00 9.15  ? 1413 PHE A CA  1 
ATOM   822  C C   . PHE A 1 122 ? -2.638  4.394   8.154   1.00 9.51  ? 1413 PHE A C   1 
ATOM   823  O O   . PHE A 1 122 ? -3.277  5.416   7.864   1.00 9.13  ? 1413 PHE A O   1 
ATOM   824  C CB  . PHE A 1 122 ? -0.646  4.314   9.741   1.00 9.55  ? 1413 PHE A CB  1 
ATOM   825  C CG  . PHE A 1 122 ? -0.179  5.661   9.256   1.00 10.97 ? 1413 PHE A CG  1 
ATOM   826  C CD1 . PHE A 1 122 ? -0.353  6.797   10.028  1.00 13.24 ? 1413 PHE A CD1 1 
ATOM   827  C CD2 . PHE A 1 122 ? 0.351   5.820   7.988   1.00 11.87 ? 1413 PHE A CD2 1 
ATOM   828  C CE1 . PHE A 1 122 ? 0.076   8.041   9.587   1.00 14.86 ? 1413 PHE A CE1 1 
ATOM   829  C CE2 . PHE A 1 122 ? 0.813   7.067   7.566   1.00 13.79 ? 1413 PHE A CE2 1 
ATOM   830  C CZ  . PHE A 1 122 ? 0.646   8.176   8.356   1.00 16.06 ? 1413 PHE A CZ  1 
ATOM   831  N N   . PHE A 1 123 ? -2.305  3.471   7.244   1.00 8.51  ? 1414 PHE A N   1 
ATOM   832  C CA  . PHE A 1 123 ? -2.742  3.621   5.849   1.00 8.65  ? 1414 PHE A CA  1 
ATOM   833  C C   . PHE A 1 123 ? -4.259  3.709   5.750   1.00 8.68  ? 1414 PHE A C   1 
ATOM   834  O O   . PHE A 1 123 ? -4.794  4.621   5.042   1.00 8.65  ? 1414 PHE A O   1 
ATOM   835  C CB  . PHE A 1 123 ? -2.191  2.467   4.992   1.00 8.56  ? 1414 PHE A CB  1 
ATOM   836  C CG  . PHE A 1 123 ? -2.720  2.477   3.571   1.00 8.92  ? 1414 PHE A CG  1 
ATOM   837  C CD1 . PHE A 1 123 ? -2.233  3.363   2.630   1.00 9.24  ? 1414 PHE A CD1 1 
ATOM   838  C CD2 . PHE A 1 123 ? -3.746  1.596   3.195   1.00 9.40  ? 1414 PHE A CD2 1 
ATOM   839  C CE1 . PHE A 1 123 ? -2.770  3.383   1.347   1.00 9.76  ? 1414 PHE A CE1 1 
ATOM   840  C CE2 . PHE A 1 123 ? -4.253  1.634   1.899   1.00 9.94  ? 1414 PHE A CE2 1 
ATOM   841  C CZ  . PHE A 1 123 ? -3.782  2.545   1.016   1.00 9.62  ? 1414 PHE A CZ  1 
ATOM   842  N N   . GLU A 1 124 ? -4.976  2.789   6.349   1.00 8.39  ? 1415 GLU A N   1 
ATOM   843  C CA  . GLU A 1 124 ? -6.450  2.771   6.242   1.00 9.25  ? 1415 GLU A CA  1 
ATOM   844  C C   . GLU A 1 124 ? -7.037  4.067   6.809   1.00 9.42  ? 1415 GLU A C   1 
ATOM   845  O O   . GLU A 1 124 ? -8.013  4.592   6.254   1.00 10.78 ? 1415 GLU A O   1 
ATOM   846  C CB  . GLU A 1 124 ? -7.014  1.528   6.924   1.00 9.93  ? 1415 GLU A CB  1 
ATOM   847  C CG  . GLU A 1 124 ? -6.675  0.236   6.186   1.00 10.95 ? 1415 GLU A CG  1 
ATOM   848  C CD  . GLU A 1 124 ? -7.219  0.075   4.772   1.00 11.98 ? 1415 GLU A CD  1 
ATOM   849  O OE1 . GLU A 1 124 ? -8.258  0.645   4.460   1.00 13.77 ? 1415 GLU A OE1 1 
ATOM   850  O OE2 . GLU A 1 124 ? -6.586  -0.648  3.983   1.00 11.81 ? 1415 GLU A OE2 1 
ATOM   851  N N   . GLU A 1 125 ? -6.496  4.585   7.914   1.00 9.75  ? 1416 GLU A N   1 
ATOM   852  C CA  . GLU A 1 125 ? -7.011  5.819   8.558   1.00 10.49 ? 1416 GLU A CA  1 
ATOM   853  C C   . GLU A 1 125 ? -6.891  6.947   7.555   1.00 11.03 ? 1416 GLU A C   1 
ATOM   854  O O   . GLU A 1 125 ? -7.808  7.764   7.490   1.00 11.65 ? 1416 GLU A O   1 
ATOM   855  C CB  . GLU A 1 125 ? -6.104  6.030   9.761   1.00 10.94 ? 1416 GLU A CB  1 
ATOM   856  C CG  . GLU A 1 125 ? -6.306  7.324   10.509  1.00 12.03 ? 1416 GLU A CG  1 
ATOM   857  C CD  . GLU A 1 125 ? -5.432  7.371   11.755  1.00 13.34 ? 1416 GLU A CD  1 
ATOM   858  O OE1 . GLU A 1 125 ? -5.701  6.531   12.678  1.00 13.84 ? 1416 GLU A OE1 1 
ATOM   859  O OE2 . GLU A 1 125 ? -4.451  8.139   11.764  1.00 15.28 ? 1416 GLU A OE2 1 
ATOM   860  N N   . HIS A 1 126 ? -5.827  6.999   6.770   1.00 10.73 ? 1417 HIS A N   1 
ATOM   861  C CA  . HIS A 1 126 ? -5.527  8.115   5.849   1.00 11.85 ? 1417 HIS A CA  1 
ATOM   862  C C   . HIS A 1 126 ? -6.162  7.921   4.460   1.00 11.18 ? 1417 HIS A C   1 
ATOM   863  O O   . HIS A 1 126 ? -6.578  8.947   3.838   1.00 12.92 ? 1417 HIS A O   1 
ATOM   864  C CB  . HIS A 1 126 ? -4.013  8.365   5.761   1.00 13.16 ? 1417 HIS A CB  1 
ATOM   865  C CG  . HIS A 1 126 ? -3.459  9.001   6.989   1.00 17.23 ? 1417 HIS A CG  1 
ATOM   866  N ND1 . HIS A 1 126 ? -3.312  8.342   8.171   1.00 17.39 ? 1417 HIS A ND1 1 
ATOM   867  C CD2 . HIS A 1 126 ? -3.029  10.262  7.193   1.00 22.73 ? 1417 HIS A CD2 1 
ATOM   868  C CE1 . HIS A 1 126 ? -2.928  9.215   9.091   1.00 20.83 ? 1417 HIS A CE1 1 
ATOM   869  N NE2 . HIS A 1 126 ? -2.641  10.341  8.499   1.00 25.26 ? 1417 HIS A NE2 1 
ATOM   870  N N   . ILE A 1 127 ? -6.308  6.700   3.947   1.00 10.40 ? 1418 ILE A N   1 
ATOM   871  C CA  . ILE A 1 127 ? -6.826  6.533   2.571   1.00 10.22 ? 1418 ILE A CA  1 
ATOM   872  C C   . ILE A 1 127 ? -8.341  6.694   2.502   1.00 9.96  ? 1418 ILE A C   1 
ATOM   873  O O   . ILE A 1 127 ? -8.878  6.933   1.447   1.00 9.79  ? 1418 ILE A O   1 
ATOM   874  C CB  . ILE A 1 127 ? -6.387  5.166   2.034   1.00 9.55  ? 1418 ILE A CB  1 
ATOM   875  C CG1 . ILE A 1 127 ? -6.377  5.112   0.497   1.00 10.44 ? 1418 ILE A CG1 1 
ATOM   876  C CG2 . ILE A 1 127 ? -7.237  4.030   2.562   1.00 9.95  ? 1418 ILE A CG2 1 
ATOM   877  C CD1 . ILE A 1 127 ? -5.445  6.012   -0.151  1.00 11.18 ? 1418 ILE A CD1 1 
ATOM   878  N N   A SER A 1 128 ? -9.043  6.532   3.619   0.25 9.99  ? 1419 SER A N   1 
ATOM   879  N N   B SER A 1 128 ? -9.022  6.527   3.640   0.25 10.40 ? 1419 SER A N   1 
ATOM   880  C CA  A SER A 1 128 ? -10.525 6.539   3.605   0.25 10.28 ? 1419 SER A CA  1 
ATOM   881  C CA  B SER A 1 128 ? -10.503 6.591   3.738   0.25 11.00 ? 1419 SER A CA  1 
ATOM   882  C C   A SER A 1 128 ? -11.060 7.861   3.012   0.25 10.47 ? 1419 SER A C   1 
ATOM   883  C C   B SER A 1 128 ? -11.040 7.851   3.039   0.25 10.91 ? 1419 SER A C   1 
ATOM   884  O O   A SER A 1 128 ? -11.951 7.785   2.156   0.25 9.86  ? 1419 SER A O   1 
ATOM   885  O O   B SER A 1 128 ? -11.914 7.720   2.170   0.25 10.31 ? 1419 SER A O   1 
ATOM   886  C CB  A SER A 1 128 ? -11.050 6.235   4.977   0.25 10.62 ? 1419 SER A CB  1 
ATOM   887  C CB  B SER A 1 128 ? -10.932 6.511   5.186   0.25 11.94 ? 1419 SER A CB  1 
ATOM   888  O OG  A SER A 1 128 ? -10.468 7.115   5.919   0.25 11.52 ? 1419 SER A OG  1 
ATOM   889  O OG  B SER A 1 128 ? -12.321 6.779   5.315   0.25 13.78 ? 1419 SER A OG  1 
ATOM   890  N N   . SER A 1 129 ? -10.515 9.020   3.378   1.00 10.48 ? 1420 SER A N   1 
ATOM   891  C CA  . SER A 1 129 ? -11.025 10.303  2.842   1.00 11.26 ? 1420 SER A CA  1 
ATOM   892  C C   . SER A 1 129 ? -10.656 10.393  1.356   1.00 10.35 ? 1420 SER A C   1 
ATOM   893  O O   . SER A 1 129 ? -11.405 10.998  0.604   1.00 11.23 ? 1420 SER A O   1 
ATOM   894  C CB  . SER A 1 129 ? -10.537 11.470  3.600   1.00 12.95 ? 1420 SER A CB  1 
ATOM   895  O OG  . SER A 1 129 ? -9.151  11.590  3.569   1.00 18.20 ? 1420 SER A OG  1 
ATOM   896  N N   . VAL A 1 130 ? -9.481  9.871   0.986   1.00 9.92  ? 1421 VAL A N   1 
ATOM   897  C CA  . VAL A 1 130 ? -9.013  9.948   -0.422  1.00 9.61  ? 1421 VAL A CA  1 
ATOM   898  C C   . VAL A 1 130 ? -10.022 9.197   -1.275  1.00 9.28  ? 1421 VAL A C   1 
ATOM   899  O O   . VAL A 1 130 ? -10.468 9.707   -2.352  1.00 10.09 ? 1421 VAL A O   1 
ATOM   900  C CB  . VAL A 1 130 ? -7.608  9.380   -0.565  1.00 9.21  ? 1421 VAL A CB  1 
ATOM   901  C CG1 . VAL A 1 130 ? -7.218  9.403   -2.049  1.00 9.59  ? 1421 VAL A CG1 1 
ATOM   902  C CG2 . VAL A 1 130 ? -6.605  10.173  0.245   1.00 10.41 ? 1421 VAL A CG2 1 
ATOM   903  N N   . LEU A 1 131 ? -10.405 7.982   -0.891  1.00 9.18  ? 1422 LEU A N   1 
ATOM   904  C CA  . LEU A 1 131 ? -11.390 7.183   -1.627  1.00 9.55  ? 1422 LEU A CA  1 
ATOM   905  C C   . LEU A 1 131 ? -12.749 7.863   -1.628  1.00 10.07 ? 1422 LEU A C   1 
ATOM   906  O O   . LEU A 1 131 ? -13.375 7.948   -2.662  1.00 9.93  ? 1422 LEU A O   1 
ATOM   907  C CB  . LEU A 1 131 ? -11.510 5.791   -0.987  1.00 10.55 ? 1422 LEU A CB  1 
ATOM   908  C CG  . LEU A 1 131 ? -10.244 4.943   -1.065  1.00 10.89 ? 1422 LEU A CG  1 
ATOM   909  C CD1 . LEU A 1 131 ? -10.336 3.741   -0.150  1.00 12.25 ? 1422 LEU A CD1 1 
ATOM   910  C CD2 . LEU A 1 131 ? -9.919  4.525   -2.486  1.00 12.78 ? 1422 LEU A CD2 1 
ATOM   911  N N   . SER A 1 132 ? -13.199 8.329   -0.474  1.00 10.11 ? 1423 SER A N   1 
ATOM   912  C CA  . SER A 1 132 ? -14.545 8.936   -0.390  1.00 10.80 ? 1423 SER A CA  1 
ATOM   913  C C   . SER A 1 132 ? -14.597 10.159  -1.301  1.00 10.67 ? 1423 SER A C   1 
ATOM   914  O O   . SER A 1 132 ? -15.579 10.334  -2.039  1.00 10.54 ? 1423 SER A O   1 
ATOM   915  C CB  . SER A 1 132 ? -14.848 9.357   1.031   1.00 12.44 ? 1423 SER A CB  1 
ATOM   916  O OG  . SER A 1 132 ? -15.022 8.238   1.833   1.00 14.66 ? 1423 SER A OG  1 
ATOM   917  N N   . ASP A 1 133 ? -13.575 11.003  -1.243  1.00 10.05 ? 1424 ASP A N   1 
ATOM   918  C CA  . ASP A 1 133 ? -13.582 12.252  -2.037  1.00 10.23 ? 1424 ASP A CA  1 
ATOM   919  C C   . ASP A 1 133 ? -13.571 11.919  -3.514  1.00 9.82  ? 1424 ASP A C   1 
ATOM   920  O O   . ASP A 1 133 ? -14.268 12.565  -4.324  1.00 10.81 ? 1424 ASP A O   1 
ATOM   921  C CB  . ASP A 1 133 ? -12.439 13.203  -1.709  1.00 11.76 ? 1424 ASP A CB  1 
ATOM   922  C CG  . ASP A 1 133 ? -12.491 13.896  -0.363  1.00 17.24 ? 1424 ASP A CG  1 
ATOM   923  O OD1 . ASP A 1 133 ? -13.466 13.697  0.388   1.00 18.06 ? 1424 ASP A OD1 1 
ATOM   924  O OD2 . ASP A 1 133 ? -11.503 14.618  -0.079  1.00 22.37 ? 1424 ASP A OD2 1 
ATOM   925  N N   . TYR A 1 134 ? -12.757 10.963  -3.926  1.00 9.13  ? 1425 TYR A N   1 
ATOM   926  C CA  . TYR A 1 134 ? -12.689 10.584  -5.348  1.00 8.84  ? 1425 TYR A CA  1 
ATOM   927  C C   . TYR A 1 134 ? -14.051 10.079  -5.796  1.00 9.39  ? 1425 TYR A C   1 
ATOM   928  O O   . TYR A 1 134 ? -14.535 10.455  -6.883  1.00 10.03 ? 1425 TYR A O   1 
ATOM   929  C CB  . TYR A 1 134 ? -11.604 9.526   -5.609  1.00 9.09  ? 1425 TYR A CB  1 
ATOM   930  C CG  . TYR A 1 134 ? -11.578 8.989   -7.002  1.00 9.50  ? 1425 TYR A CG  1 
ATOM   931  C CD1 . TYR A 1 134 ? -10.952 9.739   -7.978  1.00 10.96 ? 1425 TYR A CD1 1 
ATOM   932  C CD2 . TYR A 1 134 ? -12.197 7.800   -7.337  1.00 10.87 ? 1425 TYR A CD2 1 
ATOM   933  C CE1 . TYR A 1 134 ? -10.936 9.305   -9.287  1.00 12.35 ? 1425 TYR A CE1 1 
ATOM   934  C CE2 . TYR A 1 134 ? -12.151 7.326   -8.626  1.00 11.51 ? 1425 TYR A CE2 1 
ATOM   935  C CZ  . TYR A 1 134 ? -11.557 8.102   -9.605  1.00 12.22 ? 1425 TYR A CZ  1 
ATOM   936  O OH  . TYR A 1 134 ? -11.483 7.649   -10.901 1.00 16.00 ? 1425 TYR A OH  1 
ATOM   937  N N   . LYS A 1 135 ? -14.660 9.161   -5.041  1.00 9.59  ? 1426 LYS A N   1 
ATOM   938  C CA  . LYS A 1 135 ? -15.905 8.532   -5.515  1.00 9.98  ? 1426 LYS A CA  1 
ATOM   939  C C   . LYS A 1 135 ? -17.010 9.601   -5.541  1.00 9.61  ? 1426 LYS A C   1 
ATOM   940  O O   . LYS A 1 135 ? -17.825 9.606   -6.470  1.00 9.41  ? 1426 LYS A O   1 
ATOM   941  C CB  . LYS A 1 135 ? -16.298 7.346   -4.617  1.00 11.24 ? 1426 LYS A CB  1 
ATOM   942  C CG  . LYS A 1 135 ? -15.270 6.231   -4.699  1.00 12.53 ? 1426 LYS A CG  1 
ATOM   943  C CD  . LYS A 1 135 ? -15.651 5.044   -3.796  1.00 13.69 ? 1426 LYS A CD  1 
ATOM   944  C CE  . LYS A 1 135 ? -14.594 3.966   -3.739  1.00 16.76 ? 1426 LYS A CE  1 
ATOM   945  N NZ  . LYS A 1 135 ? -14.808 3.146   -2.521  1.00 21.81 ? 1426 LYS A NZ  1 
ATOM   946  N N   . SER A 1 136 ? -17.005 10.525  -4.615  1.00 9.75  ? 1427 SER A N   1 
ATOM   947  C CA  . SER A 1 136 ? -17.978 11.649  -4.616  1.00 10.44 ? 1427 SER A CA  1 
ATOM   948  C C   . SER A 1 136 ? -17.758 12.552  -5.835  1.00 11.02 ? 1427 SER A C   1 
ATOM   949  O O   . SER A 1 136 ? -18.736 12.958  -6.471  1.00 10.29 ? 1427 SER A O   1 
ATOM   950  C CB  . SER A 1 136 ? -17.842 12.412  -3.356  1.00 12.53 ? 1427 SER A CB  1 
ATOM   951  O OG  . SER A 1 136 ? -18.510 13.659  -3.494  1.00 18.59 ? 1427 SER A OG  1 
ATOM   952  N N   . ALA A 1 137 ? -16.521 12.820  -6.188  1.00 11.03 ? 1428 ALA A N   1 
ATOM   953  C CA  . ALA A 1 137 ? -16.183 13.680  -7.351  1.00 11.93 ? 1428 ALA A CA  1 
ATOM   954  C C   . ALA A 1 137 ? -16.657 13.015  -8.605  1.00 11.91 ? 1428 ALA A C   1 
ATOM   955  O O   . ALA A 1 137 ? -17.180 13.669  -9.527  1.00 11.79 ? 1428 ALA A O   1 
ATOM   956  C CB  . ALA A 1 137 ? -14.689 13.911  -7.487  1.00 12.84 ? 1428 ALA A CB  1 
ATOM   957  N N   . LEU A 1 138 ? -16.486 11.708  -8.712  0.50 12.09 ? 1429 LEU A N   1 
ATOM   958  C CA  . LEU A 1 138 ? -16.908 10.987  -9.924  0.50 13.13 ? 1429 LEU A CA  1 
ATOM   959  C C   . LEU A 1 138 ? -18.433 10.986  -10.003 0.50 11.88 ? 1429 LEU A C   1 
ATOM   960  O O   . LEU A 1 138 ? -18.968 11.162  -11.112 0.50 11.57 ? 1429 LEU A O   1 
ATOM   961  C CB  . LEU A 1 138 ? -16.320 9.579   -9.900  0.50 15.37 ? 1429 LEU A CB  1 
ATOM   962  C CG  . LEU A 1 138 ? -15.819 9.075   -11.244 0.50 16.84 ? 1429 LEU A CG  1 
ATOM   963  C CD1 . LEU A 1 138 ? -14.900 10.085  -11.926 0.50 16.84 ? 1429 LEU A CD1 1 
ATOM   964  C CD2 . LEU A 1 138 ? -15.113 7.752   -11.042 0.50 16.85 ? 1429 LEU A CD2 1 
ATOM   965  N N   . ARG A 1 139 ? -19.119 10.790  -8.867  1.00 10.62 ? 1430 ARG A N   1 
ATOM   966  C CA  . ARG A 1 139 ? -20.592 10.839  -8.870  1.00 10.79 ? 1430 ARG A CA  1 
ATOM   967  C C   . ARG A 1 139 ? -21.041 12.242  -9.326  1.00 9.39  ? 1430 ARG A C   1 
ATOM   968  O O   . ARG A 1 139 ? -21.972 12.323  -10.131 1.00 11.13 ? 1430 ARG A O   1 
ATOM   969  C CB  . ARG A 1 139 ? -21.172 10.492  -7.514  1.00 10.81 ? 1430 ARG A CB  1 
ATOM   970  C CG  . ARG A 1 139 ? -21.023 9.030   -7.148  1.00 11.36 ? 1430 ARG A CG  1 
ATOM   971  C CD  . ARG A 1 139 ? -21.803 8.675   -5.884  1.00 11.43 ? 1430 ARG A CD  1 
ATOM   972  N NE  . ARG A 1 139 ? -21.323 9.315   -4.695  1.00 12.02 ? 1430 ARG A NE  1 
ATOM   973  C CZ  . ARG A 1 139 ? -20.488 8.790   -3.793  1.00 11.46 ? 1430 ARG A CZ  1 
ATOM   974  N NH1 . ARG A 1 139 ? -19.903 7.619   -4.034  1.00 12.87 ? 1430 ARG A NH1 1 
ATOM   975  N NH2 . ARG A 1 139 ? -20.238 9.448   -2.689  1.00 11.89 ? 1430 ARG A NH2 1 
ATOM   976  N N   . PHE A 1 140 ? -20.383 13.298  -8.848  1.00 8.84  ? 1431 PHE A N   1 
ATOM   977  C CA  . PHE A 1 140 ? -20.764 14.672  -9.227  1.00 10.48 ? 1431 PHE A CA  1 
ATOM   978  C C   . PHE A 1 140 ? -20.585 14.835  -10.738 1.00 11.27 ? 1431 PHE A C   1 
ATOM   979  O O   . PHE A 1 140 ? -21.423 15.386  -11.443 1.00 10.91 ? 1431 PHE A O   1 
ATOM   980  C CB  . PHE A 1 140 ? -19.983 15.693  -8.430  1.00 10.13 ? 1431 PHE A CB  1 
ATOM   981  C CG  . PHE A 1 140 ? -20.455 17.099  -8.667  1.00 11.37 ? 1431 PHE A CG  1 
ATOM   982  C CD1 . PHE A 1 140 ? -21.629 17.577  -8.078  1.00 13.54 ? 1431 PHE A CD1 1 
ATOM   983  C CD2 . PHE A 1 140 ? -19.753 17.938  -9.509  1.00 12.32 ? 1431 PHE A CD2 1 
ATOM   984  C CE1 . PHE A 1 140 ? -22.067 18.878  -8.304  1.00 13.03 ? 1431 PHE A CE1 1 
ATOM   985  C CE2 . PHE A 1 140 ? -20.196 19.239  -9.726  1.00 13.97 ? 1431 PHE A CE2 1 
ATOM   986  C CZ  . PHE A 1 140 ? -21.329 19.712  -9.104  1.00 14.16 ? 1431 PHE A CZ  1 
ATOM   987  N N   . HIS A 1 141 ? -19.464 14.324  -11.245 0.50 12.46 ? 1432 HIS A N   1 
ATOM   988  C CA  . HIS A 1 141 ? -19.103 14.449  -12.679 0.50 14.15 ? 1432 HIS A CA  1 
ATOM   989  C C   . HIS A 1 141 ? -20.194 13.812  -13.543 0.50 15.91 ? 1432 HIS A C   1 
ATOM   990  O O   . HIS A 1 141 ? -20.527 14.370  -14.618 0.50 17.52 ? 1432 HIS A O   1 
ATOM   991  C CB  . HIS A 1 141 ? -17.747 13.806  -12.944 0.50 14.43 ? 1432 HIS A CB  1 
ATOM   992  C CG  . HIS A 1 141 ? -17.305 14.028  -14.348 0.50 14.33 ? 1432 HIS A CG  1 
ATOM   993  N ND1 . HIS A 1 141 ? -16.882 15.261  -14.779 0.50 14.28 ? 1432 HIS A ND1 1 
ATOM   994  C CD2 . HIS A 1 141 ? -17.228 13.197  -15.408 0.50 15.39 ? 1432 HIS A CD2 1 
ATOM   995  C CE1 . HIS A 1 141 ? -16.562 15.189  -16.055 0.50 14.46 ? 1432 HIS A CE1 1 
ATOM   996  N NE2 . HIS A 1 141 ? -16.755 13.937  -16.465 0.50 14.71 ? 1432 HIS A NE2 1 
ATOM   997  N N   . LYS A 1 142 ? -20.739 12.684  -13.096 0.50 17.40 ? 1433 LYS A N   1 
ATOM   998  C CA  . LYS A 1 142 ? -21.731 11.887  -13.859 0.50 20.34 ? 1433 LYS A CA  1 
ATOM   999  C C   . LYS A 1 142 ? -23.157 12.228  -13.416 0.50 21.68 ? 1433 LYS A C   1 
ATOM   1000 O O   . LYS A 1 142 ? -24.066 11.441  -13.752 0.50 25.72 ? 1433 LYS A O   1 
ATOM   1001 C CB  . LYS A 1 142 ? -21.419 10.400  -13.672 0.50 22.73 ? 1433 LYS A CB  1 
ATOM   1002 C CG  . LYS A 1 142 ? -20.002 9.988   -14.050 0.50 24.05 ? 1433 LYS A CG  1 
ATOM   1003 C CD  . LYS A 1 142 ? -19.696 8.547   -13.708 0.50 25.86 ? 1433 LYS A CD  1 
ATOM   1004 C CE  . LYS A 1 142 ? -18.219 8.221   -13.699 0.50 26.77 ? 1433 LYS A CE  1 
ATOM   1005 N NZ  . LYS A 1 142 ? -17.972 6.870   -13.136 0.50 26.68 ? 1433 LYS A NZ  1 
ATOM   1006 N N   . ARG A 1 143 ? -23.358 13.331  -12.684 1.00 20.84 ? 1434 ARG A N   1 
ATOM   1007 C CA  . ARG A 1 143 ? -24.688 13.680  -12.116 1.00 19.37 ? 1434 ARG A CA  1 
ATOM   1008 C C   . ARG A 1 143 ? -25.776 13.875  -13.198 1.00 21.89 ? 1434 ARG A C   1 
ATOM   1009 O O   . ARG A 1 143 ? -25.513 14.467  -14.212 1.00 29.05 ? 1434 ARG A O   1 
ATOM   1010 C CB  . ARG A 1 143 ? -24.585 14.862  -11.149 1.00 19.29 ? 1434 ARG A CB  1 
ATOM   1011 C CG  . ARG A 1 143 ? -24.350 16.195  -11.842 1.00 18.56 ? 1434 ARG A CG  1 
ATOM   1012 C CD  . ARG A 1 143 ? -23.930 17.250  -10.867 1.00 19.88 ? 1434 ARG A CD  1 
ATOM   1013 N NE  . ARG A 1 143 ? -23.759 18.527  -11.514 1.00 18.85 ? 1434 ARG A NE  1 
ATOM   1014 C CZ  . ARG A 1 143 ? -22.736 18.909  -12.232 1.00 19.45 ? 1434 ARG A CZ  1 
ATOM   1015 N NH1 . ARG A 1 143 ? -21.724 18.093  -12.476 1.00 17.32 ? 1434 ARG A NH1 1 
ATOM   1016 N NH2 . ARG A 1 143 ? -22.731 20.131  -12.757 1.00 21.63 ? 1434 ARG A NH2 1 
HETATM 1017 N N1  . Y1A B 2 .   ? 10.870  -8.706  4.227   0.38 16.77 ? 1501 Y1A A N1  1 
HETATM 1018 C C4  . Y1A B 2 .   ? 10.793  -10.169 4.608   0.38 16.00 ? 1501 Y1A A C4  1 
HETATM 1019 C C5  . Y1A B 2 .   ? 9.434   -10.842 4.354   0.38 15.62 ? 1501 Y1A A C5  1 
HETATM 1020 C C6  . Y1A B 2 .   ? 7.371   -10.252 5.626   0.38 14.66 ? 1501 Y1A A C6  1 
HETATM 1021 C C7  . Y1A B 2 .   ? 7.546   -11.142 6.767   0.38 13.73 ? 1501 Y1A A C7  1 
HETATM 1022 C C8  . Y1A B 2 .   ? 6.605   -11.586 7.656   0.38 13.54 ? 1501 Y1A A C8  1 
HETATM 1023 C C10 . Y1A B 2 .   ? 8.609   -12.300 8.294   0.38 13.71 ? 1501 Y1A A C10 1 
HETATM 1024 N N   . Y1A B 2 .   ? 12.052  -7.038  2.894   0.38 18.30 ? 1501 Y1A A N   1 
HETATM 1025 C C   . Y1A B 2 .   ? 13.014  -5.023  1.884   0.38 18.93 ? 1501 Y1A A C   1 
HETATM 1026 O O   . Y1A B 2 .   ? 13.090  -8.984  3.462   0.38 18.06 ? 1501 Y1A A O   1 
HETATM 1027 C C1  . Y1A B 2 .   ? 13.292  -6.245  2.778   0.38 18.69 ? 1501 Y1A A C1  1 
HETATM 1028 C C11 . Y1A B 2 .   ? 8.307   -8.772  3.904   0.38 15.68 ? 1501 Y1A A C11 1 
HETATM 1029 C C12 . Y1A B 2 .   ? 9.595   -7.965  3.957   0.38 15.86 ? 1501 Y1A A C12 1 
HETATM 1030 C C2  . Y1A B 2 .   ? 13.794  -5.820  4.174   0.38 19.01 ? 1501 Y1A A C2  1 
HETATM 1031 C C3  . Y1A B 2 .   ? 12.097  -8.282  3.507   0.38 17.54 ? 1501 Y1A A C3  1 
HETATM 1032 C C9  . Y1A B 2 .   ? 7.308   -12.322 8.644   0.38 12.82 ? 1501 Y1A A C9  1 
HETATM 1033 N N2  . Y1A B 2 .   ? 8.440   -9.872  4.848   0.38 15.09 ? 1501 Y1A A N2  1 
HETATM 1034 O O1  . Y1A B 2 .   ? 6.283   -9.781  5.407   0.38 13.74 ? 1501 Y1A A O1  1 
HETATM 1035 O O2  . Y1A B 2 .   ? 8.799   -11.573 7.126   0.38 13.59 ? 1501 Y1A A O2  1 
HETATM 1036 O O   . HOH C 3 .   ? 14.325  -9.221  1.576   0.38 19.16 ? 1601 HOH A O   1 
HETATM 1037 O O   . HOH C 3 .   ? 4.970   14.992  0.834   1.00 34.73 ? 1602 HOH A O   1 
HETATM 1038 O O   . HOH C 3 .   ? 13.140  -11.933 9.347   1.00 38.18 ? 1603 HOH A O   1 
HETATM 1039 O O   . HOH C 3 .   ? 12.778  -0.975  -5.859  1.00 41.94 ? 1604 HOH A O   1 
HETATM 1040 O O   . HOH C 3 .   ? 7.243   -4.622  15.603  1.00 25.52 ? 1605 HOH A O   1 
HETATM 1041 O O   . HOH C 3 .   ? 9.539   -12.101 -7.417  1.00 55.00 ? 1606 HOH A O   1 
HETATM 1042 O O   . HOH C 3 .   ? 15.083  -5.862  -2.653  1.00 38.83 ? 1607 HOH A O   1 
HETATM 1043 O O   . HOH C 3 .   ? 8.413   -22.579 2.625   1.00 24.22 ? 1608 HOH A O   1 
HETATM 1044 O O   . HOH C 3 .   ? -10.252 8.751   -12.750 1.00 34.41 ? 1609 HOH A O   1 
HETATM 1045 O O   . HOH C 3 .   ? 14.480  -1.530  9.309   1.00 40.33 ? 1610 HOH A O   1 
HETATM 1046 O O   . HOH C 3 .   ? 10.433  -20.388 -5.002  1.00 38.82 ? 1611 HOH A O   1 
HETATM 1047 O O   . HOH C 3 .   ? 0.691   -18.682 4.128   1.00 18.07 ? 1612 HOH A O   1 
HETATM 1048 O O   . HOH C 3 .   ? 4.394   -8.049  -8.458  1.00 29.00 ? 1613 HOH A O   1 
HETATM 1049 O O   . HOH C 3 .   ? 3.262   15.554  -4.105  1.00 41.74 ? 1614 HOH A O   1 
HETATM 1050 O O   . HOH C 3 .   ? -22.010 20.854  -3.854  1.00 39.69 ? 1615 HOH A O   1 
HETATM 1051 O O   . HOH C 3 .   ? -6.042  11.453  4.120   1.00 24.90 ? 1616 HOH A O   1 
HETATM 1052 O O   . HOH C 3 .   ? 10.902  -20.784 5.327   1.00 34.24 ? 1617 HOH A O   1 
HETATM 1053 O O   . HOH C 3 .   ? -11.689 4.983   -18.184 1.00 34.94 ? 1618 HOH A O   1 
HETATM 1054 O O   . HOH C 3 .   ? -0.525  -2.362  -10.216 1.00 31.09 ? 1619 HOH A O   1 
HETATM 1055 O O   . HOH C 3 .   ? 8.690   -23.820 0.240   1.00 28.07 ? 1620 HOH A O   1 
HETATM 1056 O O   . HOH C 3 .   ? 11.165  -18.462 -3.691  1.00 34.22 ? 1621 HOH A O   1 
HETATM 1057 O O   . HOH C 3 .   ? -7.999  5.317   13.009  1.00 23.15 ? 1622 HOH A O   1 
HETATM 1058 O O   . HOH C 3 .   ? 14.998  -19.380 -3.659  1.00 28.33 ? 1623 HOH A O   1 
HETATM 1059 O O   . HOH C 3 .   ? 5.569   -10.199 2.696   1.00 13.63 ? 1624 HOH A O   1 
HETATM 1060 O O   . HOH C 3 .   ? 1.085   -17.252 7.983   1.00 16.00 ? 1625 HOH A O   1 
HETATM 1061 O O   . HOH C 3 .   ? -3.401  -10.679 13.336  1.00 29.54 ? 1626 HOH A O   1 
HETATM 1062 O O   . HOH C 3 .   ? -5.359  -12.209 12.267  1.00 32.06 ? 1627 HOH A O   1 
HETATM 1063 O O   . HOH C 3 .   ? -10.838 1.900   -10.445 1.00 28.24 ? 1628 HOH A O   1 
HETATM 1064 O O   . HOH C 3 .   ? 0.619   -19.678 -0.356  1.00 57.98 ? 1629 HOH A O   1 
HETATM 1065 O O   . HOH C 3 .   ? 17.524  -2.687  5.670   1.00 46.27 ? 1630 HOH A O   1 
HETATM 1066 O O   . HOH C 3 .   ? -4.593  -2.252  4.709   1.00 14.29 ? 1631 HOH A O   1 
HETATM 1067 O O   . HOH C 3 .   ? 13.113  9.835   8.831   1.00 15.83 ? 1632 HOH A O   1 
HETATM 1068 O O   . HOH C 3 .   ? 14.805  -17.041 5.355   1.00 43.87 ? 1633 HOH A O   1 
HETATM 1069 O O   . HOH C 3 .   ? 2.695   10.824  -13.801 1.00 15.63 ? 1634 HOH A O   1 
HETATM 1070 O O   . HOH C 3 .   ? 2.784   -7.634  18.113  1.00 35.21 ? 1635 HOH A O   1 
HETATM 1071 O O   . HOH C 3 .   ? 3.867   -9.059  18.132  1.00 41.58 ? 1636 HOH A O   1 
HETATM 1072 O O   . HOH C 3 .   ? 7.571   -6.345  -4.597  1.00 15.58 ? 1637 HOH A O   1 
HETATM 1073 O O   . HOH C 3 .   ? -24.101 10.689  -10.116 1.00 29.01 ? 1638 HOH A O   1 
HETATM 1074 O O   . HOH C 3 .   ? 6.510   -6.219  0.652   1.00 16.69 ? 1639 HOH A O   1 
HETATM 1075 O O   . HOH C 3 .   ? -12.606 5.340   -11.719 1.00 22.58 ? 1640 HOH A O   1 
HETATM 1076 O O   . HOH C 3 .   ? -1.427  -11.755 -0.377  1.00 15.21 ? 1641 HOH A O   1 
HETATM 1077 O O   . HOH C 3 .   ? 5.703   -8.656  -1.190  1.00 14.06 ? 1642 HOH A O   1 
HETATM 1078 O O   . HOH C 3 .   ? 9.125   -5.851  1.001   1.00 13.57 ? 1643 HOH A O   1 
HETATM 1079 O O   . HOH C 3 .   ? 12.255  6.272   3.959   1.00 25.56 ? 1644 HOH A O   1 
HETATM 1080 O O   . HOH C 3 .   ? -5.468  10.657  11.819  1.00 23.38 ? 1645 HOH A O   1 
HETATM 1081 O O   . HOH C 3 .   ? -0.018  -9.472  16.354  1.00 28.67 ? 1646 HOH A O   1 
HETATM 1082 O O   . HOH C 3 .   ? 4.980   6.843   -17.697 1.00 26.38 ? 1647 HOH A O   1 
HETATM 1083 O O   . HOH C 3 .   ? -3.484  15.291  -7.849  1.00 11.53 ? 1648 HOH A O   1 
HETATM 1084 O O   . HOH C 3 .   ? 7.975   -4.330  -8.830  1.00 30.39 ? 1649 HOH A O   1 
HETATM 1085 O O   . HOH C 3 .   ? -2.374  6.956   13.081  1.00 13.88 ? 1650 HOH A O   1 
HETATM 1086 O O   . HOH C 3 .   ? -16.569 16.220  -10.279 1.00 13.80 ? 1651 HOH A O   1 
HETATM 1087 O O   . HOH C 3 .   ? -9.761  2.872   4.955   1.00 14.94 ? 1652 HOH A O   1 
HETATM 1088 O O   . HOH C 3 .   ? -5.374  -15.920 9.998   1.00 36.34 ? 1653 HOH A O   1 
HETATM 1089 O O   . HOH C 3 .   ? -9.946  -5.722  -9.037  1.00 42.02 ? 1654 HOH A O   1 
HETATM 1090 O O   . HOH C 3 .   ? -0.570  -7.608  7.451   1.00 14.01 ? 1655 HOH A O   1 
HETATM 1091 O O   . HOH C 3 .   ? -16.949 17.171  -12.815 1.00 12.69 ? 1656 HOH A O   1 
HETATM 1092 O O   . HOH C 3 .   ? -9.443  -0.999  -3.790  1.00 19.24 ? 1657 HOH A O   1 
HETATM 1093 O O   . HOH C 3 .   ? -5.216  -6.516  -2.587  1.00 12.51 ? 1658 HOH A O   1 
HETATM 1094 O O   . HOH C 3 .   ? -3.098  -6.023  -6.764  1.00 25.65 ? 1659 HOH A O   1 
HETATM 1095 O O   . HOH C 3 .   ? 13.159  3.487   8.827   1.00 41.98 ? 1660 HOH A O   1 
HETATM 1096 O O   . HOH C 3 .   ? 9.317   -0.550  14.043  1.00 32.45 ? 1661 HOH A O   1 
HETATM 1097 O O   . HOH C 3 .   ? -2.622  12.689  1.736   1.00 21.90 ? 1662 HOH A O   1 
HETATM 1098 O O   . HOH C 3 .   ? 2.109   -1.705  -9.071  1.00 29.52 ? 1663 HOH A O   1 
HETATM 1099 O O   . HOH C 3 .   ? 12.112  7.397   9.957   1.00 23.61 ? 1664 HOH A O   1 
HETATM 1100 O O   . HOH C 3 .   ? -4.120  -3.255  11.341  1.00 21.48 ? 1665 HOH A O   1 
HETATM 1101 O O   . HOH C 3 .   ? 6.742   9.903   -14.572 1.00 41.89 ? 1666 HOH A O   1 
HETATM 1102 O O   . HOH C 3 .   ? -22.669 11.719  -4.455  1.00 15.24 ? 1667 HOH A O   1 
HETATM 1103 O O   . HOH C 3 .   ? -4.719  -8.427  -0.769  1.00 14.55 ? 1668 HOH A O   1 
HETATM 1104 O O   . HOH C 3 .   ? -14.395 8.903   4.447   1.00 16.80 ? 1669 HOH A O   1 
HETATM 1105 O O   . HOH C 3 .   ? -4.491  -5.235  7.607   1.00 27.65 ? 1670 HOH A O   1 
HETATM 1106 O O   . HOH C 3 .   ? -4.589  16.870  -4.359  1.00 21.75 ? 1671 HOH A O   1 
HETATM 1107 O O   . HOH C 3 .   ? -13.593 5.514   2.274   1.00 17.63 ? 1672 HOH A O   1 
HETATM 1108 O O   . HOH C 3 .   ? 4.282   1.344   -13.783 1.00 35.83 ? 1673 HOH A O   1 
HETATM 1109 O O   . HOH C 3 .   ? 4.847   -17.511 -7.132  1.00 29.82 ? 1674 HOH A O   1 
HETATM 1110 O O   . HOH C 3 .   ? -9.525  12.149  -3.563  1.00 10.05 ? 1675 HOH A O   1 
HETATM 1111 O O   . HOH C 3 .   ? -11.705 15.346  -4.756  1.00 17.05 ? 1676 HOH A O   1 
HETATM 1112 O O   . HOH C 3 .   ? -0.134  2.927   13.220  1.00 15.72 ? 1677 HOH A O   1 
HETATM 1113 O O   . HOH C 3 .   ? 20.760  -9.072  2.820   1.00 56.17 ? 1678 HOH A O   1 
HETATM 1114 O O   . HOH C 3 .   ? -4.659  -6.666  3.158   1.00 11.22 ? 1679 HOH A O   1 
HETATM 1115 O O   . HOH C 3 .   ? -0.947  6.940   -11.601 1.00 10.32 ? 1680 HOH A O   1 
HETATM 1116 O O   . HOH C 3 .   ? 4.562   2.694   15.134  1.00 24.87 ? 1681 HOH A O   1 
HETATM 1117 O O   . HOH C 3 .   ? -2.936  -12.939 3.821   1.00 21.64 ? 1682 HOH A O   1 
HETATM 1118 O O   . HOH C 3 .   ? -1.678  -0.505  -12.287 1.00 23.82 ? 1683 HOH A O   1 
HETATM 1119 O O   . HOH C 3 .   ? -9.143  9.675   5.916   1.00 16.65 ? 1684 HOH A O   1 
HETATM 1120 O O   . HOH C 3 .   ? 7.611   5.948   -12.380 1.00 26.96 ? 1685 HOH A O   1 
HETATM 1121 O O   . HOH C 3 .   ? 5.394   9.673   -2.874  1.00 27.45 ? 1686 HOH A O   1 
HETATM 1122 O O   . HOH C 3 .   ? -0.195  13.747  -13.189 1.00 17.02 ? 1687 HOH A O   1 
HETATM 1123 O O   . HOH C 3 .   ? -5.704  -2.123  9.247   1.00 18.84 ? 1688 HOH A O   1 
HETATM 1124 O O   . HOH C 3 .   ? 11.039  1.016   14.695  1.00 48.15 ? 1689 HOH A O   1 
HETATM 1125 O O   . HOH C 3 .   ? 2.694   -15.166 -10.197 1.00 38.40 ? 1690 HOH A O   1 
HETATM 1126 O O   . HOH C 3 .   ? 4.850   -7.667  2.145   1.00 15.63 ? 1691 HOH A O   1 
HETATM 1127 O O   . HOH C 3 .   ? -17.999 7.127   -7.822  1.00 16.72 ? 1692 HOH A O   1 
HETATM 1128 O O   . HOH C 3 .   ? -4.182  -2.513  -8.448  1.00 18.40 ? 1693 HOH A O   1 
HETATM 1129 O O   . HOH C 3 .   ? 0.988   -4.633  15.581  1.00 15.63 ? 1694 HOH A O   1 
HETATM 1130 O O   . HOH C 3 .   ? 9.286   10.453  2.899   1.00 23.16 ? 1695 HOH A O   1 
HETATM 1131 O O   . HOH C 3 .   ? -9.299  -8.134  -6.660  1.00 29.53 ? 1696 HOH A O   1 
HETATM 1132 O O   . HOH C 3 .   ? -10.022 7.737   9.274   1.00 26.57 ? 1697 HOH A O   1 
HETATM 1133 O O   . HOH C 3 .   ? -7.263  2.246   10.811  1.00 19.65 ? 1698 HOH A O   1 
HETATM 1134 O O   . HOH C 3 .   ? 8.210   -8.037  -2.621  1.00 16.57 ? 1699 HOH A O   1 
HETATM 1135 O O   . HOH C 3 .   ? 20.571  -10.833 0.460   1.00 49.99 ? 1700 HOH A O   1 
HETATM 1136 O O   . HOH C 3 .   ? 14.433  6.575   11.853  1.00 24.89 ? 1701 HOH A O   1 
HETATM 1137 O O   . HOH C 3 .   ? -11.947 -0.221  -0.328  1.00 33.94 ? 1702 HOH A O   1 
HETATM 1138 O O   . HOH C 3 .   ? 9.562   12.367  9.818   1.00 33.63 ? 1703 HOH A O   1 
HETATM 1139 O O   . HOH C 3 .   ? -10.641 8.035   -15.339 0.50 25.07 ? 1704 HOH A O   1 
HETATM 1140 O O   . HOH C 3 .   ? 1.894   -3.137  17.828  1.00 15.14 ? 1705 HOH A O   1 
HETATM 1141 O O   . HOH C 3 .   ? 12.442  -0.034  10.961  1.00 23.88 ? 1706 HOH A O   1 
HETATM 1142 O O   . HOH C 3 .   ? 2.477   -2.115  -10.807 1.00 26.79 ? 1707 HOH A O   1 
HETATM 1143 O O   . HOH C 3 .   ? -21.318 13.797  -5.476  1.00 13.02 ? 1708 HOH A O   1 
HETATM 1144 O O   . HOH C 3 .   ? -19.623 16.720  -16.066 1.00 48.28 ? 1709 HOH A O   1 
HETATM 1145 O O   . HOH C 3 .   ? 0.470   -12.666 -3.490  1.00 17.34 ? 1710 HOH A O   1 
HETATM 1146 O O   . HOH C 3 .   ? -10.267 15.740  -2.461  1.00 18.64 ? 1711 HOH A O   1 
HETATM 1147 O O   . HOH C 3 .   ? 9.991   -9.973  -3.839  1.00 25.44 ? 1712 HOH A O   1 
HETATM 1148 O O   . HOH C 3 .   ? -19.821 5.828   -6.342  1.00 17.99 ? 1713 HOH A O   1 
HETATM 1149 O O   . HOH C 3 .   ? 0.066   -15.257 -2.631  1.00 26.18 ? 1714 HOH A O   1 
HETATM 1150 O O   . HOH C 3 .   ? -0.653  -5.642  -8.900  1.00 30.16 ? 1715 HOH A O   1 
HETATM 1151 O O   . HOH C 3 .   ? -8.976  13.333  0.715   1.00 25.47 ? 1716 HOH A O   1 
HETATM 1152 O O   . HOH C 3 .   ? 10.414  -1.152  -7.169  1.00 32.73 ? 1717 HOH A O   1 
HETATM 1153 O O   . HOH C 3 .   ? -4.785  -8.850  9.494   1.00 25.21 ? 1718 HOH A O   1 
HETATM 1154 O O   . HOH C 3 .   ? 2.766   2.530   11.652  1.00 21.40 ? 1719 HOH A O   1 
HETATM 1155 O O   . HOH C 3 .   ? 15.055  2.846   3.550   1.00 28.18 ? 1720 HOH A O   1 
HETATM 1156 O O   . HOH C 3 .   ? 1.033   14.522  -9.381  1.00 33.35 ? 1721 HOH A O   1 
HETATM 1157 O O   . HOH C 3 .   ? 9.779   -10.815 11.767  1.00 15.22 ? 1722 HOH A O   1 
HETATM 1158 O O   . HOH C 3 .   ? -9.809  12.806  -6.307  1.00 11.01 ? 1723 HOH A O   1 
HETATM 1159 O O   . HOH C 3 .   ? 5.002   9.594   9.026   1.00 29.85 ? 1724 HOH A O   1 
HETATM 1160 O O   . HOH C 3 .   ? -6.962  11.232  -12.216 1.00 17.71 ? 1725 HOH A O   1 
HETATM 1161 O O   . HOH C 3 .   ? -9.118  11.859  -14.676 1.00 18.91 ? 1726 HOH A O   1 
HETATM 1162 O O   . HOH C 3 .   ? 3.915   13.934  3.066   1.00 26.40 ? 1727 HOH A O   1 
HETATM 1163 O O   . HOH C 3 .   ? -5.919  17.540  -8.773  1.00 17.63 ? 1728 HOH A O   1 
HETATM 1164 O O   . HOH C 3 .   ? -12.268 0.865   1.898   1.00 23.70 ? 1729 HOH A O   1 
HETATM 1165 O O   . HOH C 3 .   ? -4.814  12.592  -11.133 1.00 13.87 ? 1730 HOH A O   1 
HETATM 1166 O O   . HOH C 3 .   ? 8.247   6.322   12.743  1.00 29.11 ? 1731 HOH A O   1 
HETATM 1167 O O   . HOH C 3 .   ? 12.004  7.827   -0.577  1.00 28.26 ? 1732 HOH A O   1 
HETATM 1168 O O   . HOH C 3 .   ? 10.716  5.073   -3.541  1.00 31.58 ? 1733 HOH A O   1 
HETATM 1169 O O   . HOH C 3 .   ? -11.985 18.760  -4.596  1.00 24.90 ? 1734 HOH A O   1 
HETATM 1170 O O   . HOH C 3 .   ? 5.722   0.435   -11.937 1.00 42.68 ? 1735 HOH A O   1 
HETATM 1171 O O   . HOH C 3 .   ? 9.675   4.565   -6.126  1.00 29.82 ? 1736 HOH A O   1 
HETATM 1172 O O   . HOH C 3 .   ? 14.530  -2.244  16.033  1.00 32.45 ? 1737 HOH A O   1 
HETATM 1173 O O   . HOH C 3 .   ? -8.818  -3.272  -2.166  1.00 13.11 ? 1738 HOH A O   1 
HETATM 1174 O O   . HOH C 3 .   ? -16.205 15.393  -2.463  1.00 34.67 ? 1739 HOH A O   1 
HETATM 1175 O O   . HOH C 3 .   ? 12.885  5.672   8.541   1.00 32.97 ? 1740 HOH A O   1 
HETATM 1176 O O   . HOH C 3 .   ? 13.293  -20.581 2.845   1.00 74.22 ? 1741 HOH A O   1 
HETATM 1177 O O   . HOH C 3 .   ? -19.116 7.432   -10.335 1.00 30.01 ? 1742 HOH A O   1 
HETATM 1178 O O   . HOH C 3 .   ? -1.003  -14.717 9.843   1.00 26.37 ? 1743 HOH A O   1 
HETATM 1179 O O   . HOH C 3 .   ? 8.842   -13.497 11.313  0.38 24.19 ? 1744 HOH A O   1 
HETATM 1180 O O   . HOH C 3 .   ? -12.218 9.563   6.658   1.00 29.15 ? 1745 HOH A O   1 
HETATM 1181 O O   . HOH C 3 .   ? 12.186  -0.864  17.715  1.00 45.65 ? 1746 HOH A O   1 
HETATM 1182 O O   . HOH C 3 .   ? 0.610   -17.734 14.420  1.00 30.67 ? 1747 HOH A O   1 
HETATM 1183 O O   . HOH C 3 .   ? 16.646  1.332   5.473   1.00 52.94 ? 1748 HOH A O   1 
HETATM 1184 O O   . HOH C 3 .   ? 14.311  -1.132  2.543   1.00 44.10 ? 1749 HOH A O   1 
HETATM 1185 O O   . HOH C 3 .   ? 15.162  -10.715 -4.862  1.00 56.50 ? 1750 HOH A O   1 
HETATM 1186 O O   . HOH C 3 .   ? 12.443  -0.300  13.427  1.00 33.54 ? 1751 HOH A O   1 
HETATM 1187 O O   . HOH C 3 .   ? -13.759 0.410   -3.964  1.00 29.30 ? 1752 HOH A O   1 
HETATM 1188 O O   . HOH C 3 .   ? 4.909   -24.350 -2.589  1.00 45.36 ? 1753 HOH A O   1 
HETATM 1189 O O   . HOH C 3 .   ? 13.387  3.424   0.345   1.00 43.52 ? 1754 HOH A O   1 
HETATM 1190 O O   . HOH C 3 .   ? 3.614   -17.541 18.843  1.00 45.75 ? 1755 HOH A O   1 
HETATM 1191 O O   . HOH C 3 .   ? -9.370  -1.426  -7.939  1.00 27.87 ? 1756 HOH A O   1 
HETATM 1192 O O   . HOH C 3 .   ? 5.826   10.991  -5.175  1.00 33.45 ? 1757 HOH A O   1 
HETATM 1193 O O   . HOH C 3 .   ? -4.112  -8.551  5.146   1.00 13.80 ? 1758 HOH A O   1 
HETATM 1194 O O   . HOH C 3 .   ? -23.490 14.331  -7.403  1.00 14.98 ? 1759 HOH A O   1 
HETATM 1195 O O   . HOH C 3 .   ? 0.475   -7.016  16.662  1.00 22.98 ? 1760 HOH A O   1 
HETATM 1196 O O   . HOH C 3 .   ? 14.505  1.624   1.077   1.00 36.24 ? 1761 HOH A O   1 
HETATM 1197 O O   . HOH C 3 .   ? 14.068  6.727   5.998   1.00 23.32 ? 1762 HOH A O   1 
HETATM 1198 O O   . HOH C 3 .   ? -25.214 12.276  -8.205  1.00 36.90 ? 1763 HOH A O   1 
HETATM 1199 O O   . HOH C 3 .   ? -2.578  -1.266  14.908  1.00 22.22 ? 1764 HOH A O   1 
HETATM 1200 O O   . HOH C 3 .   ? -0.386  -18.527 1.589   1.00 47.54 ? 1765 HOH A O   1 
HETATM 1201 O O   . HOH C 3 .   ? 16.151  5.368   4.889   1.00 27.18 ? 1766 HOH A O   1 
HETATM 1202 O O   . HOH C 3 .   ? 7.361   3.487   14.758  1.00 37.22 ? 1767 HOH A O   1 
HETATM 1203 O O   . HOH C 3 .   ? -5.712  -4.746  4.646   1.00 18.35 ? 1768 HOH A O   1 
HETATM 1204 O O   . HOH C 3 .   ? -3.181  -15.191 5.417   1.00 30.27 ? 1769 HOH A O   1 
HETATM 1205 O O   . HOH C 3 .   ? -12.020 3.281   3.272   1.00 16.59 ? 1770 HOH A O   1 
HETATM 1206 O O   . HOH C 3 .   ? 7.051   -25.741 -2.980  1.00 36.14 ? 1771 HOH A O   1 
HETATM 1207 O O   . HOH C 3 .   ? -7.105  -9.601  -5.494  1.00 28.38 ? 1772 HOH A O   1 
HETATM 1208 O O   . HOH C 3 .   ? -11.085 0.641   -2.572  1.00 23.49 ? 1773 HOH A O   1 
HETATM 1209 O O   . HOH C 3 .   ? -1.771  -3.692  15.348  1.00 27.34 ? 1774 HOH A O   1 
HETATM 1210 O O   . HOH C 3 .   ? 8.727   15.056  1.718   1.00 27.85 ? 1775 HOH A O   1 
HETATM 1211 O O   . HOH C 3 .   ? -2.496  -10.250 15.504  1.00 31.38 ? 1776 HOH A O   1 
HETATM 1212 O O   . HOH C 3 .   ? -1.497  15.240  -9.768  1.00 19.51 ? 1777 HOH A O   1 
HETATM 1213 O O   . HOH C 3 .   ? 8.450   -7.074  -7.016  1.00 31.01 ? 1778 HOH A O   1 
HETATM 1214 O O   . HOH C 3 .   ? -3.962  17.909  -6.792  1.00 25.40 ? 1779 HOH A O   1 
HETATM 1215 O O   . HOH C 3 .   ? -3.276  -7.569  7.607   1.00 14.00 ? 1780 HOH A O   1 
HETATM 1216 O O   . HOH C 3 .   ? 10.160  -9.760  -6.309  1.00 42.67 ? 1781 HOH A O   1 
HETATM 1217 O O   . HOH C 3 .   ? -4.764  -7.999  -4.904  1.00 21.80 ? 1782 HOH A O   1 
HETATM 1218 O O   . HOH C 3 .   ? 14.322  1.268   9.936   1.00 43.18 ? 1783 HOH A O   1 
HETATM 1219 O O   . HOH C 3 .   ? -5.637  -7.893  11.863  1.00 37.37 ? 1784 HOH A O   1 
HETATM 1220 O O   . HOH C 3 .   ? -22.038 7.744   -10.691 1.00 33.09 ? 1785 HOH A O   1 
HETATM 1221 O O   . HOH C 3 .   ? -25.408 8.142   -6.498  1.00 32.09 ? 1786 HOH A O   1 
HETATM 1222 O O   . HOH C 3 .   ? -3.183  14.760  -12.504 0.50 9.20  ? 1787 HOH A O   1 
HETATM 1223 O O   . HOH C 3 .   ? -7.753  -0.687  9.854   1.00 28.02 ? 1788 HOH A O   1 
HETATM 1224 O O   . HOH C 3 .   ? -14.828 4.370   -10.609 1.00 20.69 ? 1789 HOH A O   1 
HETATM 1225 O O   . HOH C 3 .   ? 3.477   -4.135  -10.380 1.00 37.60 ? 1790 HOH A O   1 
HETATM 1226 O O   . HOH C 3 .   ? -22.300 5.484   -7.499  1.00 38.38 ? 1791 HOH A O   1 
HETATM 1227 O O   . HOH C 3 .   ? -5.169  -4.883  12.838  1.00 46.39 ? 1792 HOH A O   1 
HETATM 1228 O O   . HOH C 3 .   ? -15.728 5.350   -8.176  1.00 20.65 ? 1793 HOH A O   1 
# 
